data_2DO9
#
_entry.id   2DO9
#
_entity_poly.entity_id   1
_entity_poly.type   'polypeptide(L)'
_entity_poly.pdbx_seq_one_letter_code
;GSSGSSGMALARANSPQEALLWALNDLEENSFKTLKFHLRDVTQFHLARGELESLSQVDLASKLISMYGAQEAVRVVSRS
LLAMNLMELVDYLNQVCLNDYREIYREHVSGPSSG
;
_entity_poly.pdbx_strand_id   A
#
# COMPACT_ATOMS: atom_id res chain seq x y z
N GLY A 1 -23.26 1.56 15.01
CA GLY A 1 -23.16 1.39 13.53
C GLY A 1 -23.11 -0.07 13.12
N SER A 2 -22.25 -0.85 13.77
CA SER A 2 -22.13 -2.27 13.46
C SER A 2 -21.71 -2.48 12.01
N SER A 3 -20.49 -2.95 11.82
CA SER A 3 -19.97 -3.20 10.47
C SER A 3 -19.41 -4.61 10.36
N GLY A 4 -19.21 -5.07 9.13
CA GLY A 4 -18.67 -6.40 8.90
C GLY A 4 -19.60 -7.25 8.07
N SER A 5 -19.06 -8.31 7.46
CA SER A 5 -19.84 -9.21 6.63
C SER A 5 -19.39 -10.66 6.82
N SER A 6 -18.16 -10.94 6.45
CA SER A 6 -17.60 -12.28 6.59
C SER A 6 -16.09 -12.27 6.40
N GLY A 7 -15.64 -11.77 5.25
CA GLY A 7 -14.22 -11.71 4.97
C GLY A 7 -13.67 -10.30 5.09
N MET A 8 -12.52 -10.07 4.46
CA MET A 8 -11.88 -8.76 4.49
C MET A 8 -11.50 -8.30 3.09
N ALA A 9 -10.90 -9.19 2.33
CA ALA A 9 -10.49 -8.88 0.96
C ALA A 9 -11.68 -8.43 0.12
N LEU A 10 -11.76 -7.14 -0.15
CA LEU A 10 -12.85 -6.59 -0.95
C LEU A 10 -12.74 -7.03 -2.41
N ALA A 11 -11.72 -6.49 -3.10
CA ALA A 11 -11.50 -6.82 -4.49
C ALA A 11 -10.50 -7.97 -4.64
N ARG A 12 -10.98 -9.10 -5.14
CA ARG A 12 -10.12 -10.28 -5.33
C ARG A 12 -9.33 -10.17 -6.63
N ALA A 13 -8.15 -9.54 -6.55
CA ALA A 13 -7.30 -9.37 -7.72
C ALA A 13 -6.31 -10.53 -7.84
N ASN A 14 -5.46 -10.46 -8.86
CA ASN A 14 -4.45 -11.49 -9.08
C ASN A 14 -3.05 -10.89 -9.17
N SER A 15 -2.84 -9.80 -8.45
CA SER A 15 -1.55 -9.13 -8.45
C SER A 15 -1.52 -8.00 -7.42
N PRO A 16 -0.32 -7.65 -6.92
CA PRO A 16 -0.17 -6.57 -5.93
C PRO A 16 -0.44 -5.20 -6.52
N GLN A 17 -0.23 -5.06 -7.83
CA GLN A 17 -0.45 -3.80 -8.52
C GLN A 17 -1.90 -3.34 -8.37
N GLU A 18 -2.83 -4.26 -8.59
CA GLU A 18 -4.25 -3.96 -8.48
C GLU A 18 -4.64 -3.69 -7.03
N ALA A 19 -3.98 -4.39 -6.11
CA ALA A 19 -4.25 -4.22 -4.69
C ALA A 19 -3.85 -2.84 -4.20
N LEU A 20 -2.82 -2.27 -4.82
CA LEU A 20 -2.34 -0.94 -4.45
C LEU A 20 -3.15 0.14 -5.14
N LEU A 21 -3.41 -0.06 -6.44
CA LEU A 21 -4.18 0.91 -7.21
C LEU A 21 -5.58 1.07 -6.66
N TRP A 22 -6.15 -0.03 -6.17
CA TRP A 22 -7.49 -0.01 -5.60
C TRP A 22 -7.50 0.71 -4.25
N ALA A 23 -6.39 0.63 -3.53
CA ALA A 23 -6.28 1.27 -2.23
C ALA A 23 -6.26 2.79 -2.38
N LEU A 24 -5.72 3.27 -3.49
CA LEU A 24 -5.65 4.71 -3.75
C LEU A 24 -7.00 5.25 -4.23
N ASN A 25 -7.74 4.42 -4.94
CA ASN A 25 -9.05 4.80 -5.46
C ASN A 25 -10.11 4.74 -4.36
N ASP A 26 -9.93 3.81 -3.43
CA ASP A 26 -10.87 3.65 -2.32
C ASP A 26 -10.84 4.86 -1.41
N LEU A 27 -9.68 5.51 -1.31
CA LEU A 27 -9.53 6.69 -0.48
C LEU A 27 -10.49 7.80 -0.92
N GLU A 28 -11.13 8.43 0.06
CA GLU A 28 -12.06 9.52 -0.22
C GLU A 28 -11.34 10.77 -0.71
N GLU A 29 -12.07 11.86 -0.88
CA GLU A 29 -11.50 13.11 -1.33
C GLU A 29 -10.82 13.85 -0.17
N ASN A 30 -11.34 13.66 1.04
CA ASN A 30 -10.78 14.31 2.21
C ASN A 30 -9.59 13.51 2.76
N SER A 31 -9.63 12.19 2.58
CA SER A 31 -8.57 11.33 3.05
C SER A 31 -7.38 11.35 2.09
N PHE A 32 -7.67 11.26 0.80
CA PHE A 32 -6.62 11.26 -0.22
C PHE A 32 -5.92 12.61 -0.26
N LYS A 33 -6.68 13.68 -0.07
CA LYS A 33 -6.13 15.03 -0.09
C LYS A 33 -5.12 15.22 1.04
N THR A 34 -5.34 14.54 2.16
CA THR A 34 -4.45 14.64 3.30
C THR A 34 -3.33 13.61 3.20
N LEU A 35 -3.64 12.44 2.67
CA LEU A 35 -2.66 11.37 2.53
C LEU A 35 -1.62 11.74 1.48
N LYS A 36 -2.02 12.53 0.50
CA LYS A 36 -1.12 12.96 -0.57
C LYS A 36 0.07 13.73 -0.01
N PHE A 37 -0.21 14.63 0.93
CA PHE A 37 0.83 15.45 1.55
C PHE A 37 1.69 14.60 2.48
N HIS A 38 1.08 13.58 3.08
CA HIS A 38 1.80 12.70 4.00
C HIS A 38 2.84 11.85 3.26
N LEU A 39 2.70 11.76 1.94
CA LEU A 39 3.63 10.99 1.12
C LEU A 39 5.06 11.49 1.30
N ARG A 40 5.24 12.80 1.25
CA ARG A 40 6.56 13.40 1.40
C ARG A 40 7.17 13.04 2.76
N ASP A 41 6.32 12.83 3.75
CA ASP A 41 6.78 12.49 5.09
C ASP A 41 7.37 11.09 5.13
N VAL A 42 6.89 10.22 4.24
CA VAL A 42 7.39 8.85 4.17
C VAL A 42 8.44 8.69 3.08
N THR A 43 8.25 9.40 1.98
CA THR A 43 9.19 9.34 0.86
C THR A 43 10.44 10.18 1.14
N GLN A 44 10.22 11.40 1.60
CA GLN A 44 11.33 12.30 1.91
C GLN A 44 12.17 12.57 0.67
N PHE A 45 11.53 12.54 -0.49
CA PHE A 45 12.23 12.79 -1.75
C PHE A 45 12.09 14.24 -2.18
N HIS A 46 12.52 14.53 -3.40
CA HIS A 46 12.45 15.89 -3.93
C HIS A 46 11.21 16.06 -4.82
N LEU A 47 10.12 15.40 -4.43
CA LEU A 47 8.87 15.48 -5.18
C LEU A 47 8.11 16.75 -4.84
N ALA A 48 8.60 17.89 -5.31
CA ALA A 48 7.96 19.17 -5.05
C ALA A 48 8.01 20.07 -6.28
N ARG A 49 7.55 21.31 -6.12
CA ARG A 49 7.54 22.27 -7.21
C ARG A 49 6.68 21.77 -8.37
N GLY A 50 5.50 21.26 -8.03
CA GLY A 50 4.59 20.75 -9.05
C GLY A 50 4.81 19.29 -9.35
N GLU A 51 5.30 18.55 -8.35
CA GLU A 51 5.56 17.13 -8.52
C GLU A 51 4.56 16.30 -7.72
N LEU A 52 4.41 16.62 -6.44
CA LEU A 52 3.49 15.91 -5.56
C LEU A 52 2.06 16.03 -6.08
N GLU A 53 1.67 17.23 -6.48
CA GLU A 53 0.33 17.47 -6.99
C GLU A 53 0.13 16.77 -8.33
N SER A 54 1.20 16.66 -9.10
CA SER A 54 1.14 16.01 -10.41
C SER A 54 0.69 14.56 -10.28
N LEU A 55 1.04 13.94 -9.15
CA LEU A 55 0.67 12.55 -8.91
C LEU A 55 -0.84 12.39 -8.89
N SER A 56 -1.29 11.14 -8.92
CA SER A 56 -2.73 10.84 -8.90
C SER A 56 -2.98 9.39 -8.49
N GLN A 57 -4.23 8.96 -8.62
CA GLN A 57 -4.60 7.60 -8.26
C GLN A 57 -3.87 6.58 -9.13
N VAL A 58 -3.58 6.97 -10.37
CA VAL A 58 -2.89 6.10 -11.31
C VAL A 58 -1.39 6.38 -11.32
N ASP A 59 -1.03 7.66 -11.41
CA ASP A 59 0.37 8.07 -11.43
C ASP A 59 1.09 7.61 -10.16
N LEU A 60 0.40 7.71 -9.03
CA LEU A 60 0.97 7.30 -7.75
C LEU A 60 1.19 5.80 -7.70
N ALA A 61 0.29 5.04 -8.31
CA ALA A 61 0.38 3.60 -8.34
C ALA A 61 1.53 3.14 -9.23
N SER A 62 1.84 3.94 -10.24
CA SER A 62 2.92 3.61 -11.17
C SER A 62 4.27 4.10 -10.65
N LYS A 63 4.24 5.20 -9.90
CA LYS A 63 5.46 5.77 -9.35
C LYS A 63 5.93 4.98 -8.13
N LEU A 64 4.98 4.54 -7.31
CA LEU A 64 5.31 3.77 -6.11
C LEU A 64 6.01 2.46 -6.49
N ILE A 65 5.60 1.87 -7.61
CA ILE A 65 6.20 0.62 -8.07
C ILE A 65 7.48 0.87 -8.85
N SER A 66 7.54 2.01 -9.54
CA SER A 66 8.71 2.37 -10.33
C SER A 66 9.86 2.81 -9.43
N MET A 67 9.53 3.38 -8.28
CA MET A 67 10.53 3.84 -7.34
C MET A 67 10.97 2.72 -6.41
N TYR A 68 10.01 1.91 -5.98
CA TYR A 68 10.29 0.79 -5.08
C TYR A 68 9.82 -0.53 -5.69
N GLY A 69 8.51 -0.68 -5.82
CA GLY A 69 7.96 -1.89 -6.38
C GLY A 69 6.51 -2.12 -5.97
N ALA A 70 6.00 -3.32 -6.23
CA ALA A 70 4.63 -3.67 -5.89
C ALA A 70 4.55 -4.25 -4.48
N GLN A 71 5.63 -4.90 -4.06
CA GLN A 71 5.69 -5.52 -2.74
C GLN A 71 6.06 -4.49 -1.67
N GLU A 72 6.85 -3.49 -2.07
CA GLU A 72 7.28 -2.44 -1.16
C GLU A 72 6.27 -1.30 -1.11
N ALA A 73 5.66 -1.00 -2.26
CA ALA A 73 4.68 0.07 -2.35
C ALA A 73 3.51 -0.17 -1.41
N VAL A 74 3.17 -1.45 -1.20
CA VAL A 74 2.07 -1.81 -0.33
C VAL A 74 2.44 -1.61 1.14
N ARG A 75 3.74 -1.76 1.44
CA ARG A 75 4.22 -1.60 2.81
C ARG A 75 4.32 -0.12 3.18
N VAL A 76 4.58 0.72 2.18
CA VAL A 76 4.70 2.15 2.41
C VAL A 76 3.36 2.77 2.78
N VAL A 77 2.36 2.55 1.93
CA VAL A 77 1.03 3.08 2.17
C VAL A 77 0.47 2.60 3.50
N SER A 78 0.87 1.41 3.91
CA SER A 78 0.40 0.84 5.17
C SER A 78 1.04 1.55 6.37
N ARG A 79 2.26 2.05 6.16
CA ARG A 79 2.97 2.76 7.22
C ARG A 79 2.39 4.14 7.45
N SER A 80 1.86 4.74 6.39
CA SER A 80 1.27 6.07 6.47
C SER A 80 -0.17 6.00 6.97
N LEU A 81 -0.85 4.90 6.64
CA LEU A 81 -2.24 4.71 7.06
C LEU A 81 -2.36 4.73 8.58
N LEU A 82 -1.36 4.18 9.26
CA LEU A 82 -1.37 4.14 10.71
C LEU A 82 -1.42 5.55 11.30
N ALA A 83 -0.84 6.50 10.59
CA ALA A 83 -0.82 7.89 11.04
C ALA A 83 -2.19 8.54 10.89
N MET A 84 -2.93 8.11 9.86
CA MET A 84 -4.26 8.65 9.61
C MET A 84 -5.34 7.85 10.36
N ASN A 85 -4.92 6.82 11.07
CA ASN A 85 -5.86 5.99 11.83
C ASN A 85 -6.87 5.32 10.90
N LEU A 86 -6.44 4.29 10.20
CA LEU A 86 -7.32 3.56 9.27
C LEU A 86 -6.93 2.09 9.20
N MET A 87 -7.18 1.36 10.28
CA MET A 87 -6.85 -0.06 10.34
C MET A 87 -7.57 -0.83 9.24
N GLU A 88 -8.71 -0.31 8.81
CA GLU A 88 -9.50 -0.95 7.76
C GLU A 88 -8.67 -1.13 6.48
N LEU A 89 -7.89 -0.12 6.15
CA LEU A 89 -7.04 -0.17 4.95
C LEU A 89 -5.74 -0.89 5.25
N VAL A 90 -5.24 -0.73 6.47
CA VAL A 90 -3.99 -1.37 6.88
C VAL A 90 -4.13 -2.89 6.88
N ASP A 91 -5.33 -3.38 7.19
CA ASP A 91 -5.60 -4.81 7.22
C ASP A 91 -5.69 -5.38 5.82
N TYR A 92 -6.17 -4.56 4.88
CA TYR A 92 -6.30 -4.99 3.50
C TYR A 92 -4.93 -5.13 2.83
N LEU A 93 -4.14 -4.07 2.88
CA LEU A 93 -2.82 -4.07 2.29
C LEU A 93 -1.93 -5.14 2.93
N ASN A 94 -2.03 -5.28 4.24
CA ASN A 94 -1.25 -6.27 4.97
C ASN A 94 -1.57 -7.68 4.47
N GLN A 95 -2.81 -7.90 4.06
CA GLN A 95 -3.24 -9.19 3.56
C GLN A 95 -2.58 -9.52 2.23
N VAL A 96 -2.31 -8.47 1.45
CA VAL A 96 -1.68 -8.64 0.14
C VAL A 96 -0.21 -8.25 0.19
N CYS A 97 0.67 -9.25 0.23
CA CYS A 97 2.10 -9.00 0.27
C CYS A 97 2.88 -10.30 0.05
N LEU A 98 3.22 -10.59 -1.19
CA LEU A 98 3.96 -11.79 -1.53
C LEU A 98 5.46 -11.58 -1.33
N ASN A 99 6.03 -12.33 -0.38
CA ASN A 99 7.45 -12.22 -0.09
C ASN A 99 7.85 -13.24 0.99
N ASP A 100 8.29 -14.41 0.56
CA ASP A 100 8.70 -15.45 1.49
C ASP A 100 9.99 -16.13 1.01
N TYR A 101 11.11 -15.73 1.58
CA TYR A 101 12.41 -16.29 1.21
C TYR A 101 13.10 -16.89 2.43
N ARG A 102 13.31 -18.20 2.40
CA ARG A 102 13.96 -18.91 3.51
C ARG A 102 15.37 -19.33 3.13
N GLU A 103 16.34 -19.03 4.00
CA GLU A 103 17.73 -19.38 3.76
C GLU A 103 18.25 -18.70 2.49
N ILE A 104 19.56 -18.47 2.45
CA ILE A 104 20.19 -17.82 1.31
C ILE A 104 21.57 -18.43 1.02
N TYR A 105 21.74 -19.69 1.42
CA TYR A 105 23.01 -20.38 1.20
C TYR A 105 22.83 -21.57 0.26
N ARG A 106 21.76 -22.33 0.49
CA ARG A 106 21.47 -23.50 -0.34
C ARG A 106 19.99 -23.51 -0.75
N GLU A 107 19.41 -22.32 -0.88
CA GLU A 107 18.02 -22.20 -1.27
C GLU A 107 17.82 -22.58 -2.74
N HIS A 108 17.65 -23.87 -2.99
CA HIS A 108 17.45 -24.36 -4.35
C HIS A 108 16.29 -25.35 -4.42
N VAL A 109 15.39 -25.13 -5.37
CA VAL A 109 14.23 -26.00 -5.54
C VAL A 109 13.90 -26.20 -7.01
N SER A 110 13.87 -25.10 -7.76
CA SER A 110 13.57 -25.15 -9.18
C SER A 110 14.26 -24.02 -9.93
N GLY A 111 13.99 -22.79 -9.50
CA GLY A 111 14.61 -21.63 -10.14
C GLY A 111 13.73 -20.39 -10.06
N PRO A 112 13.55 -19.83 -8.85
CA PRO A 112 12.72 -18.63 -8.65
C PRO A 112 13.38 -17.38 -9.23
N SER A 113 13.58 -17.37 -10.54
CA SER A 113 14.20 -16.23 -11.22
C SER A 113 13.69 -16.09 -12.64
N SER A 114 13.74 -17.20 -13.39
CA SER A 114 13.28 -17.19 -14.77
C SER A 114 12.17 -18.22 -14.97
N GLY A 115 12.36 -19.41 -14.42
CA GLY A 115 11.35 -20.46 -14.54
C GLY A 115 10.37 -20.44 -13.40
N GLY A 1 -23.79 -1.48 22.27
CA GLY A 1 -24.70 -2.02 21.22
C GLY A 1 -23.94 -2.70 20.10
N SER A 2 -23.95 -4.04 20.10
CA SER A 2 -23.26 -4.81 19.08
C SER A 2 -23.82 -6.23 18.99
N SER A 3 -24.05 -6.68 17.76
CA SER A 3 -24.58 -8.02 17.53
C SER A 3 -23.47 -9.04 17.33
N GLY A 4 -22.43 -8.63 16.62
CA GLY A 4 -21.31 -9.52 16.37
C GLY A 4 -20.86 -9.49 14.92
N SER A 5 -19.72 -8.85 14.67
CA SER A 5 -19.19 -8.76 13.31
C SER A 5 -18.76 -10.13 12.80
N SER A 6 -19.36 -10.55 11.69
CA SER A 6 -19.04 -11.85 11.09
C SER A 6 -17.82 -11.74 10.18
N GLY A 7 -17.97 -11.00 9.08
CA GLY A 7 -16.89 -10.83 8.14
C GLY A 7 -17.24 -9.88 7.01
N MET A 8 -16.39 -8.89 6.78
CA MET A 8 -16.61 -7.91 5.73
C MET A 8 -15.32 -7.64 4.95
N ALA A 9 -15.10 -8.43 3.90
CA ALA A 9 -13.90 -8.28 3.08
C ALA A 9 -14.20 -7.46 1.82
N LEU A 10 -13.20 -7.32 0.96
CA LEU A 10 -13.35 -6.56 -0.28
C LEU A 10 -13.17 -7.45 -1.49
N ALA A 11 -13.11 -6.84 -2.67
CA ALA A 11 -12.94 -7.59 -3.91
C ALA A 11 -11.58 -8.27 -3.96
N ARG A 12 -11.49 -9.34 -4.74
CA ARG A 12 -10.24 -10.08 -4.89
C ARG A 12 -9.25 -9.33 -5.78
N ALA A 13 -8.10 -9.94 -6.02
CA ALA A 13 -7.08 -9.33 -6.87
C ALA A 13 -6.15 -10.39 -7.45
N ASN A 14 -5.54 -10.06 -8.59
CA ASN A 14 -4.63 -10.99 -9.26
C ASN A 14 -3.17 -10.64 -8.94
N SER A 15 -2.84 -9.36 -9.02
CA SER A 15 -1.48 -8.90 -8.74
C SER A 15 -1.49 -7.83 -7.66
N PRO A 16 -0.39 -7.71 -6.89
CA PRO A 16 -0.26 -6.72 -5.82
C PRO A 16 -0.58 -5.31 -6.30
N GLN A 17 -0.36 -5.06 -7.58
CA GLN A 17 -0.62 -3.75 -8.17
C GLN A 17 -2.09 -3.38 -8.02
N GLU A 18 -2.96 -4.37 -8.14
CA GLU A 18 -4.40 -4.14 -8.03
C GLU A 18 -4.78 -3.81 -6.58
N ALA A 19 -4.26 -4.59 -5.65
CA ALA A 19 -4.54 -4.38 -4.23
C ALA A 19 -4.10 -2.99 -3.79
N LEU A 20 -2.95 -2.55 -4.27
CA LEU A 20 -2.41 -1.23 -3.93
C LEU A 20 -3.20 -0.13 -4.62
N LEU A 21 -3.54 -0.35 -5.89
CA LEU A 21 -4.29 0.63 -6.67
C LEU A 21 -5.71 0.78 -6.12
N TRP A 22 -6.25 -0.31 -5.60
CA TRP A 22 -7.60 -0.30 -5.05
C TRP A 22 -7.65 0.49 -3.74
N ALA A 23 -6.54 0.45 -3.00
CA ALA A 23 -6.46 1.16 -1.72
C ALA A 23 -6.43 2.67 -1.93
N LEU A 24 -5.87 3.09 -3.06
CA LEU A 24 -5.78 4.52 -3.37
C LEU A 24 -7.07 5.00 -4.05
N ASN A 25 -7.65 4.14 -4.88
CA ASN A 25 -8.89 4.48 -5.58
C ASN A 25 -10.05 4.61 -4.61
N ASP A 26 -10.00 3.83 -3.54
CA ASP A 26 -11.04 3.84 -2.52
C ASP A 26 -11.00 5.13 -1.71
N LEU A 27 -9.82 5.71 -1.60
CA LEU A 27 -9.64 6.96 -0.86
C LEU A 27 -10.56 8.05 -1.39
N GLU A 28 -10.95 8.97 -0.51
CA GLU A 28 -11.82 10.08 -0.88
C GLU A 28 -11.02 11.29 -1.30
N GLU A 29 -11.72 12.38 -1.62
CA GLU A 29 -11.06 13.62 -2.04
C GLU A 29 -10.43 14.32 -0.85
N ASN A 30 -11.06 14.20 0.31
CA ASN A 30 -10.57 14.84 1.53
C ASN A 30 -9.50 13.98 2.18
N SER A 31 -9.61 12.66 2.02
CA SER A 31 -8.65 11.73 2.60
C SER A 31 -7.36 11.73 1.81
N PHE A 32 -7.48 11.70 0.49
CA PHE A 32 -6.31 11.70 -0.40
C PHE A 32 -5.55 13.02 -0.28
N LYS A 33 -6.28 14.10 -0.06
CA LYS A 33 -5.67 15.43 0.05
C LYS A 33 -4.66 15.46 1.20
N THR A 34 -5.06 14.89 2.33
CA THR A 34 -4.19 14.86 3.51
C THR A 34 -3.13 13.77 3.37
N LEU A 35 -3.52 12.65 2.78
CA LEU A 35 -2.61 11.52 2.58
C LEU A 35 -1.49 11.88 1.61
N LYS A 36 -1.82 12.72 0.62
CA LYS A 36 -0.85 13.14 -0.38
C LYS A 36 0.26 13.97 0.26
N PHE A 37 -0.10 14.73 1.30
CA PHE A 37 0.88 15.57 1.99
C PHE A 37 1.81 14.72 2.86
N HIS A 38 1.24 13.73 3.54
CA HIS A 38 2.02 12.85 4.39
C HIS A 38 2.99 11.99 3.58
N LEU A 39 2.67 11.81 2.29
CA LEU A 39 3.52 11.01 1.41
C LEU A 39 4.96 11.51 1.42
N ARG A 40 5.13 12.80 1.69
CA ARG A 40 6.46 13.40 1.73
C ARG A 40 7.31 12.75 2.82
N ASP A 41 6.65 12.31 3.89
CA ASP A 41 7.34 11.68 5.01
C ASP A 41 7.72 10.24 4.67
N VAL A 42 6.73 9.43 4.33
CA VAL A 42 6.96 8.03 3.98
C VAL A 42 7.95 7.90 2.84
N THR A 43 7.81 8.77 1.84
CA THR A 43 8.70 8.75 0.68
C THR A 43 9.81 9.79 0.82
N GLN A 44 11.05 9.33 0.78
CA GLN A 44 12.20 10.22 0.91
C GLN A 44 12.77 10.57 -0.47
N PHE A 45 11.91 10.58 -1.48
CA PHE A 45 12.32 10.91 -2.84
C PHE A 45 12.27 12.40 -3.09
N HIS A 46 12.76 12.83 -4.25
CA HIS A 46 12.77 14.25 -4.61
C HIS A 46 11.35 14.74 -4.89
N LEU A 47 10.52 14.77 -3.85
CA LEU A 47 9.14 15.21 -3.99
C LEU A 47 8.81 16.29 -2.97
N ALA A 48 8.73 17.54 -3.43
CA ALA A 48 8.42 18.65 -2.55
C ALA A 48 7.34 19.54 -3.15
N ARG A 49 7.67 20.21 -4.25
CA ARG A 49 6.74 21.10 -4.93
C ARG A 49 6.77 20.87 -6.44
N GLY A 50 5.67 20.35 -6.98
CA GLY A 50 5.59 20.11 -8.40
C GLY A 50 5.52 18.62 -8.73
N GLU A 51 6.07 17.80 -7.85
CA GLU A 51 6.07 16.35 -8.05
C GLU A 51 5.04 15.68 -7.14
N LEU A 52 4.94 16.16 -5.90
CA LEU A 52 4.00 15.60 -4.95
C LEU A 52 2.56 15.92 -5.33
N GLU A 53 2.39 16.95 -6.16
CA GLU A 53 1.05 17.35 -6.60
C GLU A 53 0.76 16.84 -8.00
N SER A 54 1.80 16.71 -8.81
CA SER A 54 1.66 16.23 -10.17
C SER A 54 1.12 14.80 -10.20
N LEU A 55 1.47 14.03 -9.17
CA LEU A 55 1.02 12.64 -9.07
C LEU A 55 -0.50 12.56 -9.09
N SER A 56 -1.02 11.33 -9.10
CA SER A 56 -2.45 11.11 -9.12
C SER A 56 -2.82 9.80 -8.43
N GLN A 57 -4.10 9.59 -8.18
CA GLN A 57 -4.57 8.38 -7.52
C GLN A 57 -4.25 7.15 -8.36
N VAL A 58 -4.21 7.32 -9.68
CA VAL A 58 -3.91 6.22 -10.59
C VAL A 58 -2.42 6.18 -10.94
N ASP A 59 -1.82 7.36 -11.02
CA ASP A 59 -0.40 7.46 -11.34
C ASP A 59 0.46 7.12 -10.13
N LEU A 60 -0.05 7.42 -8.94
CA LEU A 60 0.69 7.15 -7.71
C LEU A 60 0.95 5.66 -7.56
N ALA A 61 -0.04 4.84 -7.88
CA ALA A 61 0.09 3.39 -7.78
C ALA A 61 1.23 2.89 -8.66
N SER A 62 1.41 3.52 -9.81
CA SER A 62 2.47 3.13 -10.75
C SER A 62 3.80 3.74 -10.34
N LYS A 63 3.75 4.91 -9.71
CA LYS A 63 4.96 5.60 -9.28
C LYS A 63 5.62 4.87 -8.12
N LEU A 64 4.81 4.47 -7.14
CA LEU A 64 5.30 3.76 -5.97
C LEU A 64 5.99 2.45 -6.38
N ILE A 65 5.51 1.85 -7.45
CA ILE A 65 6.08 0.59 -7.95
C ILE A 65 7.26 0.86 -8.87
N SER A 66 7.22 1.97 -9.58
CA SER A 66 8.29 2.34 -10.50
C SER A 66 9.51 2.86 -9.74
N MET A 67 9.26 3.48 -8.59
CA MET A 67 10.33 4.01 -7.77
C MET A 67 10.98 2.91 -6.92
N TYR A 68 10.14 2.09 -6.30
CA TYR A 68 10.62 1.00 -5.46
C TYR A 68 10.13 -0.35 -5.97
N GLY A 69 8.82 -0.56 -5.90
CA GLY A 69 8.24 -1.80 -6.36
C GLY A 69 6.85 -2.04 -5.79
N ALA A 70 6.22 -3.14 -6.21
CA ALA A 70 4.89 -3.48 -5.75
C ALA A 70 4.92 -3.96 -4.30
N GLN A 71 6.03 -4.58 -3.91
CA GLN A 71 6.18 -5.09 -2.55
C GLN A 71 6.53 -3.96 -1.59
N GLU A 72 7.23 -2.95 -2.09
CA GLU A 72 7.64 -1.82 -1.28
C GLU A 72 6.58 -0.72 -1.31
N ALA A 73 5.88 -0.61 -2.43
CA ALA A 73 4.83 0.39 -2.59
C ALA A 73 3.68 0.16 -1.62
N VAL A 74 3.33 -1.11 -1.41
CA VAL A 74 2.25 -1.47 -0.50
C VAL A 74 2.61 -1.12 0.94
N ARG A 75 3.90 -1.15 1.25
CA ARG A 75 4.37 -0.84 2.60
C ARG A 75 4.32 0.66 2.86
N VAL A 76 4.52 1.45 1.81
CA VAL A 76 4.49 2.90 1.92
C VAL A 76 3.10 3.40 2.33
N VAL A 77 2.08 2.91 1.64
CA VAL A 77 0.70 3.31 1.93
C VAL A 77 0.28 2.85 3.33
N SER A 78 0.66 1.63 3.68
CA SER A 78 0.31 1.07 4.99
C SER A 78 0.83 1.95 6.11
N ARG A 79 1.93 2.64 5.86
CA ARG A 79 2.54 3.52 6.87
C ARG A 79 1.74 4.81 6.99
N SER A 80 1.33 5.36 5.85
CA SER A 80 0.56 6.60 5.84
C SER A 80 -0.84 6.38 6.40
N LEU A 81 -1.37 5.18 6.20
CA LEU A 81 -2.70 4.84 6.69
C LEU A 81 -2.79 4.98 8.20
N LEU A 82 -1.67 4.73 8.88
CA LEU A 82 -1.61 4.82 10.33
C LEU A 82 -1.76 6.26 10.79
N ALA A 83 -1.19 7.18 10.01
CA ALA A 83 -1.26 8.61 10.34
C ALA A 83 -2.71 9.09 10.42
N MET A 84 -3.57 8.48 9.63
CA MET A 84 -4.98 8.85 9.60
C MET A 84 -5.85 7.76 10.26
N ASN A 85 -5.22 6.70 10.73
CA ASN A 85 -5.93 5.60 11.38
C ASN A 85 -6.92 4.96 10.41
N LEU A 86 -6.44 3.96 9.65
CA LEU A 86 -7.28 3.26 8.69
C LEU A 86 -6.87 1.81 8.57
N MET A 87 -7.05 1.05 9.66
CA MET A 87 -6.70 -0.36 9.68
C MET A 87 -7.46 -1.14 8.61
N GLU A 88 -8.62 -0.62 8.22
CA GLU A 88 -9.44 -1.26 7.20
C GLU A 88 -8.66 -1.46 5.91
N LEU A 89 -7.76 -0.51 5.62
CA LEU A 89 -6.95 -0.59 4.41
C LEU A 89 -5.63 -1.31 4.68
N VAL A 90 -5.13 -1.16 5.91
CA VAL A 90 -3.88 -1.80 6.29
C VAL A 90 -4.04 -3.32 6.40
N ASP A 91 -5.24 -3.76 6.75
CA ASP A 91 -5.53 -5.18 6.89
C ASP A 91 -5.50 -5.87 5.52
N TYR A 92 -5.96 -5.16 4.50
CA TYR A 92 -5.99 -5.71 3.15
C TYR A 92 -4.60 -5.72 2.54
N LEU A 93 -3.83 -4.66 2.78
CA LEU A 93 -2.48 -4.55 2.26
C LEU A 93 -1.53 -5.50 2.99
N ASN A 94 -1.82 -5.74 4.26
CA ASN A 94 -0.99 -6.63 5.08
C ASN A 94 -0.97 -8.04 4.49
N GLN A 95 -2.11 -8.46 3.93
CA GLN A 95 -2.23 -9.79 3.33
C GLN A 95 -1.44 -9.86 2.02
N VAL A 96 -1.66 -8.88 1.15
CA VAL A 96 -0.97 -8.83 -0.13
C VAL A 96 0.52 -8.61 0.05
N CYS A 97 1.29 -9.70 0.07
CA CYS A 97 2.73 -9.62 0.24
C CYS A 97 3.38 -10.98 0.01
N LEU A 98 4.16 -11.08 -1.06
CA LEU A 98 4.84 -12.33 -1.39
C LEU A 98 5.92 -12.66 -0.36
N ASN A 99 6.45 -11.61 0.30
CA ASN A 99 7.48 -11.79 1.31
C ASN A 99 6.90 -12.31 2.61
N ASP A 100 5.70 -11.85 2.95
CA ASP A 100 5.02 -12.27 4.17
C ASP A 100 5.83 -11.86 5.40
N TYR A 101 5.30 -10.89 6.15
CA TYR A 101 5.98 -10.41 7.35
C TYR A 101 5.08 -10.57 8.57
N ARG A 102 5.55 -11.36 9.54
CA ARG A 102 4.80 -11.60 10.77
C ARG A 102 5.11 -10.54 11.81
N GLU A 103 4.48 -10.66 12.97
CA GLU A 103 4.70 -9.71 14.06
C GLU A 103 5.13 -10.43 15.34
N ILE A 104 6.33 -10.14 15.80
CA ILE A 104 6.85 -10.76 17.02
C ILE A 104 7.06 -9.73 18.13
N TYR A 105 7.11 -8.46 17.75
CA TYR A 105 7.31 -7.38 18.71
C TYR A 105 6.01 -7.06 19.44
N ARG A 106 4.94 -6.87 18.68
CA ARG A 106 3.63 -6.55 19.25
C ARG A 106 2.85 -7.81 19.55
N GLU A 107 2.65 -8.64 18.53
CA GLU A 107 1.91 -9.89 18.69
C GLU A 107 2.58 -10.80 19.71
N HIS A 108 3.73 -11.35 19.33
CA HIS A 108 4.48 -12.24 20.21
C HIS A 108 3.65 -13.48 20.56
N VAL A 109 4.24 -14.39 21.33
CA VAL A 109 3.56 -15.61 21.72
C VAL A 109 3.24 -15.60 23.21
N SER A 110 2.13 -14.97 23.57
CA SER A 110 1.71 -14.89 24.96
C SER A 110 0.19 -14.78 25.07
N GLY A 111 -0.50 -15.89 24.78
CA GLY A 111 -1.95 -15.90 24.85
C GLY A 111 -2.48 -16.97 25.78
N PRO A 112 -2.65 -18.21 25.27
CA PRO A 112 -3.15 -19.33 26.08
C PRO A 112 -2.15 -19.79 27.13
N SER A 113 -0.86 -19.58 26.84
CA SER A 113 0.20 -19.97 27.77
C SER A 113 0.06 -19.25 29.09
N SER A 114 -0.49 -18.03 29.04
CA SER A 114 -0.68 -17.22 30.24
C SER A 114 0.67 -16.91 30.89
N GLY A 115 1.12 -15.67 30.72
CA GLY A 115 2.38 -15.26 31.30
C GLY A 115 2.21 -14.28 32.44
N GLY A 1 -20.37 -15.39 4.08
CA GLY A 1 -20.98 -16.46 3.25
C GLY A 1 -21.99 -15.93 2.25
N SER A 2 -23.22 -16.43 2.33
CA SER A 2 -24.27 -15.99 1.43
C SER A 2 -25.63 -16.08 2.11
N SER A 3 -26.60 -15.33 1.59
CA SER A 3 -27.95 -15.32 2.14
C SER A 3 -27.94 -14.87 3.59
N GLY A 4 -26.99 -13.99 3.93
CA GLY A 4 -26.89 -13.50 5.30
C GLY A 4 -25.65 -12.67 5.51
N SER A 5 -25.60 -11.96 6.64
CA SER A 5 -24.45 -11.12 6.97
C SER A 5 -24.24 -10.05 5.90
N SER A 6 -23.49 -9.01 6.26
CA SER A 6 -23.21 -7.91 5.33
C SER A 6 -21.89 -8.16 4.59
N GLY A 7 -22.01 -8.49 3.31
CA GLY A 7 -20.83 -8.75 2.50
C GLY A 7 -20.66 -7.75 1.37
N MET A 8 -20.01 -8.18 0.30
CA MET A 8 -19.79 -7.32 -0.86
C MET A 8 -18.97 -6.09 -0.47
N ALA A 9 -18.03 -6.28 0.44
CA ALA A 9 -17.18 -5.19 0.89
C ALA A 9 -15.71 -5.46 0.57
N LEU A 10 -15.11 -4.56 -0.21
CA LEU A 10 -13.71 -4.71 -0.60
C LEU A 10 -13.50 -5.99 -1.39
N ALA A 11 -13.43 -5.86 -2.71
CA ALA A 11 -13.23 -7.01 -3.59
C ALA A 11 -11.77 -7.47 -3.57
N ARG A 12 -11.52 -8.63 -4.14
CA ARG A 12 -10.16 -9.18 -4.20
C ARG A 12 -9.44 -8.74 -5.47
N ALA A 13 -8.14 -8.96 -5.52
CA ALA A 13 -7.34 -8.59 -6.68
C ALA A 13 -6.56 -9.78 -7.21
N ASN A 14 -5.89 -9.60 -8.35
CA ASN A 14 -5.10 -10.65 -8.96
C ASN A 14 -3.61 -10.33 -8.88
N SER A 15 -3.28 -9.05 -8.98
CA SER A 15 -1.89 -8.62 -8.92
C SER A 15 -1.70 -7.52 -7.88
N PRO A 16 -0.49 -7.38 -7.33
CA PRO A 16 -0.18 -6.37 -6.32
C PRO A 16 -0.60 -4.96 -6.77
N GLN A 17 -0.40 -4.67 -8.05
CA GLN A 17 -0.74 -3.37 -8.59
C GLN A 17 -2.24 -3.09 -8.43
N GLU A 18 -3.05 -4.13 -8.59
CA GLU A 18 -4.50 -4.00 -8.46
C GLU A 18 -4.89 -3.73 -7.02
N ALA A 19 -4.33 -4.51 -6.11
CA ALA A 19 -4.62 -4.37 -4.69
C ALA A 19 -4.26 -2.96 -4.19
N LEU A 20 -3.05 -2.52 -4.52
CA LEU A 20 -2.59 -1.20 -4.11
C LEU A 20 -3.42 -0.09 -4.79
N LEU A 21 -3.74 -0.30 -6.05
CA LEU A 21 -4.52 0.67 -6.82
C LEU A 21 -5.95 0.73 -6.31
N TRP A 22 -6.49 -0.43 -5.93
CA TRP A 22 -7.86 -0.51 -5.42
C TRP A 22 -7.97 0.14 -4.05
N ALA A 23 -6.88 0.06 -3.27
CA ALA A 23 -6.86 0.63 -1.94
C ALA A 23 -6.63 2.14 -1.99
N LEU A 24 -5.84 2.58 -2.96
CA LEU A 24 -5.55 4.00 -3.11
C LEU A 24 -6.70 4.73 -3.80
N ASN A 25 -7.39 4.03 -4.69
CA ASN A 25 -8.52 4.61 -5.42
C ASN A 25 -9.75 4.69 -4.52
N ASP A 26 -9.87 3.75 -3.59
CA ASP A 26 -11.00 3.70 -2.68
C ASP A 26 -11.03 4.96 -1.80
N LEU A 27 -9.86 5.55 -1.57
CA LEU A 27 -9.77 6.76 -0.76
C LEU A 27 -10.64 7.87 -1.32
N GLU A 28 -11.10 8.75 -0.44
CA GLU A 28 -11.94 9.87 -0.85
C GLU A 28 -11.09 11.08 -1.24
N GLU A 29 -11.76 12.18 -1.57
CA GLU A 29 -11.07 13.40 -1.97
C GLU A 29 -10.48 14.11 -0.75
N ASN A 30 -11.30 14.27 0.29
CA ASN A 30 -10.87 14.93 1.52
C ASN A 30 -9.84 14.08 2.27
N SER A 31 -9.79 12.78 1.97
CA SER A 31 -8.84 11.88 2.61
C SER A 31 -7.55 11.79 1.83
N PHE A 32 -7.65 11.85 0.50
CA PHE A 32 -6.48 11.78 -0.36
C PHE A 32 -5.66 13.08 -0.29
N LYS A 33 -6.35 14.19 -0.08
CA LYS A 33 -5.70 15.49 0.01
C LYS A 33 -4.70 15.52 1.16
N THR A 34 -5.13 15.09 2.33
CA THR A 34 -4.28 15.07 3.51
C THR A 34 -3.24 13.95 3.41
N LEU A 35 -3.61 12.86 2.76
CA LEU A 35 -2.71 11.72 2.59
C LEU A 35 -1.58 12.07 1.63
N LYS A 36 -1.84 12.96 0.68
CA LYS A 36 -0.84 13.36 -0.30
C LYS A 36 0.35 14.02 0.38
N PHE A 37 0.08 14.75 1.47
CA PHE A 37 1.14 15.44 2.21
C PHE A 37 1.92 14.46 3.09
N HIS A 38 1.23 13.42 3.55
CA HIS A 38 1.85 12.42 4.40
C HIS A 38 2.85 11.57 3.62
N LEU A 39 2.65 11.47 2.31
CA LEU A 39 3.53 10.69 1.45
C LEU A 39 4.97 11.16 1.57
N ARG A 40 5.17 12.46 1.48
CA ARG A 40 6.50 13.04 1.58
C ARG A 40 7.16 12.71 2.91
N ASP A 41 6.32 12.57 3.95
CA ASP A 41 6.82 12.25 5.28
C ASP A 41 7.33 10.81 5.35
N VAL A 42 6.70 9.93 4.58
CA VAL A 42 7.08 8.52 4.55
C VAL A 42 8.09 8.24 3.44
N THR A 43 8.00 9.01 2.36
CA THR A 43 8.90 8.84 1.22
C THR A 43 10.15 9.70 1.38
N GLN A 44 9.95 11.01 1.44
CA GLN A 44 11.06 11.95 1.59
C GLN A 44 12.03 11.85 0.41
N PHE A 45 11.48 11.51 -0.75
CA PHE A 45 12.30 11.38 -1.96
C PHE A 45 12.25 12.65 -2.78
N HIS A 46 12.94 12.65 -3.92
CA HIS A 46 12.98 13.81 -4.80
C HIS A 46 11.60 14.07 -5.39
N LEU A 47 10.72 14.69 -4.60
CA LEU A 47 9.37 15.00 -5.06
C LEU A 47 8.94 16.38 -4.56
N ALA A 48 9.90 17.28 -4.43
CA ALA A 48 9.62 18.63 -3.96
C ALA A 48 9.71 19.64 -5.11
N ARG A 49 9.17 19.26 -6.26
CA ARG A 49 9.18 20.12 -7.43
C ARG A 49 7.90 19.96 -8.24
N GLY A 50 6.78 19.79 -7.54
CA GLY A 50 5.51 19.63 -8.23
C GLY A 50 5.23 18.19 -8.60
N GLU A 51 5.80 17.26 -7.84
CA GLU A 51 5.62 15.84 -8.11
C GLU A 51 4.54 15.25 -7.20
N LEU A 52 4.49 15.73 -5.96
CA LEU A 52 3.50 15.26 -5.01
C LEU A 52 2.09 15.62 -5.46
N GLU A 53 1.96 16.75 -6.14
CA GLU A 53 0.67 17.21 -6.62
C GLU A 53 0.25 16.44 -7.87
N SER A 54 1.19 16.27 -8.79
CA SER A 54 0.93 15.55 -10.04
C SER A 54 0.64 14.08 -9.76
N LEU A 55 1.27 13.55 -8.72
CA LEU A 55 1.09 12.14 -8.35
C LEU A 55 -0.37 11.85 -8.03
N SER A 56 -1.13 11.50 -9.07
CA SER A 56 -2.55 11.19 -8.89
C SER A 56 -2.74 9.81 -8.29
N GLN A 57 -3.98 9.34 -8.25
CA GLN A 57 -4.29 8.03 -7.69
C GLN A 57 -3.78 6.91 -8.60
N VAL A 58 -3.75 7.18 -9.89
CA VAL A 58 -3.28 6.20 -10.86
C VAL A 58 -1.77 6.31 -11.07
N ASP A 59 -1.26 7.53 -11.07
CA ASP A 59 0.16 7.77 -11.26
C ASP A 59 0.94 7.37 -10.01
N LEU A 60 0.36 7.62 -8.85
CA LEU A 60 1.00 7.29 -7.58
C LEU A 60 1.24 5.79 -7.47
N ALA A 61 0.18 5.00 -7.67
CA ALA A 61 0.27 3.55 -7.59
C ALA A 61 1.32 3.00 -8.56
N SER A 62 1.55 3.73 -9.64
CA SER A 62 2.52 3.32 -10.64
C SER A 62 3.91 3.83 -10.29
N LYS A 63 3.97 4.97 -9.62
CA LYS A 63 5.24 5.57 -9.22
C LYS A 63 5.90 4.76 -8.11
N LEU A 64 5.09 4.31 -7.14
CA LEU A 64 5.60 3.53 -6.02
C LEU A 64 6.26 2.25 -6.51
N ILE A 65 5.77 1.71 -7.62
CA ILE A 65 6.32 0.49 -8.18
C ILE A 65 7.62 0.76 -8.92
N SER A 66 7.74 1.96 -9.50
CA SER A 66 8.93 2.34 -10.24
C SER A 66 9.99 2.91 -9.30
N MET A 67 9.54 3.51 -8.21
CA MET A 67 10.45 4.10 -7.23
C MET A 67 10.96 3.05 -6.25
N TYR A 68 10.10 2.07 -5.94
CA TYR A 68 10.48 1.01 -5.02
C TYR A 68 10.12 -0.36 -5.58
N GLY A 69 8.82 -0.62 -5.70
CA GLY A 69 8.36 -1.90 -6.22
C GLY A 69 6.90 -2.17 -5.91
N ALA A 70 6.36 -3.22 -6.50
CA ALA A 70 4.97 -3.59 -6.29
C ALA A 70 4.75 -4.10 -4.87
N GLN A 71 5.77 -4.74 -4.31
CA GLN A 71 5.69 -5.28 -2.96
C GLN A 71 6.03 -4.21 -1.93
N GLU A 72 6.89 -3.29 -2.30
CA GLU A 72 7.30 -2.21 -1.40
C GLU A 72 6.33 -1.04 -1.49
N ALA A 73 5.72 -0.86 -2.66
CA ALA A 73 4.77 0.23 -2.88
C ALA A 73 3.63 0.17 -1.87
N VAL A 74 3.30 -1.03 -1.42
CA VAL A 74 2.22 -1.22 -0.46
C VAL A 74 2.66 -0.79 0.94
N ARG A 75 3.93 -1.01 1.25
CA ARG A 75 4.47 -0.64 2.56
C ARG A 75 4.48 0.87 2.75
N VAL A 76 4.64 1.59 1.65
CA VAL A 76 4.67 3.05 1.69
C VAL A 76 3.30 3.62 2.08
N VAL A 77 2.24 2.92 1.68
CA VAL A 77 0.88 3.35 1.97
C VAL A 77 0.47 2.92 3.38
N SER A 78 0.77 1.68 3.72
CA SER A 78 0.42 1.14 5.04
C SER A 78 1.05 1.97 6.15
N ARG A 79 2.21 2.55 5.86
CA ARG A 79 2.91 3.38 6.84
C ARG A 79 2.26 4.75 6.97
N SER A 80 1.68 5.23 5.87
CA SER A 80 1.02 6.53 5.86
C SER A 80 -0.40 6.44 6.39
N LEU A 81 -1.03 5.28 6.18
CA LEU A 81 -2.39 5.06 6.65
C LEU A 81 -2.49 5.23 8.16
N LEU A 82 -1.41 4.90 8.86
CA LEU A 82 -1.38 5.03 10.31
C LEU A 82 -1.57 6.48 10.75
N ALA A 83 -1.03 7.40 9.97
CA ALA A 83 -1.15 8.83 10.28
C ALA A 83 -2.61 9.25 10.32
N MET A 84 -3.37 8.84 9.31
CA MET A 84 -4.79 9.18 9.24
C MET A 84 -5.64 8.25 10.10
N ASN A 85 -4.99 7.29 10.75
CA ASN A 85 -5.69 6.34 11.61
C ASN A 85 -6.64 5.47 10.78
N LEU A 86 -6.07 4.51 10.05
CA LEU A 86 -6.86 3.61 9.22
C LEU A 86 -6.25 2.21 9.21
N MET A 87 -6.89 1.29 9.94
CA MET A 87 -6.42 -0.08 10.01
C MET A 87 -7.13 -0.97 8.99
N GLU A 88 -8.36 -0.58 8.62
CA GLU A 88 -9.15 -1.33 7.65
C GLU A 88 -8.39 -1.48 6.33
N LEU A 89 -7.75 -0.40 5.90
CA LEU A 89 -7.00 -0.41 4.65
C LEU A 89 -5.68 -1.16 4.82
N VAL A 90 -5.11 -1.07 6.02
CA VAL A 90 -3.85 -1.74 6.31
C VAL A 90 -4.05 -3.24 6.51
N ASP A 91 -5.20 -3.61 7.05
CA ASP A 91 -5.52 -5.01 7.30
C ASP A 91 -5.68 -5.77 5.99
N TYR A 92 -6.05 -5.06 4.93
CA TYR A 92 -6.23 -5.67 3.62
C TYR A 92 -4.94 -5.63 2.80
N LEU A 93 -4.19 -4.55 2.96
CA LEU A 93 -2.93 -4.37 2.24
C LEU A 93 -1.87 -5.35 2.76
N ASN A 94 -1.96 -5.67 4.05
CA ASN A 94 -1.01 -6.59 4.67
C ASN A 94 -1.16 -8.00 4.10
N GLN A 95 -2.41 -8.40 3.85
CA GLN A 95 -2.69 -9.72 3.30
C GLN A 95 -2.03 -9.91 1.95
N VAL A 96 -1.94 -8.82 1.18
CA VAL A 96 -1.32 -8.86 -0.14
C VAL A 96 0.20 -8.83 -0.04
N CYS A 97 0.83 -9.98 -0.26
CA CYS A 97 2.28 -10.07 -0.20
C CYS A 97 2.79 -11.25 -1.01
N LEU A 98 2.48 -12.46 -0.54
CA LEU A 98 2.91 -13.68 -1.22
C LEU A 98 4.42 -13.80 -1.26
N ASN A 99 5.04 -13.07 -2.20
CA ASN A 99 6.49 -13.09 -2.34
C ASN A 99 7.16 -12.33 -1.21
N ASP A 100 8.17 -12.95 -0.60
CA ASP A 100 8.89 -12.32 0.50
C ASP A 100 7.96 -12.02 1.66
N TYR A 101 8.02 -12.86 2.69
CA TYR A 101 7.17 -12.68 3.87
C TYR A 101 8.00 -12.27 5.08
N ARG A 102 8.22 -10.96 5.22
CA ARG A 102 9.01 -10.44 6.34
C ARG A 102 8.28 -10.66 7.66
N GLU A 103 8.92 -10.28 8.75
CA GLU A 103 8.34 -10.43 10.08
C GLU A 103 8.05 -11.89 10.38
N ILE A 104 9.09 -12.64 10.67
CA ILE A 104 8.95 -14.06 10.98
C ILE A 104 10.03 -14.53 11.96
N TYR A 105 10.46 -13.62 12.82
CA TYR A 105 11.50 -13.94 13.81
C TYR A 105 11.21 -13.24 15.14
N ARG A 106 10.89 -11.96 15.07
CA ARG A 106 10.60 -11.18 16.27
C ARG A 106 9.09 -11.09 16.50
N GLU A 107 8.40 -12.21 16.28
CA GLU A 107 6.95 -12.26 16.46
C GLU A 107 6.57 -11.92 17.90
N HIS A 108 6.08 -10.71 18.10
CA HIS A 108 5.68 -10.26 19.44
C HIS A 108 4.24 -10.66 19.74
N VAL A 109 3.97 -11.96 19.64
CA VAL A 109 2.62 -12.49 19.90
C VAL A 109 2.19 -12.19 21.33
N SER A 110 0.90 -11.96 21.51
CA SER A 110 0.35 -11.66 22.83
C SER A 110 -0.68 -12.71 23.25
N GLY A 111 -0.19 -13.87 23.67
CA GLY A 111 -1.07 -14.95 24.08
C GLY A 111 -1.28 -15.98 22.99
N PRO A 112 -0.28 -16.84 22.75
CA PRO A 112 -0.37 -17.89 21.72
C PRO A 112 -1.62 -18.74 21.87
N SER A 113 -1.80 -19.69 20.96
CA SER A 113 -2.95 -20.58 20.99
C SER A 113 -4.25 -19.78 20.87
N SER A 114 -4.69 -19.55 19.63
CA SER A 114 -5.91 -18.80 19.37
C SER A 114 -7.11 -19.74 19.27
N GLY A 115 -7.99 -19.69 20.27
CA GLY A 115 -9.17 -20.54 20.27
C GLY A 115 -10.35 -19.89 20.95
N GLY A 1 -30.76 -15.76 10.28
CA GLY A 1 -29.75 -14.80 9.76
C GLY A 1 -28.34 -15.12 10.22
N SER A 2 -27.55 -15.70 9.32
CA SER A 2 -26.17 -16.06 9.64
C SER A 2 -25.29 -15.97 8.40
N SER A 3 -24.63 -14.83 8.22
CA SER A 3 -23.76 -14.61 7.07
C SER A 3 -22.50 -13.85 7.49
N GLY A 4 -21.68 -13.50 6.50
CA GLY A 4 -20.46 -12.77 6.78
C GLY A 4 -19.48 -12.81 5.62
N SER A 5 -19.40 -11.70 4.89
CA SER A 5 -18.49 -11.62 3.74
C SER A 5 -17.21 -10.89 4.11
N SER A 6 -16.75 -11.10 5.35
CA SER A 6 -15.53 -10.46 5.83
C SER A 6 -14.77 -11.39 6.77
N GLY A 7 -13.45 -11.21 6.82
CA GLY A 7 -12.63 -12.04 7.67
C GLY A 7 -11.17 -12.05 7.26
N MET A 8 -10.92 -12.26 5.97
CA MET A 8 -9.57 -12.29 5.45
C MET A 8 -9.22 -10.96 4.77
N ALA A 9 -9.94 -10.62 3.72
CA ALA A 9 -9.70 -9.38 3.00
C ALA A 9 -11.01 -8.81 2.44
N LEU A 10 -10.91 -7.68 1.74
CA LEU A 10 -12.07 -7.04 1.16
C LEU A 10 -12.34 -7.56 -0.24
N ALA A 11 -11.43 -7.26 -1.16
CA ALA A 11 -11.57 -7.71 -2.55
C ALA A 11 -10.62 -8.86 -2.85
N ARG A 12 -10.86 -9.54 -3.96
CA ARG A 12 -10.02 -10.66 -4.38
C ARG A 12 -9.22 -10.32 -5.63
N ALA A 13 -8.04 -9.76 -5.43
CA ALA A 13 -7.18 -9.38 -6.55
C ALA A 13 -6.10 -10.43 -6.78
N ASN A 14 -5.52 -10.41 -7.98
CA ASN A 14 -4.48 -11.36 -8.33
C ASN A 14 -3.10 -10.72 -8.27
N SER A 15 -2.91 -9.67 -9.07
CA SER A 15 -1.63 -8.96 -9.10
C SER A 15 -1.55 -7.95 -7.95
N PRO A 16 -0.32 -7.61 -7.53
CA PRO A 16 -0.10 -6.65 -6.43
C PRO A 16 -0.47 -5.23 -6.83
N GLN A 17 -0.34 -4.93 -8.12
CA GLN A 17 -0.67 -3.60 -8.63
C GLN A 17 -2.13 -3.27 -8.40
N GLU A 18 -3.01 -4.20 -8.75
CA GLU A 18 -4.45 -4.00 -8.59
C GLU A 18 -4.80 -3.82 -7.12
N ALA A 19 -4.04 -4.47 -6.25
CA ALA A 19 -4.27 -4.38 -4.81
C ALA A 19 -3.89 -3.01 -4.27
N LEU A 20 -2.79 -2.46 -4.78
CA LEU A 20 -2.32 -1.15 -4.36
C LEU A 20 -3.10 -0.04 -5.03
N LEU A 21 -3.47 -0.26 -6.29
CA LEU A 21 -4.23 0.72 -7.06
C LEU A 21 -5.64 0.88 -6.49
N TRP A 22 -6.20 -0.22 -6.00
CA TRP A 22 -7.55 -0.21 -5.44
C TRP A 22 -7.56 0.49 -4.08
N ALA A 23 -6.44 0.38 -3.36
CA ALA A 23 -6.33 1.00 -2.05
C ALA A 23 -6.41 2.52 -2.14
N LEU A 24 -5.94 3.07 -3.26
CA LEU A 24 -5.96 4.51 -3.48
C LEU A 24 -7.32 4.96 -3.98
N ASN A 25 -7.90 4.19 -4.90
CA ASN A 25 -9.21 4.52 -5.47
C ASN A 25 -10.27 4.56 -4.39
N ASP A 26 -10.16 3.64 -3.42
CA ASP A 26 -11.11 3.57 -2.32
C ASP A 26 -11.09 4.85 -1.49
N LEU A 27 -9.91 5.47 -1.41
CA LEU A 27 -9.75 6.70 -0.64
C LEU A 27 -10.61 7.82 -1.22
N GLU A 28 -11.20 8.62 -0.34
CA GLU A 28 -12.04 9.73 -0.77
C GLU A 28 -11.20 10.98 -1.04
N GLU A 29 -11.87 12.06 -1.43
CA GLU A 29 -11.19 13.31 -1.72
C GLU A 29 -10.56 13.90 -0.46
N ASN A 30 -11.19 13.64 0.68
CA ASN A 30 -10.68 14.15 1.95
C ASN A 30 -9.47 13.35 2.42
N SER A 31 -9.58 12.03 2.36
CA SER A 31 -8.49 11.16 2.78
C SER A 31 -7.26 11.37 1.90
N PHE A 32 -7.47 11.38 0.59
CA PHE A 32 -6.38 11.57 -0.36
C PHE A 32 -5.77 12.97 -0.22
N LYS A 33 -6.62 13.95 0.10
CA LYS A 33 -6.18 15.32 0.27
C LYS A 33 -5.12 15.43 1.37
N THR A 34 -5.48 14.93 2.55
CA THR A 34 -4.56 14.97 3.70
C THR A 34 -3.39 14.03 3.49
N LEU A 35 -3.64 12.91 2.81
CA LEU A 35 -2.60 11.92 2.56
C LEU A 35 -1.53 12.49 1.62
N LYS A 36 -1.94 13.42 0.77
CA LYS A 36 -1.01 14.04 -0.17
C LYS A 36 0.16 14.69 0.55
N PHE A 37 -0.14 15.48 1.57
CA PHE A 37 0.90 16.15 2.34
C PHE A 37 1.71 15.15 3.16
N HIS A 38 1.05 14.07 3.56
CA HIS A 38 1.71 13.03 4.35
C HIS A 38 2.76 12.28 3.52
N LEU A 39 2.56 12.28 2.20
CA LEU A 39 3.48 11.60 1.29
C LEU A 39 4.91 12.09 1.49
N ARG A 40 5.08 13.40 1.57
CA ARG A 40 6.40 14.00 1.76
C ARG A 40 7.04 13.51 3.07
N ASP A 41 6.20 13.16 4.04
CA ASP A 41 6.68 12.67 5.33
C ASP A 41 7.17 11.23 5.22
N VAL A 42 6.35 10.38 4.62
CA VAL A 42 6.70 8.97 4.45
C VAL A 42 7.74 8.78 3.36
N THR A 43 7.69 9.65 2.35
CA THR A 43 8.63 9.58 1.23
C THR A 43 9.34 10.91 1.02
N GLN A 44 10.59 10.85 0.58
CA GLN A 44 11.36 12.06 0.32
C GLN A 44 12.36 11.84 -0.80
N PHE A 45 11.99 10.98 -1.75
CA PHE A 45 12.86 10.68 -2.88
C PHE A 45 13.01 11.91 -3.79
N HIS A 46 11.88 12.49 -4.18
CA HIS A 46 11.88 13.67 -5.05
C HIS A 46 10.50 14.30 -5.10
N LEU A 47 9.77 14.22 -4.00
CA LEU A 47 8.43 14.78 -3.92
C LEU A 47 8.38 15.95 -2.94
N ALA A 48 8.16 17.15 -3.47
CA ALA A 48 8.09 18.35 -2.64
C ALA A 48 7.23 19.43 -3.30
N ARG A 49 7.72 19.97 -4.41
CA ARG A 49 6.99 21.00 -5.13
C ARG A 49 7.04 20.74 -6.63
N GLY A 50 5.92 20.25 -7.17
CA GLY A 50 5.85 19.97 -8.60
C GLY A 50 5.74 18.48 -8.89
N GLU A 51 6.29 17.67 -8.00
CA GLU A 51 6.26 16.22 -8.16
C GLU A 51 5.10 15.60 -7.37
N LEU A 52 4.85 16.15 -6.18
CA LEU A 52 3.78 15.65 -5.32
C LEU A 52 2.42 15.86 -5.98
N GLU A 53 2.13 17.10 -6.36
CA GLU A 53 0.86 17.43 -7.01
C GLU A 53 0.76 16.75 -8.37
N SER A 54 1.90 16.56 -9.02
CA SER A 54 1.92 15.93 -10.34
C SER A 54 1.35 14.51 -10.27
N LEU A 55 1.56 13.84 -9.13
CA LEU A 55 1.06 12.49 -8.95
C LEU A 55 -0.46 12.46 -9.02
N SER A 56 -1.02 11.26 -9.13
CA SER A 56 -2.47 11.08 -9.21
C SER A 56 -2.89 9.77 -8.57
N GLN A 57 -4.20 9.50 -8.60
CA GLN A 57 -4.73 8.27 -8.02
C GLN A 57 -4.26 7.05 -8.78
N VAL A 58 -4.03 7.23 -10.08
CA VAL A 58 -3.57 6.14 -10.94
C VAL A 58 -2.05 6.15 -11.08
N ASP A 59 -1.48 7.35 -11.08
CA ASP A 59 -0.03 7.50 -11.22
C ASP A 59 0.69 7.12 -9.93
N LEU A 60 0.04 7.38 -8.80
CA LEU A 60 0.62 7.07 -7.49
C LEU A 60 0.87 5.57 -7.37
N ALA A 61 -0.15 4.78 -7.64
CA ALA A 61 -0.04 3.33 -7.55
C ALA A 61 1.06 2.80 -8.47
N SER A 62 1.29 3.51 -9.57
CA SER A 62 2.32 3.11 -10.53
C SER A 62 3.68 3.68 -10.15
N LYS A 63 3.67 4.85 -9.51
CA LYS A 63 4.90 5.51 -9.09
C LYS A 63 5.55 4.75 -7.92
N LEU A 64 4.73 4.35 -6.96
CA LEU A 64 5.23 3.62 -5.79
C LEU A 64 5.90 2.31 -6.22
N ILE A 65 5.43 1.73 -7.31
CA ILE A 65 5.99 0.48 -7.82
C ILE A 65 7.21 0.75 -8.68
N SER A 66 7.15 1.81 -9.49
CA SER A 66 8.26 2.16 -10.37
C SER A 66 9.45 2.66 -9.57
N MET A 67 9.18 3.29 -8.43
CA MET A 67 10.23 3.81 -7.57
C MET A 67 10.85 2.71 -6.71
N TYR A 68 9.99 1.86 -6.17
CA TYR A 68 10.44 0.76 -5.32
C TYR A 68 9.98 -0.58 -5.88
N GLY A 69 8.67 -0.81 -5.86
CA GLY A 69 8.12 -2.06 -6.37
C GLY A 69 6.71 -2.32 -5.86
N ALA A 70 6.08 -3.35 -6.40
CA ALA A 70 4.73 -3.71 -5.99
C ALA A 70 4.71 -4.25 -4.56
N GLN A 71 5.80 -4.89 -4.17
CA GLN A 71 5.91 -5.46 -2.83
C GLN A 71 6.28 -4.38 -1.82
N GLU A 72 7.14 -3.46 -2.22
CA GLU A 72 7.58 -2.38 -1.35
C GLU A 72 6.54 -1.26 -1.31
N ALA A 73 5.89 -1.03 -2.44
CA ALA A 73 4.87 0.02 -2.55
C ALA A 73 3.76 -0.20 -1.53
N VAL A 74 3.21 -1.42 -1.52
CA VAL A 74 2.14 -1.76 -0.60
C VAL A 74 2.56 -1.58 0.85
N ARG A 75 3.85 -1.77 1.11
CA ARG A 75 4.40 -1.62 2.46
C ARG A 75 4.44 -0.16 2.87
N VAL A 76 4.79 0.70 1.92
CA VAL A 76 4.88 2.13 2.19
C VAL A 76 3.52 2.71 2.58
N VAL A 77 2.49 2.33 1.82
CA VAL A 77 1.14 2.81 2.08
C VAL A 77 0.67 2.41 3.48
N SER A 78 1.03 1.20 3.89
CA SER A 78 0.66 0.69 5.22
C SER A 78 1.21 1.59 6.32
N ARG A 79 2.36 2.20 6.05
CA ARG A 79 3.00 3.09 7.02
C ARG A 79 2.34 4.46 7.02
N SER A 80 1.87 4.89 5.85
CA SER A 80 1.23 6.18 5.71
C SER A 80 -0.21 6.13 6.23
N LEU A 81 -0.86 4.98 6.06
CA LEU A 81 -2.23 4.79 6.51
C LEU A 81 -2.31 4.82 8.03
N LEU A 82 -1.29 4.25 8.69
CA LEU A 82 -1.25 4.20 10.14
C LEU A 82 -1.27 5.61 10.73
N ALA A 83 -0.44 6.48 10.17
CA ALA A 83 -0.34 7.86 10.64
C ALA A 83 -1.68 8.58 10.49
N MET A 84 -2.43 8.21 9.46
CA MET A 84 -3.74 8.82 9.20
C MET A 84 -4.84 8.16 10.04
N ASN A 85 -4.46 7.17 10.84
CA ASN A 85 -5.42 6.48 11.69
C ASN A 85 -6.44 5.73 10.84
N LEU A 86 -5.99 4.69 10.16
CA LEU A 86 -6.86 3.89 9.31
C LEU A 86 -6.40 2.43 9.26
N MET A 87 -7.29 1.53 9.68
CA MET A 87 -6.97 0.11 9.70
C MET A 87 -7.67 -0.63 8.55
N GLU A 88 -8.72 -0.02 8.02
CA GLU A 88 -9.48 -0.62 6.92
C GLU A 88 -8.56 -1.00 5.76
N LEU A 89 -7.88 0.00 5.20
CA LEU A 89 -6.97 -0.22 4.09
C LEU A 89 -5.77 -1.05 4.52
N VAL A 90 -5.31 -0.83 5.74
CA VAL A 90 -4.16 -1.56 6.28
C VAL A 90 -4.50 -3.03 6.47
N ASP A 91 -5.77 -3.32 6.73
CA ASP A 91 -6.21 -4.70 6.94
C ASP A 91 -6.09 -5.50 5.65
N TYR A 92 -6.24 -4.82 4.51
CA TYR A 92 -6.16 -5.47 3.21
C TYR A 92 -4.72 -5.50 2.70
N LEU A 93 -3.98 -4.43 2.97
CA LEU A 93 -2.60 -4.33 2.54
C LEU A 93 -1.68 -5.13 3.45
N ASN A 94 -2.12 -5.35 4.69
CA ASN A 94 -1.34 -6.11 5.66
C ASN A 94 -0.93 -7.47 5.09
N GLN A 95 -1.74 -8.00 4.19
CA GLN A 95 -1.47 -9.30 3.58
C GLN A 95 -0.67 -9.13 2.28
N VAL A 96 -0.85 -7.99 1.62
CA VAL A 96 -0.15 -7.72 0.37
C VAL A 96 1.28 -7.26 0.63
N CYS A 97 1.48 -6.57 1.75
CA CYS A 97 2.80 -6.08 2.12
C CYS A 97 3.61 -7.16 2.84
N LEU A 98 3.79 -8.29 2.17
CA LEU A 98 4.55 -9.40 2.75
C LEU A 98 5.91 -9.52 2.09
N ASN A 99 6.96 -9.20 2.85
CA ASN A 99 8.33 -9.28 2.34
C ASN A 99 9.31 -9.62 3.46
N ASP A 100 9.37 -8.76 4.46
CA ASP A 100 10.26 -8.96 5.60
C ASP A 100 9.67 -9.96 6.58
N TYR A 101 10.33 -11.10 6.74
CA TYR A 101 9.88 -12.14 7.66
C TYR A 101 10.28 -11.81 9.10
N ARG A 102 9.31 -11.39 9.90
CA ARG A 102 9.56 -11.05 11.29
C ARG A 102 8.69 -11.90 12.22
N GLU A 103 9.35 -12.65 13.09
CA GLU A 103 8.65 -13.51 14.04
C GLU A 103 9.58 -13.97 15.15
N ILE A 104 9.74 -13.13 16.17
CA ILE A 104 10.61 -13.45 17.29
C ILE A 104 12.06 -13.57 16.86
N TYR A 105 12.43 -12.82 15.82
CA TYR A 105 13.79 -12.83 15.30
C TYR A 105 14.11 -14.18 14.66
N ARG A 106 14.26 -15.21 15.49
CA ARG A 106 14.58 -16.54 15.00
C ARG A 106 13.40 -17.49 15.22
N GLU A 107 12.80 -17.95 14.13
CA GLU A 107 11.66 -18.85 14.21
C GLU A 107 12.07 -20.27 13.82
N HIS A 108 11.43 -21.26 14.44
CA HIS A 108 11.72 -22.66 14.18
C HIS A 108 10.52 -23.54 14.50
N VAL A 109 9.65 -23.71 13.51
CA VAL A 109 8.46 -24.54 13.68
C VAL A 109 8.13 -25.31 12.41
N SER A 110 7.95 -26.63 12.54
CA SER A 110 7.63 -27.48 11.41
C SER A 110 6.14 -27.75 11.33
N GLY A 111 5.34 -26.74 11.69
CA GLY A 111 3.90 -26.89 11.66
C GLY A 111 3.22 -25.75 10.93
N PRO A 112 2.18 -25.14 11.52
CA PRO A 112 1.45 -24.03 10.88
C PRO A 112 2.30 -22.77 10.77
N SER A 113 2.26 -22.13 9.61
CA SER A 113 3.03 -20.92 9.37
C SER A 113 2.11 -19.73 9.18
N SER A 114 0.97 -19.74 9.86
CA SER A 114 0.00 -18.66 9.77
C SER A 114 -0.91 -18.63 10.99
N GLY A 115 -0.86 -17.54 11.74
CA GLY A 115 -1.69 -17.41 12.93
C GLY A 115 -1.33 -18.43 14.00
N GLY A 1 -23.40 -7.61 10.72
CA GLY A 1 -22.01 -7.16 10.44
C GLY A 1 -21.33 -8.01 9.39
N SER A 2 -21.60 -9.31 9.41
CA SER A 2 -21.01 -10.23 8.44
C SER A 2 -22.08 -11.08 7.78
N SER A 3 -22.63 -10.59 6.67
CA SER A 3 -23.67 -11.31 5.95
C SER A 3 -23.06 -12.29 4.96
N GLY A 4 -22.39 -11.77 3.94
CA GLY A 4 -21.76 -12.61 2.95
C GLY A 4 -22.56 -12.66 1.66
N SER A 5 -22.50 -13.81 0.97
CA SER A 5 -23.22 -13.98 -0.29
C SER A 5 -22.75 -12.97 -1.33
N SER A 6 -21.47 -12.62 -1.28
CA SER A 6 -20.90 -11.66 -2.22
C SER A 6 -19.38 -11.57 -2.04
N GLY A 7 -18.93 -11.56 -0.79
CA GLY A 7 -17.51 -11.47 -0.51
C GLY A 7 -17.22 -11.25 0.96
N MET A 8 -16.17 -11.89 1.45
CA MET A 8 -15.78 -11.75 2.85
C MET A 8 -14.45 -11.02 2.99
N ALA A 9 -14.18 -10.13 2.04
CA ALA A 9 -12.95 -9.35 2.05
C ALA A 9 -12.92 -8.34 0.90
N LEU A 10 -14.06 -7.71 0.66
CA LEU A 10 -14.17 -6.71 -0.40
C LEU A 10 -14.03 -7.36 -1.78
N ALA A 11 -12.81 -7.79 -2.10
CA ALA A 11 -12.53 -8.42 -3.38
C ALA A 11 -11.24 -9.21 -3.34
N ARG A 12 -11.12 -10.20 -4.22
CA ARG A 12 -9.92 -11.03 -4.28
C ARG A 12 -8.94 -10.49 -5.33
N ALA A 13 -7.89 -9.83 -4.86
CA ALA A 13 -6.88 -9.28 -5.76
C ALA A 13 -6.04 -10.37 -6.39
N ASN A 14 -5.22 -10.00 -7.37
CA ASN A 14 -4.36 -10.95 -8.06
C ASN A 14 -2.89 -10.57 -7.90
N SER A 15 -2.61 -9.27 -8.03
CA SER A 15 -1.25 -8.78 -7.90
C SER A 15 -1.20 -7.52 -7.03
N PRO A 16 -0.04 -7.23 -6.43
CA PRO A 16 0.13 -6.05 -5.57
C PRO A 16 -0.11 -4.75 -6.32
N GLN A 17 0.10 -4.77 -7.64
CA GLN A 17 -0.11 -3.60 -8.46
C GLN A 17 -1.58 -3.20 -8.49
N GLU A 18 -2.46 -4.20 -8.43
CA GLU A 18 -3.90 -3.97 -8.45
C GLU A 18 -4.41 -3.60 -7.07
N ALA A 19 -4.00 -4.38 -6.06
CA ALA A 19 -4.42 -4.14 -4.69
C ALA A 19 -3.98 -2.76 -4.22
N LEU A 20 -2.85 -2.29 -4.73
CA LEU A 20 -2.32 -0.98 -4.37
C LEU A 20 -3.14 0.13 -5.01
N LEU A 21 -3.65 -0.13 -6.20
CA LEU A 21 -4.45 0.85 -6.93
C LEU A 21 -5.89 0.85 -6.42
N TRP A 22 -6.36 -0.31 -5.97
CA TRP A 22 -7.72 -0.44 -5.46
C TRP A 22 -7.85 0.26 -4.10
N ALA A 23 -6.77 0.24 -3.33
CA ALA A 23 -6.77 0.86 -2.01
C ALA A 23 -6.90 2.37 -2.11
N LEU A 24 -6.12 2.98 -3.00
CA LEU A 24 -6.15 4.43 -3.19
C LEU A 24 -7.50 4.87 -3.75
N ASN A 25 -8.12 3.99 -4.53
CA ASN A 25 -9.41 4.30 -5.15
C ASN A 25 -10.51 4.35 -4.09
N ASP A 26 -10.34 3.57 -3.03
CA ASP A 26 -11.31 3.52 -1.94
C ASP A 26 -11.18 4.75 -1.04
N LEU A 27 -9.99 5.33 -1.00
CA LEU A 27 -9.74 6.51 -0.17
C LEU A 27 -10.74 7.62 -0.49
N GLU A 28 -10.81 8.62 0.39
CA GLU A 28 -11.72 9.75 0.20
C GLU A 28 -10.96 10.99 -0.25
N GLU A 29 -11.68 12.09 -0.42
CA GLU A 29 -11.08 13.35 -0.84
C GLU A 29 -10.18 13.91 0.25
N ASN A 30 -10.75 14.13 1.43
CA ASN A 30 -10.00 14.68 2.55
C ASN A 30 -8.82 13.78 2.91
N SER A 31 -8.97 12.49 2.66
CA SER A 31 -7.91 11.53 2.95
C SER A 31 -6.79 11.62 1.92
N PHE A 32 -7.15 11.63 0.65
CA PHE A 32 -6.17 11.71 -0.43
C PHE A 32 -5.51 13.08 -0.46
N LYS A 33 -6.29 14.12 -0.18
CA LYS A 33 -5.77 15.49 -0.17
C LYS A 33 -4.65 15.64 0.87
N THR A 34 -4.89 15.13 2.07
CA THR A 34 -3.91 15.22 3.14
C THR A 34 -2.81 14.18 2.95
N LEU A 35 -3.20 12.99 2.51
CA LEU A 35 -2.24 11.91 2.29
C LEU A 35 -1.19 12.30 1.25
N LYS A 36 -1.58 13.18 0.33
CA LYS A 36 -0.67 13.65 -0.71
C LYS A 36 0.58 14.29 -0.10
N PHE A 37 0.38 15.03 0.98
CA PHE A 37 1.50 15.71 1.65
C PHE A 37 2.34 14.70 2.44
N HIS A 38 1.67 13.80 3.15
CA HIS A 38 2.37 12.79 3.94
C HIS A 38 3.26 11.92 3.07
N LEU A 39 2.98 11.88 1.77
CA LEU A 39 3.76 11.09 0.83
C LEU A 39 5.24 11.45 0.91
N ARG A 40 5.55 12.73 0.81
CA ARG A 40 6.92 13.20 0.87
C ARG A 40 7.54 12.92 2.24
N ASP A 41 6.70 12.87 3.27
CA ASP A 41 7.16 12.60 4.63
C ASP A 41 7.64 11.16 4.77
N VAL A 42 7.06 10.26 3.98
CA VAL A 42 7.43 8.85 4.02
C VAL A 42 8.47 8.52 2.96
N THR A 43 8.33 9.13 1.79
CA THR A 43 9.25 8.90 0.69
C THR A 43 10.53 9.71 0.86
N GLN A 44 10.42 11.03 0.65
CA GLN A 44 11.57 11.92 0.80
C GLN A 44 12.66 11.55 -0.21
N PHE A 45 12.25 11.09 -1.39
CA PHE A 45 13.19 10.71 -2.43
C PHE A 45 13.41 11.85 -3.42
N HIS A 46 12.31 12.38 -3.96
CA HIS A 46 12.37 13.47 -4.91
C HIS A 46 10.98 13.95 -5.28
N LEU A 47 10.08 13.95 -4.31
CA LEU A 47 8.70 14.39 -4.53
C LEU A 47 8.39 15.64 -3.72
N ALA A 48 8.82 16.79 -4.22
CA ALA A 48 8.59 18.07 -3.54
C ALA A 48 8.05 19.11 -4.52
N ARG A 49 6.74 19.29 -4.52
CA ARG A 49 6.10 20.27 -5.40
C ARG A 49 6.31 19.90 -6.87
N GLY A 50 5.22 19.84 -7.62
CA GLY A 50 5.31 19.50 -9.03
C GLY A 50 5.05 18.04 -9.29
N GLU A 51 5.53 17.18 -8.39
CA GLU A 51 5.34 15.74 -8.52
C GLU A 51 4.35 15.22 -7.47
N LEU A 52 4.47 15.74 -6.26
CA LEU A 52 3.60 15.32 -5.17
C LEU A 52 2.16 15.74 -5.43
N GLU A 53 1.99 16.91 -6.05
CA GLU A 53 0.66 17.42 -6.37
C GLU A 53 0.14 16.81 -7.67
N SER A 54 1.06 16.53 -8.59
CA SER A 54 0.70 15.95 -9.88
C SER A 54 0.27 14.49 -9.71
N LEU A 55 0.77 13.84 -8.66
CA LEU A 55 0.44 12.45 -8.40
C LEU A 55 -1.07 12.25 -8.31
N SER A 56 -1.57 11.17 -8.92
CA SER A 56 -2.99 10.87 -8.91
C SER A 56 -3.25 9.49 -8.33
N GLN A 57 -4.49 9.02 -8.45
CA GLN A 57 -4.86 7.71 -7.93
C GLN A 57 -4.15 6.60 -8.69
N VAL A 58 -3.88 6.85 -9.98
CA VAL A 58 -3.21 5.87 -10.82
C VAL A 58 -1.70 6.13 -10.88
N ASP A 59 -1.34 7.41 -11.00
CA ASP A 59 0.07 7.80 -11.07
C ASP A 59 0.78 7.50 -9.75
N LEU A 60 0.04 7.58 -8.65
CA LEU A 60 0.61 7.32 -7.34
C LEU A 60 0.94 5.84 -7.17
N ALA A 61 -0.07 5.00 -7.35
CA ALA A 61 0.10 3.55 -7.21
C ALA A 61 1.19 3.04 -8.15
N SER A 62 1.35 3.71 -9.28
CA SER A 62 2.36 3.33 -10.26
C SER A 62 3.73 3.87 -9.88
N LYS A 63 3.75 5.02 -9.22
CA LYS A 63 4.99 5.65 -8.79
C LYS A 63 5.65 4.85 -7.67
N LEU A 64 4.84 4.42 -6.71
CA LEU A 64 5.34 3.64 -5.58
C LEU A 64 6.01 2.35 -6.06
N ILE A 65 5.52 1.82 -7.18
CA ILE A 65 6.07 0.60 -7.74
C ILE A 65 7.27 0.88 -8.63
N SER A 66 7.26 2.05 -9.27
CA SER A 66 8.35 2.45 -10.16
C SER A 66 9.54 2.95 -9.35
N MET A 67 9.27 3.55 -8.20
CA MET A 67 10.33 4.08 -7.35
C MET A 67 10.94 2.97 -6.50
N TYR A 68 10.11 2.32 -5.69
CA TYR A 68 10.56 1.24 -4.83
C TYR A 68 10.19 -0.13 -5.41
N GLY A 69 8.89 -0.40 -5.49
CA GLY A 69 8.43 -1.65 -6.03
C GLY A 69 7.04 -2.00 -5.55
N ALA A 70 6.48 -3.09 -6.10
CA ALA A 70 5.14 -3.53 -5.73
C ALA A 70 5.12 -4.08 -4.31
N GLN A 71 6.25 -4.61 -3.86
CA GLN A 71 6.35 -5.17 -2.52
C GLN A 71 6.53 -4.06 -1.47
N GLU A 72 7.19 -2.97 -1.87
CA GLU A 72 7.42 -1.86 -0.98
C GLU A 72 6.33 -0.81 -1.10
N ALA A 73 5.74 -0.71 -2.29
CA ALA A 73 4.68 0.26 -2.56
C ALA A 73 3.52 0.08 -1.58
N VAL A 74 3.07 -1.17 -1.43
CA VAL A 74 1.96 -1.47 -0.54
C VAL A 74 2.35 -1.20 0.92
N ARG A 75 3.63 -1.36 1.22
CA ARG A 75 4.13 -1.14 2.58
C ARG A 75 4.14 0.35 2.91
N VAL A 76 4.59 1.16 1.97
CA VAL A 76 4.65 2.61 2.17
C VAL A 76 3.26 3.18 2.47
N VAL A 77 2.29 2.81 1.64
CA VAL A 77 0.93 3.29 1.81
C VAL A 77 0.34 2.81 3.14
N SER A 78 0.59 1.54 3.47
CA SER A 78 0.09 0.98 4.71
C SER A 78 0.64 1.71 5.93
N ARG A 79 1.87 2.22 5.79
CA ARG A 79 2.50 2.95 6.87
C ARG A 79 1.82 4.30 7.11
N SER A 80 1.31 4.90 6.04
CA SER A 80 0.64 6.18 6.13
C SER A 80 -0.82 5.99 6.57
N LEU A 81 -1.40 4.86 6.19
CA LEU A 81 -2.79 4.57 6.54
C LEU A 81 -2.97 4.53 8.05
N LEU A 82 -1.93 4.12 8.75
CA LEU A 82 -1.97 4.03 10.21
C LEU A 82 -2.12 5.41 10.83
N ALA A 83 -1.42 6.39 10.27
CA ALA A 83 -1.48 7.76 10.76
C ALA A 83 -2.90 8.31 10.70
N MET A 84 -3.58 8.03 9.59
CA MET A 84 -4.96 8.50 9.39
C MET A 84 -5.96 7.58 10.07
N ASN A 85 -5.46 6.52 10.71
CA ASN A 85 -6.33 5.57 11.40
C ASN A 85 -7.28 4.89 10.43
N LEU A 86 -6.77 3.90 9.69
CA LEU A 86 -7.59 3.18 8.73
C LEU A 86 -7.15 1.72 8.61
N MET A 87 -7.44 0.95 9.65
CA MET A 87 -7.06 -0.47 9.67
C MET A 87 -7.73 -1.22 8.52
N GLU A 88 -8.85 -0.70 8.02
CA GLU A 88 -9.57 -1.33 6.93
C GLU A 88 -8.66 -1.55 5.73
N LEU A 89 -8.01 -0.49 5.28
CA LEU A 89 -7.11 -0.56 4.13
C LEU A 89 -5.80 -1.25 4.51
N VAL A 90 -5.33 -0.99 5.72
CA VAL A 90 -4.08 -1.59 6.20
C VAL A 90 -4.23 -3.09 6.36
N ASP A 91 -5.41 -3.54 6.76
CA ASP A 91 -5.67 -4.95 6.95
C ASP A 91 -5.67 -5.70 5.62
N TYR A 92 -6.05 -4.99 4.56
CA TYR A 92 -6.08 -5.58 3.22
C TYR A 92 -4.73 -5.46 2.53
N LEU A 93 -4.01 -4.39 2.83
CA LEU A 93 -2.70 -4.15 2.24
C LEU A 93 -1.63 -5.00 2.93
N ASN A 94 -1.82 -5.23 4.23
CA ASN A 94 -0.87 -6.02 5.00
C ASN A 94 -0.88 -7.48 4.54
N GLN A 95 -2.06 -7.99 4.20
CA GLN A 95 -2.20 -9.37 3.75
C GLN A 95 -1.49 -9.57 2.42
N VAL A 96 -1.78 -8.70 1.46
CA VAL A 96 -1.18 -8.79 0.14
C VAL A 96 0.30 -8.44 0.19
N CYS A 97 1.14 -9.38 -0.26
CA CYS A 97 2.58 -9.18 -0.27
C CYS A 97 3.23 -9.91 -1.43
N LEU A 98 2.86 -11.18 -1.60
CA LEU A 98 3.40 -12.00 -2.68
C LEU A 98 4.91 -12.13 -2.54
N ASN A 99 5.41 -12.11 -1.31
CA ASN A 99 6.83 -12.23 -1.05
C ASN A 99 7.16 -13.62 -0.50
N ASP A 100 7.51 -14.54 -1.39
CA ASP A 100 7.84 -15.90 -1.00
C ASP A 100 6.68 -16.57 -0.30
N TYR A 101 5.74 -17.10 -1.08
CA TYR A 101 4.56 -17.77 -0.54
C TYR A 101 4.00 -18.77 -1.54
N ARG A 102 3.47 -18.27 -2.65
CA ARG A 102 2.90 -19.11 -3.69
C ARG A 102 1.74 -19.94 -3.13
N GLU A 103 1.06 -19.40 -2.13
CA GLU A 103 -0.08 -20.07 -1.51
C GLU A 103 0.34 -21.43 -0.97
N ILE A 104 1.59 -21.55 -0.54
CA ILE A 104 2.10 -22.80 0.00
C ILE A 104 3.12 -22.55 1.10
N TYR A 105 3.59 -23.63 1.73
CA TYR A 105 4.57 -23.52 2.81
C TYR A 105 4.03 -22.67 3.95
N ARG A 106 2.72 -22.63 4.09
CA ARG A 106 2.07 -21.86 5.15
C ARG A 106 0.55 -22.00 5.08
N GLU A 107 0.01 -21.86 3.88
CA GLU A 107 -1.43 -21.96 3.67
C GLU A 107 -1.90 -23.41 3.81
N HIS A 108 -3.20 -23.62 3.66
CA HIS A 108 -3.77 -24.96 3.78
C HIS A 108 -4.45 -25.36 2.47
N VAL A 109 -3.75 -26.16 1.67
CA VAL A 109 -4.29 -26.62 0.39
C VAL A 109 -4.49 -28.12 0.40
N SER A 110 -3.54 -28.85 0.99
CA SER A 110 -3.61 -30.30 1.06
C SER A 110 -3.35 -30.79 2.48
N GLY A 111 -4.43 -30.92 3.25
CA GLY A 111 -4.30 -31.38 4.62
C GLY A 111 -4.49 -32.88 4.76
N PRO A 112 -5.02 -33.35 5.90
CA PRO A 112 -5.24 -34.78 6.13
C PRO A 112 -6.03 -35.43 5.00
N SER A 113 -5.35 -36.28 4.23
CA SER A 113 -5.99 -36.97 3.11
C SER A 113 -5.47 -38.40 2.99
N SER A 114 -6.39 -39.36 2.93
CA SER A 114 -6.03 -40.76 2.81
C SER A 114 -6.56 -41.36 1.51
N GLY A 115 -6.11 -42.57 1.18
CA GLY A 115 -6.55 -43.23 -0.03
C GLY A 115 -5.61 -43.00 -1.19
N GLY A 1 -26.04 -18.45 16.93
CA GLY A 1 -27.32 -18.58 16.18
C GLY A 1 -27.14 -18.39 14.69
N SER A 2 -26.11 -19.02 14.13
CA SER A 2 -25.84 -18.91 12.70
C SER A 2 -25.57 -17.46 12.31
N SER A 3 -25.00 -16.69 13.24
CA SER A 3 -24.68 -15.29 12.99
C SER A 3 -23.18 -15.08 12.85
N GLY A 4 -22.74 -14.81 11.62
CA GLY A 4 -21.32 -14.60 11.37
C GLY A 4 -20.77 -15.55 10.35
N SER A 5 -20.37 -15.01 9.20
CA SER A 5 -19.81 -15.83 8.13
C SER A 5 -18.40 -15.38 7.78
N SER A 6 -18.27 -14.17 7.24
CA SER A 6 -16.98 -13.62 6.87
C SER A 6 -16.30 -14.50 5.82
N GLY A 7 -16.32 -14.04 4.58
CA GLY A 7 -15.70 -14.79 3.49
C GLY A 7 -14.53 -14.06 2.87
N MET A 8 -14.82 -13.19 1.91
CA MET A 8 -13.79 -12.42 1.23
C MET A 8 -13.65 -11.03 1.85
N ALA A 9 -12.67 -10.27 1.37
CA ALA A 9 -12.43 -8.93 1.87
C ALA A 9 -12.38 -7.92 0.73
N LEU A 10 -13.39 -7.06 0.66
CA LEU A 10 -13.46 -6.04 -0.38
C LEU A 10 -13.55 -6.68 -1.77
N ALA A 11 -12.41 -7.10 -2.29
CA ALA A 11 -12.36 -7.72 -3.61
C ALA A 11 -11.17 -8.67 -3.73
N ARG A 12 -11.17 -9.49 -4.77
CA ARG A 12 -10.09 -10.44 -5.00
C ARG A 12 -9.03 -9.86 -5.92
N ALA A 13 -7.79 -9.81 -5.44
CA ALA A 13 -6.69 -9.27 -6.22
C ALA A 13 -5.71 -10.37 -6.62
N ASN A 14 -5.23 -10.32 -7.86
CA ASN A 14 -4.30 -11.31 -8.36
C ASN A 14 -2.87 -11.00 -7.90
N SER A 15 -2.54 -9.71 -7.88
CA SER A 15 -1.22 -9.26 -7.47
C SER A 15 -1.31 -8.02 -6.58
N PRO A 16 -0.22 -7.68 -5.88
CA PRO A 16 -0.18 -6.50 -5.00
C PRO A 16 -0.36 -5.19 -5.78
N GLN A 17 -0.01 -5.22 -7.06
CA GLN A 17 -0.13 -4.04 -7.91
C GLN A 17 -1.59 -3.61 -8.05
N GLU A 18 -2.41 -4.51 -8.58
CA GLU A 18 -3.83 -4.23 -8.77
C GLU A 18 -4.51 -3.94 -7.43
N ALA A 19 -4.24 -4.77 -6.44
CA ALA A 19 -4.83 -4.60 -5.12
C ALA A 19 -4.45 -3.25 -4.52
N LEU A 20 -3.27 -2.75 -4.89
CA LEU A 20 -2.80 -1.47 -4.39
C LEU A 20 -3.53 -0.31 -5.06
N LEU A 21 -3.70 -0.42 -6.38
CA LEU A 21 -4.39 0.62 -7.14
C LEU A 21 -5.83 0.78 -6.68
N TRP A 22 -6.42 -0.32 -6.23
CA TRP A 22 -7.79 -0.31 -5.76
C TRP A 22 -7.90 0.41 -4.41
N ALA A 23 -6.85 0.31 -3.61
CA ALA A 23 -6.83 0.96 -2.30
C ALA A 23 -6.63 2.46 -2.43
N LEU A 24 -5.73 2.86 -3.32
CA LEU A 24 -5.45 4.27 -3.54
C LEU A 24 -6.64 4.97 -4.17
N ASN A 25 -7.40 4.24 -4.99
CA ASN A 25 -8.57 4.79 -5.65
C ASN A 25 -9.73 4.96 -4.67
N ASP A 26 -9.78 4.07 -3.68
CA ASP A 26 -10.84 4.13 -2.68
C ASP A 26 -10.79 5.44 -1.90
N LEU A 27 -9.58 5.98 -1.75
CA LEU A 27 -9.40 7.23 -1.02
C LEU A 27 -10.21 8.36 -1.64
N GLU A 28 -10.91 9.11 -0.80
CA GLU A 28 -11.73 10.22 -1.26
C GLU A 28 -10.93 11.52 -1.29
N GLU A 29 -11.57 12.59 -1.77
CA GLU A 29 -10.91 13.89 -1.84
C GLU A 29 -10.58 14.43 -0.45
N ASN A 30 -11.40 14.04 0.53
CA ASN A 30 -11.20 14.49 1.91
C ASN A 30 -10.01 13.78 2.54
N SER A 31 -9.74 12.55 2.10
CA SER A 31 -8.62 11.78 2.63
C SER A 31 -7.38 11.97 1.78
N PHE A 32 -7.54 11.97 0.46
CA PHE A 32 -6.42 12.15 -0.45
C PHE A 32 -5.80 13.53 -0.29
N LYS A 33 -6.62 14.50 0.08
CA LYS A 33 -6.14 15.87 0.28
C LYS A 33 -5.12 15.95 1.41
N THR A 34 -5.26 15.05 2.39
CA THR A 34 -4.36 15.02 3.53
C THR A 34 -3.24 14.01 3.31
N LEU A 35 -3.61 12.85 2.75
CA LEU A 35 -2.63 11.80 2.49
C LEU A 35 -1.59 12.25 1.47
N LYS A 36 -2.02 13.08 0.53
CA LYS A 36 -1.13 13.58 -0.52
C LYS A 36 0.03 14.37 0.09
N PHE A 37 -0.23 15.03 1.23
CA PHE A 37 0.78 15.81 1.90
C PHE A 37 1.65 14.94 2.80
N HIS A 38 1.04 13.90 3.36
CA HIS A 38 1.77 12.98 4.24
C HIS A 38 2.76 12.13 3.47
N LEU A 39 2.61 12.08 2.15
CA LEU A 39 3.50 11.30 1.30
C LEU A 39 4.96 11.71 1.49
N ARG A 40 5.18 13.01 1.65
CA ARG A 40 6.53 13.53 1.84
C ARG A 40 7.18 12.93 3.08
N ASP A 41 6.36 12.56 4.06
CA ASP A 41 6.86 11.96 5.29
C ASP A 41 7.30 10.52 5.07
N VAL A 42 6.37 9.68 4.64
CA VAL A 42 6.68 8.28 4.38
C VAL A 42 7.75 8.13 3.30
N THR A 43 7.66 8.97 2.27
CA THR A 43 8.63 8.93 1.18
C THR A 43 9.37 10.25 1.06
N GLN A 44 10.68 10.17 0.81
CA GLN A 44 11.50 11.36 0.67
C GLN A 44 12.53 11.18 -0.45
N PHE A 45 12.17 10.42 -1.46
CA PHE A 45 13.05 10.17 -2.60
C PHE A 45 13.26 11.44 -3.42
N HIS A 46 12.18 11.90 -4.06
CA HIS A 46 12.25 13.11 -4.87
C HIS A 46 10.89 13.79 -4.96
N LEU A 47 10.10 13.65 -3.90
CA LEU A 47 8.76 14.25 -3.86
C LEU A 47 8.72 15.41 -2.88
N ALA A 48 8.65 16.62 -3.41
CA ALA A 48 8.60 17.82 -2.58
C ALA A 48 7.72 18.89 -3.23
N ARG A 49 7.95 19.17 -4.50
CA ARG A 49 7.18 20.17 -5.22
C ARG A 49 7.15 19.87 -6.71
N GLY A 50 5.95 19.67 -7.25
CA GLY A 50 5.80 19.37 -8.66
C GLY A 50 5.71 17.89 -8.94
N GLU A 51 6.33 17.08 -8.08
CA GLU A 51 6.32 15.64 -8.23
C GLU A 51 5.29 15.00 -7.30
N LEU A 52 5.07 15.63 -6.16
CA LEU A 52 4.11 15.12 -5.17
C LEU A 52 2.71 15.62 -5.48
N GLU A 53 2.61 16.86 -5.95
CA GLU A 53 1.33 17.45 -6.28
C GLU A 53 0.78 16.88 -7.58
N SER A 54 1.63 16.79 -8.59
CA SER A 54 1.23 16.25 -9.89
C SER A 54 0.79 14.80 -9.77
N LEU A 55 1.34 14.09 -8.78
CA LEU A 55 1.01 12.69 -8.57
C LEU A 55 -0.49 12.52 -8.32
N SER A 56 -1.13 11.66 -9.11
CA SER A 56 -2.56 11.41 -8.97
C SER A 56 -2.81 10.06 -8.30
N GLN A 57 -4.07 9.63 -8.30
CA GLN A 57 -4.43 8.35 -7.68
C GLN A 57 -3.78 7.19 -8.42
N VAL A 58 -4.15 6.99 -9.67
CA VAL A 58 -3.60 5.91 -10.48
C VAL A 58 -2.12 6.14 -10.76
N ASP A 59 -1.72 7.40 -10.84
CA ASP A 59 -0.33 7.75 -11.12
C ASP A 59 0.55 7.47 -9.90
N LEU A 60 -0.02 7.63 -8.71
CA LEU A 60 0.71 7.39 -7.47
C LEU A 60 1.04 5.90 -7.31
N ALA A 61 0.01 5.06 -7.43
CA ALA A 61 0.19 3.62 -7.30
C ALA A 61 1.27 3.10 -8.25
N SER A 62 1.22 3.56 -9.50
CA SER A 62 2.19 3.15 -10.51
C SER A 62 3.59 3.69 -10.17
N LYS A 63 3.63 4.84 -9.50
CA LYS A 63 4.89 5.46 -9.14
C LYS A 63 5.57 4.68 -8.02
N LEU A 64 4.79 4.26 -7.03
CA LEU A 64 5.32 3.50 -5.90
C LEU A 64 5.98 2.21 -6.37
N ILE A 65 5.43 1.64 -7.45
CA ILE A 65 5.96 0.40 -7.99
C ILE A 65 7.14 0.65 -8.92
N SER A 66 7.10 1.78 -9.63
CA SER A 66 8.16 2.15 -10.54
C SER A 66 9.37 2.69 -9.79
N MET A 67 9.11 3.34 -8.66
CA MET A 67 10.18 3.91 -7.84
C MET A 67 10.82 2.85 -6.95
N TYR A 68 9.99 2.14 -6.20
CA TYR A 68 10.47 1.09 -5.30
C TYR A 68 10.11 -0.29 -5.84
N GLY A 69 8.82 -0.60 -5.88
CA GLY A 69 8.38 -1.89 -6.37
C GLY A 69 6.99 -2.25 -5.90
N ALA A 70 6.39 -3.26 -6.52
CA ALA A 70 5.05 -3.70 -6.15
C ALA A 70 5.02 -4.16 -4.69
N GLN A 71 6.14 -4.67 -4.20
CA GLN A 71 6.23 -5.15 -2.83
C GLN A 71 6.29 -3.99 -1.85
N GLU A 72 7.18 -3.04 -2.11
CA GLU A 72 7.35 -1.88 -1.25
C GLU A 72 6.21 -0.89 -1.43
N ALA A 73 5.63 -0.88 -2.64
CA ALA A 73 4.52 0.03 -2.94
C ALA A 73 3.38 -0.12 -1.93
N VAL A 74 3.25 -1.31 -1.37
CA VAL A 74 2.20 -1.58 -0.39
C VAL A 74 2.67 -1.22 1.03
N ARG A 75 3.98 -1.32 1.25
CA ARG A 75 4.54 -1.02 2.56
C ARG A 75 4.52 0.49 2.83
N VAL A 76 4.64 1.27 1.76
CA VAL A 76 4.64 2.73 1.88
C VAL A 76 3.27 3.24 2.32
N VAL A 77 2.24 2.91 1.55
CA VAL A 77 0.88 3.34 1.84
C VAL A 77 0.44 2.86 3.22
N SER A 78 0.74 1.60 3.54
CA SER A 78 0.38 1.02 4.82
C SER A 78 1.00 1.81 5.97
N ARG A 79 2.17 2.39 5.72
CA ARG A 79 2.87 3.17 6.72
C ARG A 79 2.21 4.53 6.92
N SER A 80 1.62 5.06 5.86
CA SER A 80 0.96 6.36 5.91
C SER A 80 -0.41 6.24 6.56
N LEU A 81 -1.05 5.09 6.38
CA LEU A 81 -2.38 4.85 6.93
C LEU A 81 -2.34 4.92 8.46
N LEU A 82 -1.21 4.53 9.04
CA LEU A 82 -1.05 4.54 10.49
C LEU A 82 -1.19 5.96 11.04
N ALA A 83 -0.71 6.93 10.28
CA ALA A 83 -0.78 8.33 10.70
C ALA A 83 -2.21 8.86 10.58
N MET A 84 -2.93 8.37 9.58
CA MET A 84 -4.31 8.80 9.36
C MET A 84 -5.29 7.96 10.18
N ASN A 85 -4.77 7.01 10.95
CA ASN A 85 -5.61 6.15 11.77
C ASN A 85 -6.56 5.33 10.91
N LEU A 86 -6.03 4.25 10.33
CA LEU A 86 -6.83 3.37 9.47
C LEU A 86 -6.35 1.93 9.58
N MET A 87 -7.28 1.03 9.87
CA MET A 87 -6.96 -0.39 10.00
C MET A 87 -7.56 -1.20 8.86
N GLU A 88 -8.70 -0.75 8.36
CA GLU A 88 -9.38 -1.43 7.25
C GLU A 88 -8.48 -1.53 6.03
N LEU A 89 -7.89 -0.40 5.64
CA LEU A 89 -7.00 -0.36 4.48
C LEU A 89 -5.70 -1.10 4.76
N VAL A 90 -5.24 -1.02 6.01
CA VAL A 90 -3.99 -1.69 6.41
C VAL A 90 -4.20 -3.19 6.52
N ASP A 91 -5.42 -3.61 6.84
CA ASP A 91 -5.75 -5.02 6.98
C ASP A 91 -5.67 -5.74 5.64
N TYR A 92 -6.05 -5.02 4.58
CA TYR A 92 -6.03 -5.59 3.23
C TYR A 92 -4.63 -5.50 2.63
N LEU A 93 -3.89 -4.47 3.03
CA LEU A 93 -2.54 -4.28 2.52
C LEU A 93 -1.53 -5.09 3.34
N ASN A 94 -1.84 -5.32 4.61
CA ASN A 94 -0.96 -6.08 5.49
C ASN A 94 -0.70 -7.47 4.93
N GLN A 95 -1.78 -8.18 4.59
CA GLN A 95 -1.67 -9.53 4.04
C GLN A 95 -0.98 -9.51 2.68
N VAL A 96 -1.20 -8.43 1.93
CA VAL A 96 -0.59 -8.29 0.61
C VAL A 96 0.83 -7.75 0.71
N CYS A 97 1.80 -8.65 0.65
CA CYS A 97 3.21 -8.27 0.74
C CYS A 97 4.12 -9.46 0.47
N LEU A 98 4.49 -9.64 -0.79
CA LEU A 98 5.36 -10.75 -1.19
C LEU A 98 6.79 -10.51 -0.72
N ASN A 99 7.00 -10.62 0.60
CA ASN A 99 8.32 -10.41 1.18
C ASN A 99 8.51 -11.27 2.42
N ASP A 100 7.92 -12.47 2.40
CA ASP A 100 8.02 -13.40 3.52
C ASP A 100 8.42 -14.79 3.04
N TYR A 101 9.09 -15.54 3.90
CA TYR A 101 9.54 -16.88 3.57
C TYR A 101 10.48 -16.88 2.38
N ARG A 102 11.75 -17.21 2.62
CA ARG A 102 12.76 -17.23 1.56
C ARG A 102 13.61 -18.49 1.66
N GLU A 103 12.97 -19.62 1.96
CA GLU A 103 13.67 -20.89 2.08
C GLU A 103 12.68 -22.05 2.12
N ILE A 104 12.62 -22.81 1.04
CA ILE A 104 11.72 -23.95 0.94
C ILE A 104 12.48 -25.28 0.98
N TYR A 105 13.76 -25.22 0.63
CA TYR A 105 14.60 -26.41 0.62
C TYR A 105 16.08 -26.04 0.50
N ARG A 106 16.44 -24.90 1.07
CA ARG A 106 17.82 -24.43 1.04
C ARG A 106 18.31 -24.29 -0.39
N GLU A 107 17.96 -23.18 -1.03
CA GLU A 107 18.36 -22.91 -2.41
C GLU A 107 18.00 -21.49 -2.82
N HIS A 108 16.82 -21.04 -2.42
CA HIS A 108 16.36 -19.69 -2.75
C HIS A 108 17.37 -18.64 -2.29
N VAL A 109 18.07 -18.03 -3.24
CA VAL A 109 19.06 -17.02 -2.93
C VAL A 109 18.39 -15.70 -2.54
N SER A 110 17.22 -15.44 -3.13
CA SER A 110 16.48 -14.22 -2.84
C SER A 110 17.30 -12.99 -3.20
N GLY A 111 16.92 -12.33 -4.29
CA GLY A 111 17.62 -11.14 -4.73
C GLY A 111 18.26 -11.32 -6.10
N PRO A 112 19.41 -10.65 -6.35
CA PRO A 112 20.10 -10.75 -7.64
C PRO A 112 20.73 -12.13 -7.85
N SER A 113 20.03 -12.98 -8.58
CA SER A 113 20.52 -14.34 -8.86
C SER A 113 20.32 -14.70 -10.32
N SER A 114 21.37 -15.23 -10.94
CA SER A 114 21.31 -15.62 -12.34
C SER A 114 20.27 -16.72 -12.56
N GLY A 115 20.20 -17.22 -13.80
CA GLY A 115 19.25 -18.27 -14.10
C GLY A 115 17.95 -17.74 -14.68
N GLY A 1 -5.30 -21.12 3.32
CA GLY A 1 -5.50 -20.28 4.54
C GLY A 1 -6.89 -19.71 4.62
N SER A 2 -7.89 -20.58 4.68
CA SER A 2 -9.28 -20.16 4.77
C SER A 2 -9.53 -19.37 6.06
N SER A 3 -10.65 -18.66 6.10
CA SER A 3 -11.00 -17.87 7.27
C SER A 3 -12.35 -18.33 7.84
N GLY A 4 -12.74 -17.73 8.97
CA GLY A 4 -13.99 -18.07 9.60
C GLY A 4 -15.14 -17.17 9.18
N SER A 5 -15.26 -16.94 7.87
CA SER A 5 -16.31 -16.09 7.34
C SER A 5 -16.18 -14.67 7.88
N SER A 6 -15.44 -13.83 7.17
CA SER A 6 -15.25 -12.44 7.58
C SER A 6 -16.45 -11.59 7.21
N GLY A 7 -17.00 -11.83 6.02
CA GLY A 7 -18.16 -11.07 5.57
C GLY A 7 -17.86 -10.26 4.32
N MET A 8 -18.57 -9.14 4.18
CA MET A 8 -18.37 -8.27 3.01
C MET A 8 -16.95 -7.73 2.97
N ALA A 9 -16.11 -8.36 2.14
CA ALA A 9 -14.73 -7.93 2.00
C ALA A 9 -14.53 -7.07 0.76
N LEU A 10 -15.57 -6.33 0.40
CA LEU A 10 -15.52 -5.45 -0.77
C LEU A 10 -15.33 -6.26 -2.05
N ALA A 11 -14.09 -6.67 -2.32
CA ALA A 11 -13.78 -7.45 -3.50
C ALA A 11 -12.51 -8.26 -3.32
N ARG A 12 -12.13 -9.02 -4.34
CA ARG A 12 -10.92 -9.84 -4.29
C ARG A 12 -9.91 -9.39 -5.33
N ALA A 13 -8.66 -9.24 -4.92
CA ALA A 13 -7.59 -8.83 -5.83
C ALA A 13 -6.84 -10.03 -6.37
N ASN A 14 -5.82 -9.76 -7.20
CA ASN A 14 -5.02 -10.82 -7.78
C ASN A 14 -3.53 -10.57 -7.56
N SER A 15 -3.05 -9.44 -8.06
CA SER A 15 -1.65 -9.07 -7.91
C SER A 15 -1.49 -7.85 -7.01
N PRO A 16 -0.27 -7.61 -6.49
CA PRO A 16 0.00 -6.48 -5.60
C PRO A 16 -0.14 -5.14 -6.33
N GLN A 17 0.07 -5.16 -7.64
CA GLN A 17 -0.02 -3.94 -8.45
C GLN A 17 -1.46 -3.44 -8.51
N GLU A 18 -2.41 -4.39 -8.53
CA GLU A 18 -3.82 -4.05 -8.59
C GLU A 18 -4.36 -3.72 -7.20
N ALA A 19 -3.96 -4.51 -6.21
CA ALA A 19 -4.40 -4.30 -4.85
C ALA A 19 -3.99 -2.92 -4.34
N LEU A 20 -2.86 -2.43 -4.84
CA LEU A 20 -2.35 -1.13 -4.44
C LEU A 20 -3.14 -0.01 -5.10
N LEU A 21 -3.39 -0.15 -6.40
CA LEU A 21 -4.14 0.84 -7.16
C LEU A 21 -5.60 0.90 -6.70
N TRP A 22 -6.13 -0.26 -6.32
CA TRP A 22 -7.51 -0.35 -5.86
C TRP A 22 -7.68 0.36 -4.51
N ALA A 23 -6.63 0.34 -3.71
CA ALA A 23 -6.66 0.97 -2.39
C ALA A 23 -6.67 2.50 -2.52
N LEU A 24 -5.94 3.01 -3.51
CA LEU A 24 -5.86 4.45 -3.73
C LEU A 24 -7.16 4.97 -4.31
N ASN A 25 -7.78 4.19 -5.19
CA ASN A 25 -9.03 4.58 -5.83
C ASN A 25 -10.19 4.47 -4.84
N ASP A 26 -10.09 3.52 -3.91
CA ASP A 26 -11.13 3.31 -2.91
C ASP A 26 -11.07 4.38 -1.83
N LEU A 27 -9.93 5.03 -1.70
CA LEU A 27 -9.74 6.08 -0.69
C LEU A 27 -10.84 7.14 -0.81
N GLU A 28 -10.86 8.07 0.15
CA GLU A 28 -11.85 9.14 0.15
C GLU A 28 -11.27 10.44 -0.38
N GLU A 29 -12.06 11.51 -0.32
CA GLU A 29 -11.61 12.81 -0.80
C GLU A 29 -10.74 13.50 0.24
N ASN A 30 -11.15 13.42 1.50
CA ASN A 30 -10.40 14.05 2.58
C ASN A 30 -9.23 13.17 3.01
N SER A 31 -9.42 11.86 2.92
CA SER A 31 -8.39 10.91 3.30
C SER A 31 -7.21 10.96 2.32
N PHE A 32 -7.51 11.28 1.06
CA PHE A 32 -6.50 11.35 0.03
C PHE A 32 -5.81 12.72 0.03
N LYS A 33 -6.60 13.77 0.27
CA LYS A 33 -6.07 15.13 0.30
C LYS A 33 -5.01 15.27 1.38
N THR A 34 -5.32 14.81 2.59
CA THR A 34 -4.39 14.89 3.71
C THR A 34 -3.24 13.91 3.53
N LEU A 35 -3.55 12.71 3.06
CA LEU A 35 -2.54 11.68 2.84
C LEU A 35 -1.56 12.10 1.75
N LYS A 36 -2.02 12.95 0.83
CA LYS A 36 -1.18 13.43 -0.26
C LYS A 36 0.08 14.09 0.27
N PHE A 37 -0.05 14.79 1.39
CA PHE A 37 1.09 15.47 2.00
C PHE A 37 1.95 14.50 2.79
N HIS A 38 1.32 13.49 3.37
CA HIS A 38 2.03 12.49 4.16
C HIS A 38 3.00 11.69 3.29
N LEU A 39 2.69 11.61 1.99
CA LEU A 39 3.54 10.88 1.05
C LEU A 39 4.97 11.40 1.08
N ARG A 40 5.12 12.68 1.38
CA ARG A 40 6.45 13.30 1.44
C ARG A 40 7.25 12.74 2.61
N ASP A 41 6.55 12.36 3.67
CA ASP A 41 7.21 11.82 4.85
C ASP A 41 7.73 10.40 4.59
N VAL A 42 6.87 9.56 4.03
CA VAL A 42 7.23 8.18 3.73
C VAL A 42 8.27 8.12 2.63
N THR A 43 8.19 9.04 1.67
CA THR A 43 9.12 9.08 0.55
C THR A 43 10.42 9.77 0.96
N GLN A 44 10.34 11.06 1.23
CA GLN A 44 11.50 11.84 1.63
C GLN A 44 12.57 11.83 0.54
N PHE A 45 12.13 11.85 -0.71
CA PHE A 45 13.04 11.84 -1.85
C PHE A 45 13.24 13.25 -2.40
N HIS A 46 12.18 13.80 -2.99
CA HIS A 46 12.25 15.14 -3.56
C HIS A 46 10.89 15.56 -4.11
N LEU A 47 9.82 15.17 -3.42
CA LEU A 47 8.47 15.50 -3.84
C LEU A 47 7.85 16.56 -2.92
N ALA A 48 8.38 17.78 -3.00
CA ALA A 48 7.88 18.88 -2.19
C ALA A 48 6.75 19.62 -2.88
N ARG A 49 7.01 20.08 -4.10
CA ARG A 49 6.00 20.80 -4.88
C ARG A 49 6.29 20.68 -6.37
N GLY A 50 5.22 20.55 -7.17
CA GLY A 50 5.37 20.44 -8.60
C GLY A 50 5.31 19.00 -9.07
N GLU A 51 5.81 18.08 -8.24
CA GLU A 51 5.81 16.67 -8.59
C GLU A 51 4.87 15.88 -7.69
N LEU A 52 4.76 16.31 -6.43
CA LEU A 52 3.88 15.66 -5.47
C LEU A 52 2.42 15.97 -5.76
N GLU A 53 2.17 17.19 -6.24
CA GLU A 53 0.80 17.61 -6.55
C GLU A 53 0.35 17.04 -7.89
N SER A 54 1.27 17.00 -8.86
CA SER A 54 0.97 16.47 -10.18
C SER A 54 0.60 14.99 -10.11
N LEU A 55 1.16 14.29 -9.13
CA LEU A 55 0.89 12.87 -8.95
C LEU A 55 -0.60 12.62 -8.75
N SER A 56 -1.15 11.69 -9.52
CA SER A 56 -2.56 11.35 -9.43
C SER A 56 -2.76 10.02 -8.71
N GLN A 57 -4.01 9.56 -8.64
CA GLN A 57 -4.33 8.31 -7.97
C GLN A 57 -3.82 7.12 -8.79
N VAL A 58 -3.80 7.28 -10.10
CA VAL A 58 -3.34 6.22 -11.00
C VAL A 58 -1.82 6.23 -11.13
N ASP A 59 -1.25 7.43 -11.12
CA ASP A 59 0.20 7.58 -11.24
C ASP A 59 0.90 7.26 -9.92
N LEU A 60 0.20 7.51 -8.82
CA LEU A 60 0.75 7.24 -7.50
C LEU A 60 1.11 5.76 -7.34
N ALA A 61 0.12 4.91 -7.59
CA ALA A 61 0.33 3.46 -7.48
C ALA A 61 1.42 2.98 -8.43
N SER A 62 1.60 3.69 -9.54
CA SER A 62 2.61 3.33 -10.53
C SER A 62 3.96 3.93 -10.17
N LYS A 63 3.94 5.07 -9.50
CA LYS A 63 5.17 5.74 -9.10
C LYS A 63 5.87 5.00 -7.97
N LEU A 64 5.08 4.39 -7.09
CA LEU A 64 5.61 3.64 -5.97
C LEU A 64 6.24 2.33 -6.43
N ILE A 65 5.69 1.76 -7.50
CA ILE A 65 6.20 0.51 -8.05
C ILE A 65 7.38 0.75 -8.98
N SER A 66 7.34 1.87 -9.70
CA SER A 66 8.41 2.21 -10.63
C SER A 66 9.64 2.73 -9.88
N MET A 67 9.43 3.25 -8.68
CA MET A 67 10.52 3.78 -7.87
C MET A 67 11.07 2.72 -6.92
N TYR A 68 10.19 2.08 -6.17
CA TYR A 68 10.60 1.05 -5.22
C TYR A 68 10.19 -0.33 -5.71
N GLY A 69 8.90 -0.61 -5.70
CA GLY A 69 8.40 -1.90 -6.15
C GLY A 69 6.93 -2.11 -5.83
N ALA A 70 6.42 -3.29 -6.16
CA ALA A 70 5.03 -3.62 -5.91
C ALA A 70 4.80 -3.99 -4.45
N GLN A 71 5.73 -4.74 -3.88
CA GLN A 71 5.64 -5.17 -2.50
C GLN A 71 6.07 -4.05 -1.55
N GLU A 72 6.99 -3.21 -2.02
CA GLU A 72 7.48 -2.10 -1.21
C GLU A 72 6.50 -0.93 -1.23
N ALA A 73 5.73 -0.81 -2.31
CA ALA A 73 4.76 0.26 -2.44
C ALA A 73 3.56 0.03 -1.53
N VAL A 74 3.22 -1.23 -1.31
CA VAL A 74 2.09 -1.59 -0.47
C VAL A 74 2.35 -1.24 1.00
N ARG A 75 3.63 -1.25 1.39
CA ARG A 75 3.99 -0.94 2.76
C ARG A 75 4.17 0.57 2.96
N VAL A 76 4.54 1.26 1.90
CA VAL A 76 4.73 2.71 1.97
C VAL A 76 3.40 3.43 2.18
N VAL A 77 2.36 2.92 1.54
CA VAL A 77 1.03 3.52 1.65
C VAL A 77 0.38 3.16 2.98
N SER A 78 0.61 1.94 3.44
CA SER A 78 0.04 1.47 4.69
C SER A 78 0.71 2.15 5.88
N ARG A 79 1.98 2.49 5.72
CA ARG A 79 2.74 3.15 6.78
C ARG A 79 2.19 4.54 7.07
N SER A 80 1.65 5.18 6.03
CA SER A 80 1.08 6.51 6.17
C SER A 80 -0.34 6.45 6.72
N LEU A 81 -1.04 5.36 6.43
CA LEU A 81 -2.41 5.17 6.90
C LEU A 81 -2.48 5.24 8.42
N LEU A 82 -1.40 4.80 9.07
CA LEU A 82 -1.34 4.79 10.52
C LEU A 82 -1.47 6.21 11.08
N ALA A 83 -0.93 7.18 10.34
CA ALA A 83 -0.99 8.57 10.76
C ALA A 83 -2.43 9.05 10.89
N MET A 84 -3.29 8.55 10.01
CA MET A 84 -4.70 8.93 10.04
C MET A 84 -5.56 7.86 10.73
N ASN A 85 -4.93 6.76 11.14
CA ASN A 85 -5.63 5.68 11.82
C ASN A 85 -6.72 5.11 10.91
N LEU A 86 -6.36 4.08 10.14
CA LEU A 86 -7.30 3.44 9.23
C LEU A 86 -6.92 1.97 9.01
N MET A 87 -7.30 1.12 9.96
CA MET A 87 -7.01 -0.30 9.87
C MET A 87 -7.79 -0.96 8.74
N GLU A 88 -8.88 -0.32 8.33
CA GLU A 88 -9.72 -0.84 7.26
C GLU A 88 -8.91 -1.11 5.99
N LEU A 89 -7.90 -0.27 5.76
CA LEU A 89 -7.04 -0.41 4.59
C LEU A 89 -5.73 -1.10 4.96
N VAL A 90 -5.25 -0.83 6.18
CA VAL A 90 -4.01 -1.41 6.64
C VAL A 90 -4.15 -2.92 6.86
N ASP A 91 -5.36 -3.35 7.21
CA ASP A 91 -5.63 -4.76 7.45
C ASP A 91 -5.67 -5.53 6.13
N TYR A 92 -6.20 -4.89 5.09
CA TYR A 92 -6.30 -5.51 3.78
C TYR A 92 -4.95 -5.57 3.10
N LEU A 93 -4.26 -4.43 3.05
CA LEU A 93 -2.95 -4.35 2.42
C LEU A 93 -1.97 -5.30 3.08
N ASN A 94 -2.11 -5.48 4.39
CA ASN A 94 -1.23 -6.37 5.16
C ASN A 94 -1.41 -7.81 4.71
N GLN A 95 -2.62 -8.16 4.29
CA GLN A 95 -2.93 -9.51 3.85
C GLN A 95 -2.41 -9.75 2.43
N VAL A 96 -2.43 -8.70 1.61
CA VAL A 96 -1.96 -8.79 0.24
C VAL A 96 -0.44 -8.94 0.17
N CYS A 97 0.24 -8.38 1.16
CA CYS A 97 1.69 -8.45 1.23
C CYS A 97 2.15 -9.84 1.63
N LEU A 98 1.97 -10.81 0.74
CA LEU A 98 2.36 -12.18 1.01
C LEU A 98 3.67 -12.53 0.28
N ASN A 99 4.72 -12.74 1.06
CA ASN A 99 6.03 -13.08 0.49
C ASN A 99 6.87 -13.86 1.49
N ASP A 100 6.87 -15.18 1.36
CA ASP A 100 7.64 -16.04 2.25
C ASP A 100 9.11 -16.09 1.82
N TYR A 101 9.97 -16.46 2.76
CA TYR A 101 11.40 -16.54 2.49
C TYR A 101 11.87 -17.99 2.49
N ARG A 102 11.81 -18.62 3.67
CA ARG A 102 12.22 -20.01 3.80
C ARG A 102 11.03 -20.91 4.08
N GLU A 103 11.11 -22.16 3.62
CA GLU A 103 10.03 -23.12 3.81
C GLU A 103 10.59 -24.51 4.11
N ILE A 104 9.69 -25.46 4.36
CA ILE A 104 10.10 -26.83 4.65
C ILE A 104 9.99 -27.71 3.41
N TYR A 105 10.21 -27.11 2.24
CA TYR A 105 10.14 -27.83 0.98
C TYR A 105 11.34 -28.76 0.83
N ARG A 106 11.07 -30.04 0.60
CA ARG A 106 12.14 -31.03 0.43
C ARG A 106 13.01 -31.11 1.69
N GLU A 107 12.39 -30.86 2.84
CA GLU A 107 13.11 -30.90 4.12
C GLU A 107 12.18 -31.28 5.24
N HIS A 108 12.11 -32.58 5.55
CA HIS A 108 11.25 -33.07 6.62
C HIS A 108 11.75 -32.59 7.98
N VAL A 109 10.82 -32.45 8.93
CA VAL A 109 11.17 -32.01 10.27
C VAL A 109 11.85 -33.12 11.06
N SER A 110 12.75 -32.75 11.95
CA SER A 110 13.46 -33.72 12.78
C SER A 110 13.44 -33.31 14.25
N GLY A 111 13.56 -34.29 15.13
CA GLY A 111 13.55 -34.02 16.55
C GLY A 111 12.14 -34.00 17.13
N PRO A 112 12.00 -34.11 18.46
CA PRO A 112 10.69 -34.10 19.12
C PRO A 112 10.03 -32.72 19.06
N SER A 113 10.81 -31.68 19.34
CA SER A 113 10.29 -30.32 19.33
C SER A 113 11.44 -29.31 19.26
N SER A 114 11.19 -28.18 18.61
CA SER A 114 12.19 -27.13 18.49
C SER A 114 11.57 -25.76 18.66
N GLY A 115 12.23 -24.89 19.42
CA GLY A 115 11.74 -23.55 19.66
C GLY A 115 12.51 -22.50 18.88
N GLY A 1 -21.84 2.86 4.17
CA GLY A 1 -21.72 4.10 4.99
C GLY A 1 -21.76 3.82 6.48
N SER A 2 -20.62 3.44 7.04
CA SER A 2 -20.54 3.15 8.48
C SER A 2 -21.47 1.99 8.84
N SER A 3 -20.97 0.77 8.69
CA SER A 3 -21.77 -0.41 9.01
C SER A 3 -21.13 -1.19 10.16
N GLY A 4 -21.91 -2.08 10.77
CA GLY A 4 -21.40 -2.87 11.87
C GLY A 4 -21.07 -4.29 11.46
N SER A 5 -19.78 -4.63 11.45
CA SER A 5 -19.34 -5.96 11.07
C SER A 5 -19.67 -6.25 9.62
N SER A 6 -18.66 -6.63 8.84
CA SER A 6 -18.84 -6.93 7.44
C SER A 6 -17.77 -7.90 6.94
N GLY A 7 -18.19 -9.13 6.64
CA GLY A 7 -17.25 -10.13 6.17
C GLY A 7 -17.31 -10.31 4.67
N MET A 8 -17.66 -9.25 3.96
CA MET A 8 -17.76 -9.29 2.50
C MET A 8 -16.37 -9.19 1.87
N ALA A 9 -16.33 -9.20 0.54
CA ALA A 9 -15.07 -9.12 -0.19
C ALA A 9 -14.99 -7.83 -1.00
N LEU A 10 -13.80 -7.23 -1.04
CA LEU A 10 -13.60 -6.00 -1.78
C LEU A 10 -13.28 -6.29 -3.25
N ALA A 11 -12.13 -6.93 -3.47
CA ALA A 11 -11.71 -7.26 -4.83
C ALA A 11 -10.58 -8.30 -4.80
N ARG A 12 -10.60 -9.20 -5.78
CA ARG A 12 -9.57 -10.24 -5.88
C ARG A 12 -8.37 -9.75 -6.67
N ALA A 13 -7.39 -9.21 -5.96
CA ALA A 13 -6.17 -8.70 -6.58
C ALA A 13 -5.13 -9.80 -6.74
N ASN A 14 -5.11 -10.42 -7.91
CA ASN A 14 -4.15 -11.48 -8.19
C ASN A 14 -2.72 -10.99 -8.07
N SER A 15 -2.52 -9.71 -8.40
CA SER A 15 -1.20 -9.11 -8.32
C SER A 15 -1.19 -7.90 -7.38
N PRO A 16 -0.02 -7.56 -6.80
CA PRO A 16 0.11 -6.43 -5.88
C PRO A 16 -0.20 -5.10 -6.55
N GLN A 17 -0.03 -5.05 -7.87
CA GLN A 17 -0.29 -3.83 -8.63
C GLN A 17 -1.73 -3.39 -8.47
N GLU A 18 -2.65 -4.34 -8.52
CA GLU A 18 -4.07 -4.05 -8.38
C GLU A 18 -4.44 -3.80 -6.91
N ALA A 19 -3.92 -4.64 -6.02
CA ALA A 19 -4.19 -4.50 -4.60
C ALA A 19 -3.73 -3.14 -4.08
N LEU A 20 -2.68 -2.61 -4.70
CA LEU A 20 -2.15 -1.31 -4.30
C LEU A 20 -3.01 -0.17 -4.82
N LEU A 21 -3.39 -0.26 -6.09
CA LEU A 21 -4.22 0.76 -6.73
C LEU A 21 -5.62 0.77 -6.12
N TRP A 22 -6.08 -0.41 -5.70
CA TRP A 22 -7.41 -0.53 -5.10
C TRP A 22 -7.49 0.24 -3.79
N ALA A 23 -6.36 0.33 -3.09
CA ALA A 23 -6.31 1.04 -1.81
C ALA A 23 -6.38 2.55 -2.02
N LEU A 24 -5.85 3.01 -3.16
CA LEU A 24 -5.86 4.43 -3.48
C LEU A 24 -7.22 4.87 -4.02
N ASN A 25 -7.76 4.07 -4.93
CA ASN A 25 -9.06 4.38 -5.53
C ASN A 25 -10.17 4.30 -4.49
N ASP A 26 -9.99 3.43 -3.50
CA ASP A 26 -10.97 3.26 -2.44
C ASP A 26 -11.01 4.47 -1.52
N LEU A 27 -9.87 5.14 -1.38
CA LEU A 27 -9.76 6.32 -0.54
C LEU A 27 -10.76 7.40 -0.97
N GLU A 28 -10.99 8.37 -0.08
CA GLU A 28 -11.93 9.45 -0.37
C GLU A 28 -11.17 10.71 -0.79
N GLU A 29 -11.92 11.75 -1.13
CA GLU A 29 -11.32 13.02 -1.56
C GLU A 29 -10.90 13.85 -0.35
N ASN A 30 -11.63 13.70 0.75
CA ASN A 30 -11.33 14.44 1.98
C ASN A 30 -10.11 13.86 2.68
N SER A 31 -9.89 12.57 2.51
CA SER A 31 -8.74 11.89 3.14
C SER A 31 -7.53 11.92 2.22
N PHE A 32 -7.74 11.60 0.95
CA PHE A 32 -6.64 11.59 -0.02
C PHE A 32 -5.99 12.97 -0.12
N LYS A 33 -6.79 14.01 0.09
CA LYS A 33 -6.28 15.38 0.03
C LYS A 33 -5.20 15.61 1.08
N THR A 34 -5.42 15.09 2.28
CA THR A 34 -4.46 15.25 3.36
C THR A 34 -3.33 14.23 3.24
N LEU A 35 -3.65 13.06 2.70
CA LEU A 35 -2.65 12.00 2.52
C LEU A 35 -1.66 12.36 1.42
N LYS A 36 -2.11 13.19 0.47
CA LYS A 36 -1.27 13.60 -0.65
C LYS A 36 0.03 14.22 -0.15
N PHE A 37 -0.03 14.83 1.04
CA PHE A 37 1.15 15.48 1.63
C PHE A 37 1.97 14.47 2.43
N HIS A 38 1.28 13.57 3.13
CA HIS A 38 1.94 12.56 3.94
C HIS A 38 2.87 11.70 3.08
N LEU A 39 2.55 11.57 1.81
CA LEU A 39 3.34 10.77 0.89
C LEU A 39 4.80 11.24 0.87
N ARG A 40 4.98 12.55 0.95
CA ARG A 40 6.32 13.14 0.94
C ARG A 40 7.07 12.81 2.22
N ASP A 41 6.33 12.68 3.32
CA ASP A 41 6.92 12.36 4.62
C ASP A 41 7.39 10.91 4.66
N VAL A 42 6.68 10.04 3.94
CA VAL A 42 7.03 8.62 3.91
C VAL A 42 8.01 8.32 2.78
N THR A 43 7.91 9.09 1.70
CA THR A 43 8.79 8.90 0.55
C THR A 43 9.50 10.20 0.19
N GLN A 44 10.83 10.17 0.18
CA GLN A 44 11.62 11.35 -0.16
C GLN A 44 12.66 11.02 -1.23
N PHE A 45 12.19 10.86 -2.46
CA PHE A 45 13.08 10.55 -3.58
C PHE A 45 13.23 11.75 -4.51
N HIS A 46 12.11 12.26 -5.00
CA HIS A 46 12.12 13.42 -5.89
C HIS A 46 10.75 14.08 -5.95
N LEU A 47 10.01 14.01 -4.83
CA LEU A 47 8.69 14.61 -4.75
C LEU A 47 8.71 15.86 -3.87
N ALA A 48 8.44 17.00 -4.49
CA ALA A 48 8.43 18.27 -3.76
C ALA A 48 7.53 19.29 -4.44
N ARG A 49 6.23 19.18 -4.20
CA ARG A 49 5.25 20.09 -4.79
C ARG A 49 5.19 19.92 -6.30
N GLY A 50 6.19 20.46 -7.00
CA GLY A 50 6.22 20.36 -8.45
C GLY A 50 6.11 18.93 -8.94
N GLU A 51 6.56 17.98 -8.11
CA GLU A 51 6.50 16.56 -8.48
C GLU A 51 5.43 15.84 -7.66
N LEU A 52 5.19 16.32 -6.46
CA LEU A 52 4.18 15.71 -5.58
C LEU A 52 2.78 16.04 -6.07
N GLU A 53 2.55 17.29 -6.43
CA GLU A 53 1.25 17.73 -6.91
C GLU A 53 0.92 17.08 -8.24
N SER A 54 1.93 16.89 -9.08
CA SER A 54 1.74 16.29 -10.39
C SER A 54 1.18 14.88 -10.25
N LEU A 55 1.53 14.20 -9.17
CA LEU A 55 1.07 12.85 -8.92
C LEU A 55 -0.45 12.82 -8.78
N SER A 56 -1.06 11.71 -9.21
CA SER A 56 -2.50 11.55 -9.12
C SER A 56 -2.87 10.24 -8.44
N GLN A 57 -4.17 9.97 -8.35
CA GLN A 57 -4.65 8.75 -7.72
C GLN A 57 -4.17 7.51 -8.47
N VAL A 58 -3.95 7.66 -9.78
CA VAL A 58 -3.49 6.56 -10.60
C VAL A 58 -1.97 6.56 -10.72
N ASP A 59 -1.42 7.70 -11.11
CA ASP A 59 0.03 7.83 -11.26
C ASP A 59 0.75 7.51 -9.96
N LEU A 60 0.10 7.79 -8.83
CA LEU A 60 0.69 7.53 -7.52
C LEU A 60 0.95 6.04 -7.33
N ALA A 61 -0.09 5.23 -7.54
CA ALA A 61 0.03 3.79 -7.40
C ALA A 61 1.10 3.22 -8.32
N SER A 62 1.23 3.80 -9.50
CA SER A 62 2.22 3.35 -10.48
C SER A 62 3.60 3.90 -10.15
N LYS A 63 3.64 5.07 -9.53
CA LYS A 63 4.90 5.70 -9.16
C LYS A 63 5.60 4.93 -8.05
N LEU A 64 4.83 4.50 -7.06
CA LEU A 64 5.37 3.73 -5.94
C LEU A 64 6.00 2.43 -6.41
N ILE A 65 5.44 1.87 -7.48
CA ILE A 65 5.93 0.61 -8.03
C ILE A 65 7.14 0.84 -8.93
N SER A 66 7.18 2.01 -9.58
CA SER A 66 8.27 2.35 -10.47
C SER A 66 9.44 2.97 -9.70
N MET A 67 9.12 3.66 -8.61
CA MET A 67 10.14 4.30 -7.78
C MET A 67 10.79 3.28 -6.85
N TYR A 68 9.97 2.59 -6.07
CA TYR A 68 10.47 1.60 -5.13
C TYR A 68 10.18 0.18 -5.62
N GLY A 69 8.91 -0.20 -5.61
CA GLY A 69 8.53 -1.52 -6.07
C GLY A 69 7.09 -1.85 -5.75
N ALA A 70 6.60 -2.94 -6.32
CA ALA A 70 5.21 -3.36 -6.10
C ALA A 70 5.02 -3.86 -4.67
N GLN A 71 5.99 -4.61 -4.16
CA GLN A 71 5.92 -5.15 -2.81
C GLN A 71 6.35 -4.10 -1.78
N GLU A 72 7.27 -3.22 -2.19
CA GLU A 72 7.78 -2.18 -1.31
C GLU A 72 6.78 -1.02 -1.22
N ALA A 73 6.03 -0.81 -2.30
CA ALA A 73 5.04 0.27 -2.34
C ALA A 73 3.86 -0.04 -1.44
N VAL A 74 3.57 -1.33 -1.26
CA VAL A 74 2.46 -1.75 -0.42
C VAL A 74 2.74 -1.49 1.06
N ARG A 75 4.01 -1.64 1.44
CA ARG A 75 4.41 -1.42 2.83
C ARG A 75 4.42 0.06 3.18
N VAL A 76 4.64 0.90 2.18
CA VAL A 76 4.68 2.35 2.38
C VAL A 76 3.30 2.88 2.77
N VAL A 77 2.28 2.43 2.05
CA VAL A 77 0.91 2.86 2.32
C VAL A 77 0.46 2.42 3.71
N SER A 78 0.75 1.17 4.05
CA SER A 78 0.37 0.62 5.35
C SER A 78 0.98 1.45 6.48
N ARG A 79 2.13 2.04 6.23
CA ARG A 79 2.82 2.86 7.22
C ARG A 79 2.15 4.22 7.36
N SER A 80 1.76 4.80 6.24
CA SER A 80 1.12 6.12 6.23
C SER A 80 -0.30 6.03 6.80
N LEU A 81 -0.95 4.89 6.58
CA LEU A 81 -2.31 4.68 7.07
C LEU A 81 -2.36 4.81 8.59
N LEU A 82 -1.30 4.37 9.26
CA LEU A 82 -1.23 4.43 10.71
C LEU A 82 -1.25 5.88 11.20
N ALA A 83 -0.63 6.77 10.42
CA ALA A 83 -0.58 8.17 10.77
C ALA A 83 -1.96 8.82 10.66
N MET A 84 -2.77 8.31 9.74
CA MET A 84 -4.12 8.84 9.53
C MET A 84 -5.17 7.97 10.21
N ASN A 85 -4.73 6.89 10.86
CA ASN A 85 -5.65 5.99 11.55
C ASN A 85 -6.62 5.36 10.56
N LEU A 86 -6.15 4.33 9.85
CA LEU A 86 -6.98 3.64 8.87
C LEU A 86 -6.63 2.16 8.81
N MET A 87 -7.15 1.40 9.77
CA MET A 87 -6.88 -0.03 9.84
C MET A 87 -7.66 -0.79 8.76
N GLU A 88 -8.77 -0.19 8.30
CA GLU A 88 -9.59 -0.81 7.27
C GLU A 88 -8.78 -1.13 6.03
N LEU A 89 -8.01 -0.15 5.55
CA LEU A 89 -7.18 -0.33 4.36
C LEU A 89 -5.95 -1.19 4.69
N VAL A 90 -5.44 -1.03 5.90
CA VAL A 90 -4.26 -1.79 6.34
C VAL A 90 -4.56 -3.29 6.40
N ASP A 91 -5.82 -3.62 6.67
CA ASP A 91 -6.23 -5.02 6.77
C ASP A 91 -6.15 -5.70 5.41
N TYR A 92 -6.35 -4.92 4.35
CA TYR A 92 -6.30 -5.46 3.00
C TYR A 92 -4.87 -5.44 2.45
N LEU A 93 -4.09 -4.45 2.88
CA LEU A 93 -2.71 -4.32 2.43
C LEU A 93 -1.80 -5.29 3.17
N ASN A 94 -2.14 -5.59 4.43
CA ASN A 94 -1.35 -6.49 5.24
C ASN A 94 -1.36 -7.90 4.65
N GLN A 95 -2.54 -8.41 4.34
CA GLN A 95 -2.68 -9.73 3.76
C GLN A 95 -1.94 -9.83 2.43
N VAL A 96 -1.89 -8.71 1.70
CA VAL A 96 -1.21 -8.67 0.42
C VAL A 96 0.17 -8.04 0.55
N CYS A 97 1.18 -8.88 0.68
CA CYS A 97 2.56 -8.42 0.82
C CYS A 97 3.46 -9.08 -0.21
N LEU A 98 3.33 -10.39 -0.35
CA LEU A 98 4.13 -11.14 -1.31
C LEU A 98 5.62 -10.97 -1.04
N ASN A 99 5.97 -10.82 0.24
CA ASN A 99 7.35 -10.64 0.63
C ASN A 99 7.83 -11.79 1.51
N ASP A 100 8.87 -12.50 1.06
CA ASP A 100 9.41 -13.61 1.82
C ASP A 100 10.88 -13.82 1.50
N TYR A 101 11.48 -14.86 2.08
CA TYR A 101 12.89 -15.17 1.86
C TYR A 101 13.77 -14.01 2.34
N ARG A 102 14.31 -14.15 3.56
CA ARG A 102 15.16 -13.13 4.14
C ARG A 102 16.59 -13.64 4.29
N GLU A 103 17.54 -12.91 3.72
CA GLU A 103 18.94 -13.29 3.79
C GLU A 103 19.50 -13.08 5.19
N ILE A 104 20.58 -13.79 5.51
CA ILE A 104 21.20 -13.68 6.82
C ILE A 104 22.69 -14.03 6.76
N TYR A 105 23.45 -13.53 7.73
CA TYR A 105 24.89 -13.78 7.77
C TYR A 105 25.22 -14.97 8.66
N ARG A 106 24.29 -15.33 9.55
CA ARG A 106 24.48 -16.46 10.46
C ARG A 106 24.90 -17.71 9.69
N GLU A 107 24.48 -17.80 8.43
CA GLU A 107 24.81 -18.95 7.60
C GLU A 107 26.32 -19.04 7.34
N HIS A 108 26.73 -20.01 6.54
CA HIS A 108 28.14 -20.19 6.21
C HIS A 108 28.42 -19.76 4.78
N VAL A 109 29.26 -18.74 4.63
CA VAL A 109 29.62 -18.22 3.31
C VAL A 109 28.40 -17.64 2.60
N SER A 110 28.65 -16.65 1.74
CA SER A 110 27.57 -16.02 1.00
C SER A 110 28.06 -15.51 -0.35
N GLY A 111 27.77 -16.26 -1.40
CA GLY A 111 28.19 -15.88 -2.74
C GLY A 111 27.70 -16.84 -3.80
N PRO A 112 26.38 -16.97 -3.98
CA PRO A 112 25.80 -17.87 -4.98
C PRO A 112 26.39 -17.65 -6.37
N SER A 113 25.87 -18.39 -7.35
CA SER A 113 26.35 -18.27 -8.72
C SER A 113 27.83 -18.62 -8.82
N SER A 114 28.29 -18.93 -10.03
CA SER A 114 29.68 -19.27 -10.26
C SER A 114 30.58 -18.05 -10.07
N GLY A 115 31.89 -18.29 -9.99
CA GLY A 115 32.83 -17.21 -9.80
C GLY A 115 33.89 -17.53 -8.76
N GLY A 1 -34.57 -0.96 6.05
CA GLY A 1 -33.45 -0.47 5.19
C GLY A 1 -32.37 -1.52 4.98
N SER A 2 -31.51 -1.29 4.00
CA SER A 2 -30.43 -2.22 3.70
C SER A 2 -29.41 -2.26 4.82
N SER A 3 -29.13 -3.46 5.31
CA SER A 3 -28.16 -3.64 6.39
C SER A 3 -26.74 -3.74 5.84
N GLY A 4 -26.57 -4.54 4.80
CA GLY A 4 -25.26 -4.71 4.19
C GLY A 4 -25.27 -4.44 2.71
N SER A 5 -24.47 -5.20 1.97
CA SER A 5 -24.39 -5.04 0.51
C SER A 5 -24.13 -6.38 -0.17
N SER A 6 -23.04 -7.03 0.21
CA SER A 6 -22.68 -8.32 -0.37
C SER A 6 -21.75 -9.08 0.56
N GLY A 7 -21.91 -8.88 1.86
CA GLY A 7 -21.07 -9.55 2.84
C GLY A 7 -20.52 -8.62 3.88
N MET A 8 -19.19 -8.54 3.97
CA MET A 8 -18.54 -7.67 4.94
C MET A 8 -17.11 -7.34 4.49
N ALA A 9 -16.91 -7.28 3.18
CA ALA A 9 -15.60 -6.98 2.63
C ALA A 9 -15.70 -5.97 1.49
N LEU A 10 -14.57 -5.38 1.12
CA LEU A 10 -14.54 -4.40 0.04
C LEU A 10 -14.57 -5.08 -1.32
N ALA A 11 -13.44 -5.66 -1.70
CA ALA A 11 -13.33 -6.35 -2.98
C ALA A 11 -12.32 -7.50 -2.90
N ARG A 12 -12.00 -8.07 -4.05
CA ARG A 12 -11.05 -9.18 -4.12
C ARG A 12 -9.92 -8.88 -5.11
N ALA A 13 -8.69 -9.15 -4.70
CA ALA A 13 -7.53 -8.91 -5.55
C ALA A 13 -6.34 -9.75 -5.10
N ASN A 14 -5.93 -10.70 -5.94
CA ASN A 14 -4.81 -11.57 -5.63
C ASN A 14 -3.53 -11.07 -6.31
N SER A 15 -3.41 -9.75 -6.41
CA SER A 15 -2.23 -9.15 -7.04
C SER A 15 -1.70 -7.99 -6.19
N PRO A 16 -0.37 -7.79 -6.18
CA PRO A 16 0.26 -6.71 -5.41
C PRO A 16 0.03 -5.34 -6.04
N GLN A 17 0.07 -5.29 -7.37
CA GLN A 17 -0.13 -4.04 -8.09
C GLN A 17 -1.61 -3.66 -8.12
N GLU A 18 -2.47 -4.67 -8.25
CA GLU A 18 -3.91 -4.42 -8.28
C GLU A 18 -4.42 -3.94 -6.93
N ALA A 19 -4.02 -4.63 -5.86
CA ALA A 19 -4.44 -4.26 -4.52
C ALA A 19 -3.95 -2.86 -4.15
N LEU A 20 -2.79 -2.50 -4.68
CA LEU A 20 -2.21 -1.18 -4.41
C LEU A 20 -2.97 -0.09 -5.14
N LEU A 21 -3.14 -0.27 -6.45
CA LEU A 21 -3.84 0.71 -7.27
C LEU A 21 -5.27 0.88 -6.79
N TRP A 22 -5.92 -0.24 -6.45
CA TRP A 22 -7.29 -0.21 -5.97
C TRP A 22 -7.39 0.45 -4.59
N ALA A 23 -6.32 0.30 -3.81
CA ALA A 23 -6.29 0.87 -2.47
C ALA A 23 -6.15 2.40 -2.53
N LEU A 24 -5.40 2.88 -3.51
CA LEU A 24 -5.19 4.31 -3.68
C LEU A 24 -6.45 4.99 -4.20
N ASN A 25 -7.12 4.33 -5.15
CA ASN A 25 -8.34 4.87 -5.74
C ASN A 25 -9.49 4.86 -4.73
N ASP A 26 -9.46 3.86 -3.84
CA ASP A 26 -10.50 3.73 -2.82
C ASP A 26 -10.53 4.96 -1.91
N LEU A 27 -9.38 5.61 -1.75
CA LEU A 27 -9.28 6.79 -0.91
C LEU A 27 -10.24 7.88 -1.38
N GLU A 28 -10.70 8.70 -0.44
CA GLU A 28 -11.62 9.79 -0.76
C GLU A 28 -10.87 11.09 -1.01
N GLU A 29 -11.62 12.19 -1.12
CA GLU A 29 -11.02 13.50 -1.37
C GLU A 29 -10.29 14.01 -0.12
N ASN A 30 -11.02 14.07 0.99
CA ASN A 30 -10.46 14.55 2.25
C ASN A 30 -9.36 13.61 2.74
N SER A 31 -9.49 12.33 2.42
CA SER A 31 -8.50 11.33 2.83
C SER A 31 -7.21 11.49 2.05
N PHE A 32 -7.34 11.67 0.73
CA PHE A 32 -6.17 11.83 -0.13
C PHE A 32 -5.53 13.20 0.07
N LYS A 33 -6.35 14.19 0.38
CA LYS A 33 -5.88 15.55 0.60
C LYS A 33 -4.98 15.63 1.83
N THR A 34 -5.24 14.75 2.80
CA THR A 34 -4.46 14.72 4.03
C THR A 34 -3.32 13.71 3.94
N LEU A 35 -3.53 12.66 3.14
CA LEU A 35 -2.52 11.63 2.97
C LEU A 35 -1.46 12.07 1.97
N LYS A 36 -1.84 12.87 1.00
CA LYS A 36 -0.91 13.37 -0.02
C LYS A 36 0.30 14.04 0.63
N PHE A 37 0.04 15.05 1.44
CA PHE A 37 1.12 15.78 2.12
C PHE A 37 1.97 14.83 2.96
N HIS A 38 1.37 13.75 3.41
CA HIS A 38 2.09 12.77 4.23
C HIS A 38 3.01 11.90 3.37
N LEU A 39 2.61 11.71 2.11
CA LEU A 39 3.39 10.90 1.18
C LEU A 39 4.81 11.47 1.02
N ARG A 40 4.88 12.77 0.77
CA ARG A 40 6.17 13.44 0.58
C ARG A 40 7.08 13.22 1.78
N ASP A 41 6.48 13.09 2.96
CA ASP A 41 7.25 12.88 4.18
C ASP A 41 7.91 11.50 4.18
N VAL A 42 7.10 10.47 4.08
CA VAL A 42 7.60 9.10 4.08
C VAL A 42 8.51 8.85 2.87
N THR A 43 8.21 9.51 1.76
CA THR A 43 8.99 9.36 0.54
C THR A 43 10.23 10.25 0.58
N GLN A 44 10.05 11.54 0.31
CA GLN A 44 11.15 12.48 0.31
C GLN A 44 12.21 12.08 -0.71
N PHE A 45 11.78 11.43 -1.78
CA PHE A 45 12.70 10.98 -2.82
C PHE A 45 12.35 11.62 -4.16
N HIS A 46 13.10 12.66 -4.54
CA HIS A 46 12.88 13.35 -5.79
C HIS A 46 11.48 13.99 -5.82
N LEU A 47 10.99 14.38 -4.65
CA LEU A 47 9.67 14.99 -4.54
C LEU A 47 9.73 16.26 -3.70
N ALA A 48 9.05 17.30 -4.16
CA ALA A 48 9.03 18.58 -3.45
C ALA A 48 7.61 19.12 -3.35
N ARG A 49 7.12 19.68 -4.46
CA ARG A 49 5.78 20.24 -4.50
C ARG A 49 5.09 19.93 -5.83
N GLY A 50 5.70 20.36 -6.92
CA GLY A 50 5.14 20.12 -8.24
C GLY A 50 4.99 18.64 -8.54
N GLU A 51 5.83 17.82 -7.91
CA GLU A 51 5.79 16.38 -8.13
C GLU A 51 4.67 15.76 -7.30
N LEU A 52 4.44 16.30 -6.12
CA LEU A 52 3.40 15.79 -5.23
C LEU A 52 2.01 16.17 -5.75
N GLU A 53 1.92 17.33 -6.38
CA GLU A 53 0.66 17.81 -6.92
C GLU A 53 0.35 17.14 -8.25
N SER A 54 1.41 16.83 -9.01
CA SER A 54 1.25 16.19 -10.31
C SER A 54 0.78 14.75 -10.16
N LEU A 55 1.17 14.12 -9.05
CA LEU A 55 0.77 12.74 -8.79
C LEU A 55 -0.74 12.60 -8.73
N SER A 56 -1.25 11.43 -9.13
CA SER A 56 -2.68 11.18 -9.13
C SER A 56 -3.00 9.90 -8.36
N GLN A 57 -4.28 9.70 -8.06
CA GLN A 57 -4.71 8.51 -7.32
C GLN A 57 -4.44 7.25 -8.12
N VAL A 58 -4.48 7.36 -9.44
CA VAL A 58 -4.23 6.23 -10.32
C VAL A 58 -2.76 6.15 -10.72
N ASP A 59 -2.11 7.31 -10.80
CA ASP A 59 -0.70 7.37 -11.18
C ASP A 59 0.19 7.08 -9.98
N LEU A 60 -0.30 7.41 -8.78
CA LEU A 60 0.46 7.19 -7.56
C LEU A 60 0.83 5.71 -7.40
N ALA A 61 -0.05 4.83 -7.87
CA ALA A 61 0.18 3.39 -7.78
C ALA A 61 1.34 2.97 -8.68
N SER A 62 1.43 3.61 -9.85
CA SER A 62 2.49 3.28 -10.80
C SER A 62 3.83 3.84 -10.33
N LYS A 63 3.78 4.97 -9.63
CA LYS A 63 4.99 5.60 -9.12
C LYS A 63 5.52 4.87 -7.89
N LEU A 64 4.59 4.42 -7.04
CA LEU A 64 4.97 3.70 -5.82
C LEU A 64 5.74 2.43 -6.15
N ILE A 65 5.37 1.78 -7.25
CA ILE A 65 6.04 0.56 -7.67
C ILE A 65 7.26 0.86 -8.52
N SER A 66 7.20 1.96 -9.27
CA SER A 66 8.31 2.37 -10.13
C SER A 66 9.48 2.88 -9.30
N MET A 67 9.17 3.46 -8.14
CA MET A 67 10.20 3.99 -7.25
C MET A 67 10.91 2.87 -6.51
N TYR A 68 10.17 2.14 -5.69
CA TYR A 68 10.72 1.03 -4.92
C TYR A 68 10.37 -0.31 -5.56
N GLY A 69 9.09 -0.65 -5.54
CA GLY A 69 8.64 -1.90 -6.12
C GLY A 69 7.28 -2.33 -5.61
N ALA A 70 6.70 -3.34 -6.24
CA ALA A 70 5.39 -3.84 -5.85
C ALA A 70 5.41 -4.37 -4.42
N GLN A 71 6.60 -4.81 -3.97
CA GLN A 71 6.74 -5.34 -2.62
C GLN A 71 6.87 -4.22 -1.59
N GLU A 72 7.42 -3.09 -2.02
CA GLU A 72 7.61 -1.95 -1.13
C GLU A 72 6.45 -0.95 -1.25
N ALA A 73 5.77 -0.98 -2.40
CA ALA A 73 4.64 -0.09 -2.65
C ALA A 73 3.60 -0.19 -1.53
N VAL A 74 3.07 -1.39 -1.34
CA VAL A 74 2.06 -1.61 -0.31
C VAL A 74 2.58 -1.23 1.07
N ARG A 75 3.89 -1.34 1.25
CA ARG A 75 4.52 -1.01 2.52
C ARG A 75 4.38 0.48 2.83
N VAL A 76 4.75 1.31 1.86
CA VAL A 76 4.67 2.76 2.01
C VAL A 76 3.24 3.21 2.28
N VAL A 77 2.28 2.47 1.73
CA VAL A 77 0.87 2.79 1.91
C VAL A 77 0.38 2.37 3.29
N SER A 78 0.78 1.18 3.72
CA SER A 78 0.38 0.66 5.03
C SER A 78 0.93 1.53 6.15
N ARG A 79 2.13 2.09 5.93
CA ARG A 79 2.76 2.94 6.93
C ARG A 79 2.05 4.28 7.04
N SER A 80 1.73 4.88 5.88
CA SER A 80 1.06 6.16 5.85
C SER A 80 -0.35 6.06 6.42
N LEU A 81 -0.96 4.89 6.25
CA LEU A 81 -2.32 4.65 6.75
C LEU A 81 -2.36 4.77 8.28
N LEU A 82 -1.28 4.36 8.93
CA LEU A 82 -1.20 4.42 10.38
C LEU A 82 -1.24 5.86 10.87
N ALA A 83 -0.62 6.76 10.11
CA ALA A 83 -0.58 8.18 10.47
C ALA A 83 -1.98 8.75 10.58
N MET A 84 -2.91 8.21 9.79
CA MET A 84 -4.29 8.66 9.79
C MET A 84 -5.20 7.70 10.56
N ASN A 85 -4.65 6.53 10.92
CA ASN A 85 -5.42 5.54 11.65
C ASN A 85 -6.56 4.98 10.81
N LEU A 86 -6.23 4.06 9.91
CA LEU A 86 -7.23 3.45 9.03
C LEU A 86 -6.95 1.97 8.84
N MET A 87 -7.30 1.17 9.85
CA MET A 87 -7.10 -0.27 9.79
C MET A 87 -7.91 -0.90 8.66
N GLU A 88 -8.98 -0.23 8.26
CA GLU A 88 -9.84 -0.72 7.19
C GLU A 88 -9.03 -0.99 5.92
N LEU A 89 -8.11 -0.10 5.60
CA LEU A 89 -7.27 -0.23 4.42
C LEU A 89 -6.01 -1.03 4.74
N VAL A 90 -5.53 -0.91 5.97
CA VAL A 90 -4.32 -1.61 6.41
C VAL A 90 -4.59 -3.11 6.53
N ASP A 91 -5.83 -3.47 6.86
CA ASP A 91 -6.20 -4.86 7.02
C ASP A 91 -6.22 -5.58 5.67
N TYR A 92 -6.68 -4.87 4.64
CA TYR A 92 -6.77 -5.43 3.30
C TYR A 92 -5.39 -5.49 2.66
N LEU A 93 -4.54 -4.52 2.98
CA LEU A 93 -3.19 -4.47 2.43
C LEU A 93 -2.25 -5.36 3.22
N ASN A 94 -2.55 -5.56 4.49
CA ASN A 94 -1.72 -6.40 5.36
C ASN A 94 -1.59 -7.81 4.79
N GLN A 95 -2.65 -8.29 4.16
CA GLN A 95 -2.65 -9.63 3.57
C GLN A 95 -1.70 -9.68 2.38
N VAL A 96 -1.61 -8.59 1.63
CA VAL A 96 -0.74 -8.52 0.47
C VAL A 96 0.62 -7.92 0.84
N CYS A 97 1.58 -8.79 1.10
CA CYS A 97 2.92 -8.36 1.46
C CYS A 97 3.98 -9.20 0.75
N LEU A 98 3.80 -10.51 0.76
CA LEU A 98 4.74 -11.43 0.12
C LEU A 98 6.11 -11.33 0.78
N ASN A 99 6.12 -11.06 2.08
CA ASN A 99 7.37 -10.95 2.82
C ASN A 99 7.46 -12.04 3.90
N ASP A 100 8.65 -12.62 4.05
CA ASP A 100 8.87 -13.66 5.04
C ASP A 100 9.01 -13.07 6.43
N TYR A 101 7.94 -13.16 7.23
CA TYR A 101 7.95 -12.64 8.59
C TYR A 101 7.40 -13.67 9.57
N ARG A 102 8.07 -13.81 10.71
CA ARG A 102 7.64 -14.75 11.73
C ARG A 102 6.90 -14.04 12.87
N GLU A 103 5.75 -14.58 13.26
CA GLU A 103 4.96 -13.99 14.33
C GLU A 103 5.46 -14.45 15.70
N ILE A 104 5.55 -13.52 16.64
CA ILE A 104 6.00 -13.83 17.98
C ILE A 104 5.19 -13.09 19.03
N TYR A 105 4.63 -13.83 19.98
CA TYR A 105 3.82 -13.23 21.04
C TYR A 105 2.61 -12.50 20.46
N ARG A 106 2.11 -13.01 19.33
CA ARG A 106 0.96 -12.41 18.67
C ARG A 106 0.27 -13.42 17.76
N GLU A 107 0.34 -14.69 18.13
CA GLU A 107 -0.27 -15.76 17.34
C GLU A 107 -1.47 -16.35 18.07
N HIS A 108 -2.58 -16.50 17.35
CA HIS A 108 -3.80 -17.04 17.93
C HIS A 108 -3.78 -18.58 17.90
N VAL A 109 -3.12 -19.13 16.89
CA VAL A 109 -3.02 -20.58 16.75
C VAL A 109 -1.71 -20.99 16.10
N SER A 110 -1.47 -22.28 16.01
CA SER A 110 -0.25 -22.81 15.40
C SER A 110 -0.52 -24.09 14.62
N GLY A 111 -0.72 -23.94 13.31
CA GLY A 111 -0.99 -25.09 12.47
C GLY A 111 0.23 -25.98 12.29
N PRO A 112 0.09 -27.30 12.51
CA PRO A 112 1.21 -28.24 12.36
C PRO A 112 1.87 -28.13 10.99
N SER A 113 1.06 -27.89 9.96
CA SER A 113 1.57 -27.76 8.60
C SER A 113 2.22 -29.06 8.15
N SER A 114 2.32 -29.24 6.83
CA SER A 114 2.92 -30.44 6.26
C SER A 114 4.37 -30.19 5.88
N GLY A 115 5.06 -29.37 6.67
CA GLY A 115 6.45 -29.06 6.39
C GLY A 115 7.40 -30.09 6.98
N GLY A 1 -31.44 -16.57 4.00
CA GLY A 1 -30.23 -16.07 4.71
C GLY A 1 -30.52 -15.65 6.13
N SER A 2 -30.16 -16.50 7.09
CA SER A 2 -30.38 -16.21 8.49
C SER A 2 -29.07 -15.91 9.21
N SER A 3 -28.14 -16.87 9.15
CA SER A 3 -26.85 -16.72 9.79
C SER A 3 -25.75 -16.50 8.74
N GLY A 4 -25.15 -15.32 8.76
CA GLY A 4 -24.09 -15.01 7.81
C GLY A 4 -23.55 -13.61 7.98
N SER A 5 -23.99 -12.69 7.13
CA SER A 5 -23.54 -11.30 7.20
C SER A 5 -22.03 -11.22 7.00
N SER A 6 -21.53 -9.99 6.88
CA SER A 6 -20.10 -9.77 6.68
C SER A 6 -19.63 -8.55 7.46
N GLY A 7 -18.31 -8.33 7.48
CA GLY A 7 -17.75 -7.20 8.20
C GLY A 7 -16.64 -6.51 7.43
N MET A 8 -15.60 -7.29 7.10
CA MET A 8 -14.46 -6.75 6.36
C MET A 8 -14.17 -7.59 5.13
N ALA A 9 -14.98 -7.39 4.08
CA ALA A 9 -14.81 -8.13 2.84
C ALA A 9 -15.34 -7.33 1.66
N LEU A 10 -14.49 -6.48 1.10
CA LEU A 10 -14.86 -5.65 -0.04
C LEU A 10 -14.65 -6.40 -1.35
N ALA A 11 -13.41 -6.81 -1.60
CA ALA A 11 -13.07 -7.54 -2.81
C ALA A 11 -11.75 -8.28 -2.65
N ARG A 12 -11.24 -8.81 -3.76
CA ARG A 12 -9.98 -9.55 -3.75
C ARG A 12 -9.01 -8.97 -4.77
N ALA A 13 -7.81 -9.55 -4.83
CA ALA A 13 -6.79 -9.09 -5.76
C ALA A 13 -5.87 -10.24 -6.17
N ASN A 14 -5.42 -10.21 -7.42
CA ASN A 14 -4.53 -11.25 -7.94
C ASN A 14 -3.12 -10.71 -8.13
N SER A 15 -3.02 -9.47 -8.60
CA SER A 15 -1.73 -8.83 -8.83
C SER A 15 -1.45 -7.76 -7.78
N PRO A 16 -0.21 -7.68 -7.28
CA PRO A 16 0.18 -6.69 -6.27
C PRO A 16 -0.16 -5.27 -6.70
N GLN A 17 -0.07 -5.01 -8.00
CA GLN A 17 -0.35 -3.69 -8.55
C GLN A 17 -1.83 -3.33 -8.36
N GLU A 18 -2.70 -4.22 -8.80
CA GLU A 18 -4.14 -4.00 -8.68
C GLU A 18 -4.54 -3.82 -7.22
N ALA A 19 -3.91 -4.58 -6.33
CA ALA A 19 -4.20 -4.50 -4.91
C ALA A 19 -3.81 -3.15 -4.34
N LEU A 20 -2.78 -2.53 -4.92
CA LEU A 20 -2.31 -1.23 -4.47
C LEU A 20 -3.20 -0.11 -5.01
N LEU A 21 -3.46 -0.15 -6.31
CA LEU A 21 -4.30 0.87 -6.95
C LEU A 21 -5.69 0.89 -6.33
N TRP A 22 -6.24 -0.28 -6.06
CA TRP A 22 -7.56 -0.40 -5.47
C TRP A 22 -7.55 0.08 -4.02
N ALA A 23 -6.42 -0.08 -3.35
CA ALA A 23 -6.28 0.33 -1.97
C ALA A 23 -6.14 1.84 -1.85
N LEU A 24 -5.52 2.45 -2.86
CA LEU A 24 -5.32 3.90 -2.87
C LEU A 24 -6.58 4.61 -3.37
N ASN A 25 -7.31 3.95 -4.25
CA ASN A 25 -8.54 4.53 -4.81
C ASN A 25 -9.65 4.57 -3.76
N ASP A 26 -9.60 3.64 -2.82
CA ASP A 26 -10.59 3.57 -1.76
C ASP A 26 -10.65 4.87 -0.97
N LEU A 27 -9.52 5.56 -0.89
CA LEU A 27 -9.44 6.83 -0.17
C LEU A 27 -10.41 7.85 -0.76
N GLU A 28 -10.92 8.73 0.09
CA GLU A 28 -11.85 9.76 -0.35
C GLU A 28 -11.10 11.03 -0.75
N GLU A 29 -11.86 12.07 -1.10
CA GLU A 29 -11.26 13.35 -1.49
C GLU A 29 -10.60 14.03 -0.30
N ASN A 30 -11.34 14.15 0.79
CA ASN A 30 -10.83 14.79 2.00
C ASN A 30 -9.67 13.99 2.59
N SER A 31 -9.72 12.67 2.40
CA SER A 31 -8.68 11.79 2.92
C SER A 31 -7.43 11.86 2.06
N PHE A 32 -7.63 11.91 0.74
CA PHE A 32 -6.51 12.00 -0.20
C PHE A 32 -5.85 13.36 -0.17
N LYS A 33 -6.65 14.39 0.12
CA LYS A 33 -6.15 15.75 0.19
C LYS A 33 -5.12 15.91 1.30
N THR A 34 -5.34 15.21 2.40
CA THR A 34 -4.42 15.26 3.54
C THR A 34 -3.38 14.15 3.45
N LEU A 35 -3.80 12.99 2.96
CA LEU A 35 -2.89 11.86 2.82
C LEU A 35 -1.79 12.16 1.82
N LYS A 36 -2.09 13.00 0.83
CA LYS A 36 -1.12 13.37 -0.19
C LYS A 36 0.12 13.98 0.44
N PHE A 37 -0.09 14.91 1.39
CA PHE A 37 1.02 15.57 2.06
C PHE A 37 1.82 14.58 2.90
N HIS A 38 1.13 13.58 3.45
CA HIS A 38 1.78 12.57 4.27
C HIS A 38 2.80 11.77 3.45
N LEU A 39 2.49 11.56 2.17
CA LEU A 39 3.37 10.81 1.29
C LEU A 39 4.73 11.49 1.17
N ARG A 40 4.71 12.81 1.09
CA ARG A 40 5.95 13.59 0.99
C ARG A 40 6.88 13.31 2.16
N ASP A 41 6.30 12.97 3.30
CA ASP A 41 7.07 12.67 4.50
C ASP A 41 7.68 11.27 4.43
N VAL A 42 6.82 10.27 4.26
CA VAL A 42 7.28 8.89 4.18
C VAL A 42 8.26 8.69 3.03
N THR A 43 8.04 9.41 1.93
CA THR A 43 8.91 9.32 0.76
C THR A 43 9.66 10.63 0.55
N GLN A 44 10.98 10.54 0.52
CA GLN A 44 11.83 11.72 0.32
C GLN A 44 12.90 11.43 -0.73
N PHE A 45 12.48 11.02 -1.90
CA PHE A 45 13.41 10.71 -2.99
C PHE A 45 13.51 11.87 -3.96
N HIS A 46 12.42 12.14 -4.68
CA HIS A 46 12.39 13.23 -5.64
C HIS A 46 10.99 13.82 -5.75
N LEU A 47 10.25 13.79 -4.64
CA LEU A 47 8.89 14.33 -4.62
C LEU A 47 8.80 15.49 -3.64
N ALA A 48 8.58 16.69 -4.18
CA ALA A 48 8.47 17.89 -3.35
C ALA A 48 7.97 19.08 -4.16
N ARG A 49 8.49 19.23 -5.37
CA ARG A 49 8.10 20.32 -6.24
C ARG A 49 7.60 19.81 -7.59
N GLY A 50 6.37 20.17 -7.92
CA GLY A 50 5.79 19.73 -9.18
C GLY A 50 5.81 18.23 -9.37
N GLU A 51 5.89 17.50 -8.25
CA GLU A 51 5.92 16.05 -8.29
C GLU A 51 4.74 15.45 -7.54
N LEU A 52 4.71 15.69 -6.23
CA LEU A 52 3.63 15.17 -5.39
C LEU A 52 2.29 15.76 -5.80
N GLU A 53 2.29 17.05 -6.16
CA GLU A 53 1.07 17.73 -6.58
C GLU A 53 0.52 17.11 -7.87
N SER A 54 1.43 16.63 -8.71
CA SER A 54 1.03 16.02 -9.99
C SER A 54 0.71 14.54 -9.80
N LEU A 55 1.35 13.91 -8.83
CA LEU A 55 1.14 12.50 -8.55
C LEU A 55 -0.33 12.21 -8.28
N SER A 56 -1.01 11.66 -9.27
CA SER A 56 -2.43 11.32 -9.14
C SER A 56 -2.62 10.01 -8.38
N GLN A 57 -3.87 9.59 -8.23
CA GLN A 57 -4.18 8.36 -7.52
C GLN A 57 -3.64 7.15 -8.27
N VAL A 58 -3.83 7.14 -9.59
CA VAL A 58 -3.37 6.04 -10.43
C VAL A 58 -1.87 6.15 -10.69
N ASP A 59 -1.43 7.36 -11.04
CA ASP A 59 -0.01 7.60 -11.31
C ASP A 59 0.85 7.26 -10.10
N LEU A 60 0.33 7.55 -8.92
CA LEU A 60 1.06 7.27 -7.69
C LEU A 60 1.36 5.79 -7.55
N ALA A 61 0.35 4.96 -7.77
CA ALA A 61 0.51 3.51 -7.68
C ALA A 61 1.59 3.01 -8.63
N SER A 62 1.76 3.71 -9.75
CA SER A 62 2.76 3.33 -10.74
C SER A 62 4.13 3.86 -10.35
N LYS A 63 4.15 5.01 -9.67
CA LYS A 63 5.40 5.63 -9.24
C LYS A 63 5.99 4.89 -8.05
N LEU A 64 5.13 4.47 -7.13
CA LEU A 64 5.58 3.76 -5.93
C LEU A 64 6.29 2.47 -6.31
N ILE A 65 5.75 1.77 -7.31
CA ILE A 65 6.34 0.52 -7.76
C ILE A 65 7.59 0.77 -8.59
N SER A 66 7.54 1.78 -9.44
CA SER A 66 8.68 2.12 -10.30
C SER A 66 9.83 2.67 -9.47
N MET A 67 9.51 3.32 -8.36
CA MET A 67 10.52 3.90 -7.48
C MET A 67 11.16 2.81 -6.62
N TYR A 68 10.34 1.93 -6.07
CA TYR A 68 10.83 0.85 -5.22
C TYR A 68 10.45 -0.52 -5.80
N GLY A 69 9.15 -0.80 -5.79
CA GLY A 69 8.67 -2.07 -6.32
C GLY A 69 7.25 -2.36 -5.92
N ALA A 70 6.67 -3.42 -6.48
CA ALA A 70 5.30 -3.81 -6.18
C ALA A 70 5.15 -4.21 -4.72
N GLN A 71 6.24 -4.70 -4.12
CA GLN A 71 6.22 -5.12 -2.73
C GLN A 71 6.36 -3.93 -1.79
N GLU A 72 7.30 -3.04 -2.11
CA GLU A 72 7.55 -1.86 -1.29
C GLU A 72 6.49 -0.78 -1.55
N ALA A 73 5.95 -0.77 -2.77
CA ALA A 73 4.94 0.20 -3.15
C ALA A 73 3.73 0.12 -2.22
N VAL A 74 3.47 -1.07 -1.70
CA VAL A 74 2.34 -1.27 -0.80
C VAL A 74 2.66 -0.77 0.61
N ARG A 75 3.92 -0.87 1.00
CA ARG A 75 4.35 -0.43 2.33
C ARG A 75 4.20 1.08 2.47
N VAL A 76 4.36 1.80 1.36
CA VAL A 76 4.23 3.25 1.36
C VAL A 76 2.86 3.69 1.86
N VAL A 77 1.83 2.94 1.47
CA VAL A 77 0.46 3.26 1.87
C VAL A 77 0.22 2.90 3.33
N SER A 78 0.53 1.64 3.68
CA SER A 78 0.35 1.17 5.05
C SER A 78 1.09 2.06 6.04
N ARG A 79 2.19 2.65 5.60
CA ARG A 79 3.00 3.52 6.45
C ARG A 79 2.27 4.84 6.71
N SER A 80 1.46 5.27 5.75
CA SER A 80 0.72 6.52 5.88
C SER A 80 -0.58 6.30 6.64
N LEU A 81 -1.14 5.10 6.51
CA LEU A 81 -2.40 4.76 7.17
C LEU A 81 -2.27 4.92 8.68
N LEU A 82 -1.18 4.37 9.24
CA LEU A 82 -0.94 4.45 10.68
C LEU A 82 -0.85 5.91 11.13
N ALA A 83 -0.36 6.77 10.26
CA ALA A 83 -0.24 8.19 10.57
C ALA A 83 -1.57 8.91 10.45
N MET A 84 -2.41 8.43 9.54
CA MET A 84 -3.73 9.02 9.32
C MET A 84 -4.81 8.27 10.10
N ASN A 85 -4.42 7.24 10.83
CA ASN A 85 -5.36 6.44 11.62
C ASN A 85 -6.34 5.70 10.71
N LEU A 86 -5.86 4.62 10.09
CA LEU A 86 -6.69 3.82 9.19
C LEU A 86 -6.29 2.35 9.25
N MET A 87 -7.22 1.50 9.68
CA MET A 87 -6.95 0.07 9.77
C MET A 87 -7.73 -0.71 8.71
N GLU A 88 -8.83 -0.12 8.22
CA GLU A 88 -9.65 -0.76 7.21
C GLU A 88 -8.82 -1.11 5.98
N LEU A 89 -7.80 -0.31 5.70
CA LEU A 89 -6.93 -0.54 4.56
C LEU A 89 -5.73 -1.39 4.94
N VAL A 90 -5.31 -1.28 6.20
CA VAL A 90 -4.18 -2.04 6.70
C VAL A 90 -4.50 -3.53 6.76
N ASP A 91 -5.76 -3.85 7.05
CA ASP A 91 -6.20 -5.23 7.14
C ASP A 91 -6.22 -5.90 5.76
N TYR A 92 -6.53 -5.11 4.74
CA TYR A 92 -6.58 -5.62 3.38
C TYR A 92 -5.17 -5.83 2.82
N LEU A 93 -4.33 -4.82 2.96
CA LEU A 93 -2.96 -4.90 2.48
C LEU A 93 -2.20 -6.03 3.15
N ASN A 94 -2.51 -6.27 4.42
CA ASN A 94 -1.86 -7.33 5.19
C ASN A 94 -2.23 -8.70 4.63
N GLN A 95 -3.50 -8.87 4.27
CA GLN A 95 -3.98 -10.13 3.72
C GLN A 95 -3.28 -10.46 2.40
N VAL A 96 -2.91 -9.42 1.66
CA VAL A 96 -2.24 -9.59 0.38
C VAL A 96 -0.91 -10.32 0.56
N CYS A 97 -0.55 -11.14 -0.42
CA CYS A 97 0.70 -11.89 -0.38
C CYS A 97 1.76 -11.24 -1.27
N LEU A 98 2.38 -10.18 -0.75
CA LEU A 98 3.42 -9.47 -1.50
C LEU A 98 4.81 -9.95 -1.10
N ASN A 99 4.90 -11.20 -0.68
CA ASN A 99 6.18 -11.78 -0.26
C ASN A 99 6.68 -11.16 1.04
N ASP A 100 6.96 -9.86 0.99
CA ASP A 100 7.45 -9.15 2.17
C ASP A 100 8.90 -9.53 2.48
N TYR A 101 9.46 -8.91 3.52
CA TYR A 101 10.83 -9.19 3.92
C TYR A 101 11.81 -8.80 2.82
N ARG A 102 12.70 -7.87 3.13
CA ARG A 102 13.70 -7.41 2.17
C ARG A 102 14.54 -8.58 1.66
N GLU A 103 14.38 -8.90 0.38
CA GLU A 103 15.13 -10.00 -0.23
C GLU A 103 15.26 -9.79 -1.73
N ILE A 104 16.18 -8.93 -2.14
CA ILE A 104 16.41 -8.65 -3.56
C ILE A 104 17.89 -8.75 -3.90
N TYR A 105 18.25 -9.81 -4.62
CA TYR A 105 19.63 -10.03 -5.03
C TYR A 105 20.54 -10.13 -3.81
N ARG A 106 20.00 -10.64 -2.71
CA ARG A 106 20.77 -10.78 -1.48
C ARG A 106 20.20 -11.91 -0.62
N GLU A 107 20.64 -13.14 -0.90
CA GLU A 107 20.17 -14.30 -0.15
C GLU A 107 21.17 -15.45 -0.25
N HIS A 108 20.87 -16.55 0.43
CA HIS A 108 21.74 -17.72 0.41
C HIS A 108 21.63 -18.47 -0.91
N VAL A 109 22.70 -19.15 -1.29
CA VAL A 109 22.72 -19.91 -2.53
C VAL A 109 22.59 -18.99 -3.75
N SER A 110 23.24 -17.83 -3.67
CA SER A 110 23.19 -16.86 -4.75
C SER A 110 24.23 -15.76 -4.55
N GLY A 111 24.42 -14.93 -5.57
CA GLY A 111 25.38 -13.85 -5.49
C GLY A 111 26.79 -14.31 -5.81
N PRO A 112 27.06 -14.67 -7.08
CA PRO A 112 28.39 -15.12 -7.50
C PRO A 112 29.49 -14.14 -7.11
N SER A 113 30.71 -14.42 -7.54
CA SER A 113 31.85 -13.55 -7.25
C SER A 113 32.07 -13.45 -5.75
N SER A 114 32.21 -14.60 -5.09
CA SER A 114 32.43 -14.64 -3.65
C SER A 114 32.85 -16.04 -3.19
N GLY A 115 34.16 -16.26 -3.14
CA GLY A 115 34.66 -17.56 -2.72
C GLY A 115 35.25 -17.53 -1.32
N GLY A 1 -22.19 -0.64 2.72
CA GLY A 1 -23.51 -0.10 3.15
C GLY A 1 -23.75 -0.29 4.63
N SER A 2 -23.15 -1.32 5.21
CA SER A 2 -23.30 -1.60 6.64
C SER A 2 -21.99 -2.10 7.24
N SER A 3 -22.07 -2.60 8.47
CA SER A 3 -20.89 -3.11 9.16
C SER A 3 -21.18 -4.45 9.83
N GLY A 4 -22.21 -4.46 10.68
CA GLY A 4 -22.58 -5.68 11.37
C GLY A 4 -23.63 -6.49 10.61
N SER A 5 -24.63 -5.79 10.09
CA SER A 5 -25.70 -6.45 9.35
C SER A 5 -25.16 -7.06 8.05
N SER A 6 -24.91 -6.21 7.07
CA SER A 6 -24.39 -6.68 5.78
C SER A 6 -23.01 -7.27 5.93
N GLY A 7 -22.13 -6.54 6.62
CA GLY A 7 -20.77 -7.01 6.83
C GLY A 7 -19.74 -6.16 6.11
N MET A 8 -18.76 -6.81 5.49
CA MET A 8 -17.71 -6.09 4.77
C MET A 8 -16.81 -7.08 4.02
N ALA A 9 -17.09 -7.25 2.73
CA ALA A 9 -16.31 -8.15 1.89
C ALA A 9 -15.91 -7.49 0.59
N LEU A 10 -14.61 -7.53 0.29
CA LEU A 10 -14.10 -6.93 -0.94
C LEU A 10 -13.90 -7.97 -2.02
N ALA A 11 -13.32 -7.55 -3.14
CA ALA A 11 -13.08 -8.46 -4.27
C ALA A 11 -11.72 -9.12 -4.14
N ARG A 12 -11.42 -10.03 -5.08
CA ARG A 12 -10.14 -10.72 -5.08
C ARG A 12 -9.28 -10.29 -6.25
N ALA A 13 -8.02 -9.97 -5.97
CA ALA A 13 -7.09 -9.52 -7.00
C ALA A 13 -6.13 -10.65 -7.39
N ASN A 14 -5.28 -10.37 -8.38
CA ASN A 14 -4.32 -11.36 -8.85
C ASN A 14 -2.95 -10.73 -9.05
N SER A 15 -2.70 -9.60 -8.38
CA SER A 15 -1.43 -8.91 -8.49
C SER A 15 -1.41 -7.65 -7.61
N PRO A 16 -0.28 -7.40 -6.91
CA PRO A 16 -0.16 -6.23 -6.03
C PRO A 16 -0.45 -4.93 -6.77
N GLN A 17 -0.16 -4.90 -8.06
CA GLN A 17 -0.39 -3.71 -8.87
C GLN A 17 -1.87 -3.32 -8.87
N GLU A 18 -2.73 -4.33 -8.84
CA GLU A 18 -4.17 -4.10 -8.83
C GLU A 18 -4.68 -3.88 -7.42
N ALA A 19 -4.21 -4.70 -6.49
CA ALA A 19 -4.62 -4.60 -5.09
C ALA A 19 -4.21 -3.25 -4.50
N LEU A 20 -3.11 -2.69 -5.00
CA LEU A 20 -2.62 -1.41 -4.52
C LEU A 20 -3.40 -0.25 -5.15
N LEU A 21 -3.46 -0.25 -6.47
CA LEU A 21 -4.18 0.80 -7.19
C LEU A 21 -5.66 0.83 -6.80
N TRP A 22 -6.21 -0.35 -6.53
CA TRP A 22 -7.61 -0.47 -6.13
C TRP A 22 -7.83 0.11 -4.73
N ALA A 23 -6.82 -0.01 -3.89
CA ALA A 23 -6.90 0.48 -2.53
C ALA A 23 -6.80 2.01 -2.48
N LEU A 24 -5.81 2.54 -3.19
CA LEU A 24 -5.60 3.99 -3.24
C LEU A 24 -6.83 4.70 -3.79
N ASN A 25 -7.54 4.03 -4.69
CA ASN A 25 -8.74 4.60 -5.30
C ASN A 25 -9.90 4.64 -4.30
N ASP A 26 -9.92 3.66 -3.39
CA ASP A 26 -10.96 3.58 -2.38
C ASP A 26 -10.99 4.82 -1.51
N LEU A 27 -9.81 5.40 -1.29
CA LEU A 27 -9.70 6.61 -0.47
C LEU A 27 -10.51 7.74 -1.06
N GLU A 28 -10.97 8.65 -0.20
CA GLU A 28 -11.76 9.79 -0.63
C GLU A 28 -10.88 11.00 -0.90
N GLU A 29 -11.46 12.06 -1.45
CA GLU A 29 -10.73 13.28 -1.75
C GLU A 29 -10.15 13.90 -0.48
N ASN A 30 -10.98 13.99 0.56
CA ASN A 30 -10.55 14.56 1.83
C ASN A 30 -9.47 13.70 2.48
N SER A 31 -9.53 12.40 2.23
CA SER A 31 -8.55 11.47 2.80
C SER A 31 -7.28 11.44 1.95
N PHE A 32 -7.45 11.51 0.63
CA PHE A 32 -6.32 11.48 -0.28
C PHE A 32 -5.56 12.81 -0.25
N LYS A 33 -6.29 13.90 0.01
CA LYS A 33 -5.68 15.22 0.07
C LYS A 33 -4.67 15.31 1.21
N THR A 34 -5.08 14.89 2.40
CA THR A 34 -4.22 14.92 3.57
C THR A 34 -3.18 13.81 3.52
N LEU A 35 -3.55 12.69 2.90
CA LEU A 35 -2.65 11.54 2.78
C LEU A 35 -1.52 11.85 1.81
N LYS A 36 -1.81 12.66 0.80
CA LYS A 36 -0.81 13.03 -0.20
C LYS A 36 0.39 13.71 0.45
N PHE A 37 0.11 14.71 1.28
CA PHE A 37 1.18 15.44 1.97
C PHE A 37 2.01 14.51 2.85
N HIS A 38 1.37 13.47 3.35
CA HIS A 38 2.05 12.50 4.21
C HIS A 38 3.06 11.68 3.42
N LEU A 39 2.78 11.49 2.13
CA LEU A 39 3.66 10.72 1.26
C LEU A 39 5.06 11.34 1.20
N ARG A 40 5.11 12.67 1.26
CA ARG A 40 6.38 13.39 1.22
C ARG A 40 7.22 13.08 2.46
N ASP A 41 6.54 12.75 3.56
CA ASP A 41 7.23 12.45 4.81
C ASP A 41 7.84 11.05 4.77
N VAL A 42 7.22 10.15 4.02
CA VAL A 42 7.71 8.78 3.91
C VAL A 42 8.60 8.60 2.69
N THR A 43 8.17 9.15 1.56
CA THR A 43 8.93 9.06 0.32
C THR A 43 9.74 10.32 0.08
N GLN A 44 11.06 10.22 0.23
CA GLN A 44 11.95 11.35 0.03
C GLN A 44 12.93 11.08 -1.10
N PHE A 45 12.40 10.74 -2.28
CA PHE A 45 13.24 10.45 -3.43
C PHE A 45 13.56 11.74 -4.20
N HIS A 46 12.53 12.34 -4.79
CA HIS A 46 12.71 13.57 -5.56
C HIS A 46 11.42 14.39 -5.57
N LEU A 47 10.66 14.30 -4.48
CA LEU A 47 9.41 15.05 -4.37
C LEU A 47 9.58 16.29 -3.50
N ALA A 48 9.73 17.44 -4.16
CA ALA A 48 9.91 18.70 -3.45
C ALA A 48 9.49 19.88 -4.32
N ARG A 49 9.98 19.90 -5.55
CA ARG A 49 9.65 20.97 -6.48
C ARG A 49 8.15 21.05 -6.73
N GLY A 50 7.58 19.97 -7.26
CA GLY A 50 6.17 19.93 -7.53
C GLY A 50 5.72 18.62 -8.15
N GLU A 51 6.29 17.52 -7.66
CA GLU A 51 5.95 16.20 -8.16
C GLU A 51 4.81 15.59 -7.36
N LEU A 52 4.73 15.94 -6.08
CA LEU A 52 3.68 15.42 -5.20
C LEU A 52 2.31 15.91 -5.65
N GLU A 53 2.24 17.18 -6.03
CA GLU A 53 0.99 17.78 -6.47
C GLU A 53 0.55 17.18 -7.81
N SER A 54 1.52 16.83 -8.64
CA SER A 54 1.25 16.25 -9.95
C SER A 54 0.82 14.79 -9.83
N LEU A 55 1.30 14.13 -8.77
CA LEU A 55 0.97 12.72 -8.54
C LEU A 55 -0.54 12.54 -8.43
N SER A 56 -1.08 11.64 -9.25
CA SER A 56 -2.51 11.36 -9.25
C SER A 56 -2.80 10.06 -8.53
N GLN A 57 -4.09 9.74 -8.39
CA GLN A 57 -4.50 8.51 -7.72
C GLN A 57 -4.02 7.28 -8.49
N VAL A 58 -3.97 7.40 -9.82
CA VAL A 58 -3.53 6.30 -10.66
C VAL A 58 -2.02 6.34 -10.88
N ASP A 59 -1.50 7.52 -11.14
CA ASP A 59 -0.07 7.70 -11.37
C ASP A 59 0.72 7.39 -10.10
N LEU A 60 0.12 7.69 -8.95
CA LEU A 60 0.77 7.45 -7.67
C LEU A 60 1.00 5.96 -7.45
N ALA A 61 -0.04 5.17 -7.66
CA ALA A 61 0.05 3.72 -7.48
C ALA A 61 1.13 3.12 -8.38
N SER A 62 1.34 3.74 -9.53
CA SER A 62 2.35 3.28 -10.48
C SER A 62 3.73 3.84 -10.14
N LYS A 63 3.74 5.04 -9.57
CA LYS A 63 4.99 5.69 -9.20
C LYS A 63 5.69 4.94 -8.07
N LEU A 64 4.89 4.39 -7.15
CA LEU A 64 5.42 3.65 -6.02
C LEU A 64 6.15 2.39 -6.49
N ILE A 65 5.57 1.71 -7.48
CA ILE A 65 6.17 0.49 -8.03
C ILE A 65 7.31 0.82 -8.98
N SER A 66 7.19 1.95 -9.67
CA SER A 66 8.21 2.37 -10.62
C SER A 66 9.43 2.91 -9.90
N MET A 67 9.21 3.52 -8.73
CA MET A 67 10.30 4.08 -7.94
C MET A 67 10.94 3.00 -7.07
N TYR A 68 10.17 2.43 -6.16
CA TYR A 68 10.66 1.40 -5.28
C TYR A 68 10.28 0.01 -5.78
N GLY A 69 8.98 -0.28 -5.76
CA GLY A 69 8.50 -1.57 -6.22
C GLY A 69 7.16 -1.94 -5.62
N ALA A 70 6.53 -2.98 -6.16
CA ALA A 70 5.23 -3.43 -5.68
C ALA A 70 5.32 -3.90 -4.23
N GLN A 71 6.47 -4.41 -3.85
CA GLN A 71 6.69 -4.89 -2.49
C GLN A 71 6.66 -3.74 -1.49
N GLU A 72 7.45 -2.72 -1.76
CA GLU A 72 7.53 -1.55 -0.89
C GLU A 72 6.34 -0.62 -1.13
N ALA A 73 5.80 -0.64 -2.34
CA ALA A 73 4.67 0.20 -2.70
C ALA A 73 3.51 0.01 -1.73
N VAL A 74 3.32 -1.21 -1.26
CA VAL A 74 2.25 -1.53 -0.32
C VAL A 74 2.63 -1.15 1.10
N ARG A 75 3.91 -1.21 1.40
CA ARG A 75 4.41 -0.87 2.74
C ARG A 75 4.31 0.63 2.99
N VAL A 76 4.54 1.42 1.95
CA VAL A 76 4.48 2.87 2.06
C VAL A 76 3.08 3.33 2.46
N VAL A 77 2.07 2.74 1.84
CA VAL A 77 0.69 3.08 2.12
C VAL A 77 0.30 2.68 3.54
N SER A 78 0.75 1.50 3.96
CA SER A 78 0.44 1.00 5.30
C SER A 78 0.99 1.94 6.37
N ARG A 79 2.10 2.60 6.05
CA ARG A 79 2.73 3.53 6.99
C ARG A 79 2.00 4.87 6.98
N SER A 80 1.44 5.24 5.84
CA SER A 80 0.72 6.49 5.70
C SER A 80 -0.67 6.39 6.32
N LEU A 81 -1.24 5.20 6.27
CA LEU A 81 -2.58 4.96 6.83
C LEU A 81 -2.56 5.14 8.35
N LEU A 82 -1.49 4.68 8.98
CA LEU A 82 -1.35 4.78 10.43
C LEU A 82 -1.41 6.23 10.88
N ALA A 83 -0.88 7.12 10.06
CA ALA A 83 -0.87 8.55 10.37
C ALA A 83 -2.29 9.08 10.51
N MET A 84 -3.20 8.58 9.69
CA MET A 84 -4.60 9.01 9.72
C MET A 84 -5.47 8.00 10.46
N ASN A 85 -4.87 6.93 10.95
CA ASN A 85 -5.60 5.89 11.67
C ASN A 85 -6.62 5.22 10.77
N LEU A 86 -6.17 4.21 10.03
CA LEU A 86 -7.05 3.48 9.11
C LEU A 86 -6.67 2.01 9.06
N MET A 87 -7.08 1.25 10.07
CA MET A 87 -6.79 -0.18 10.14
C MET A 87 -7.52 -0.95 9.04
N GLU A 88 -8.62 -0.38 8.56
CA GLU A 88 -9.41 -1.01 7.51
C GLU A 88 -8.54 -1.36 6.30
N LEU A 89 -8.03 -0.32 5.63
CA LEU A 89 -7.19 -0.51 4.46
C LEU A 89 -5.93 -1.30 4.81
N VAL A 90 -5.38 -1.01 5.99
CA VAL A 90 -4.17 -1.68 6.45
C VAL A 90 -4.41 -3.17 6.64
N ASP A 91 -5.62 -3.52 7.03
CA ASP A 91 -5.99 -4.92 7.25
C ASP A 91 -6.04 -5.69 5.93
N TYR A 92 -6.39 -4.97 4.86
CA TYR A 92 -6.48 -5.59 3.54
C TYR A 92 -5.11 -5.67 2.88
N LEU A 93 -4.30 -4.64 3.09
CA LEU A 93 -2.96 -4.59 2.52
C LEU A 93 -2.01 -5.55 3.26
N ASN A 94 -2.27 -5.74 4.55
CA ASN A 94 -1.44 -6.64 5.36
C ASN A 94 -1.47 -8.06 4.80
N GLN A 95 -2.66 -8.55 4.48
CA GLN A 95 -2.82 -9.89 3.94
C GLN A 95 -2.04 -10.04 2.64
N VAL A 96 -2.19 -9.07 1.74
CA VAL A 96 -1.51 -9.10 0.46
C VAL A 96 -0.04 -8.72 0.60
N CYS A 97 0.85 -9.68 0.36
CA CYS A 97 2.28 -9.45 0.47
C CYS A 97 3.02 -9.98 -0.76
N LEU A 98 3.16 -11.30 -0.82
CA LEU A 98 3.84 -11.93 -1.95
C LEU A 98 5.28 -11.45 -2.05
N ASN A 99 6.12 -11.90 -1.11
CA ASN A 99 7.52 -11.51 -1.09
C ASN A 99 8.42 -12.71 -1.39
N ASP A 100 8.63 -12.98 -2.68
CA ASP A 100 9.46 -14.09 -3.10
C ASP A 100 10.83 -13.59 -3.57
N TYR A 101 11.29 -12.50 -2.97
CA TYR A 101 12.59 -11.93 -3.32
C TYR A 101 13.60 -12.12 -2.20
N ARG A 102 13.45 -13.22 -1.46
CA ARG A 102 14.34 -13.53 -0.35
C ARG A 102 15.65 -14.14 -0.86
N GLU A 103 16.77 -13.53 -0.49
CA GLU A 103 18.08 -14.02 -0.90
C GLU A 103 19.15 -13.60 0.10
N ILE A 104 19.78 -14.59 0.73
CA ILE A 104 20.83 -14.33 1.71
C ILE A 104 22.21 -14.36 1.06
N TYR A 105 22.33 -13.66 -0.07
CA TYR A 105 23.60 -13.60 -0.80
C TYR A 105 23.98 -14.97 -1.35
N ARG A 106 24.49 -15.84 -0.48
CA ARG A 106 24.89 -17.17 -0.89
C ARG A 106 23.71 -18.15 -0.78
N GLU A 107 23.53 -18.96 -1.82
CA GLU A 107 22.44 -19.93 -1.83
C GLU A 107 22.71 -21.02 -2.85
N HIS A 108 23.26 -22.15 -2.40
CA HIS A 108 23.56 -23.27 -3.27
C HIS A 108 22.32 -24.14 -3.52
N VAL A 109 22.27 -24.77 -4.69
CA VAL A 109 21.14 -25.63 -5.03
C VAL A 109 21.20 -26.95 -4.29
N SER A 110 20.12 -27.71 -4.36
CA SER A 110 20.05 -29.01 -3.69
C SER A 110 20.72 -30.09 -4.52
N GLY A 111 21.48 -30.96 -3.86
CA GLY A 111 22.16 -32.03 -4.55
C GLY A 111 23.34 -32.57 -3.76
N PRO A 112 23.41 -33.90 -3.54
CA PRO A 112 24.49 -34.52 -2.79
C PRO A 112 25.81 -34.53 -3.57
N SER A 113 26.93 -34.59 -2.85
CA SER A 113 28.24 -34.60 -3.48
C SER A 113 29.23 -35.41 -2.64
N SER A 114 30.01 -36.26 -3.30
CA SER A 114 30.99 -37.09 -2.62
C SER A 114 32.04 -37.61 -3.60
N GLY A 115 33.28 -37.69 -3.15
CA GLY A 115 34.34 -38.18 -4.00
C GLY A 115 35.25 -37.07 -4.49
N GLY A 1 -35.82 0.91 9.59
CA GLY A 1 -35.90 2.38 9.39
C GLY A 1 -34.75 3.11 10.06
N SER A 2 -33.56 2.52 10.01
CA SER A 2 -32.38 3.12 10.61
C SER A 2 -31.11 2.66 9.89
N SER A 3 -30.98 1.36 9.71
CA SER A 3 -29.82 0.79 9.04
C SER A 3 -29.97 0.87 7.52
N GLY A 4 -31.16 0.53 7.04
CA GLY A 4 -31.42 0.58 5.61
C GLY A 4 -30.53 -0.37 4.83
N SER A 5 -29.69 0.19 3.96
CA SER A 5 -28.79 -0.61 3.15
C SER A 5 -27.38 -0.03 3.18
N SER A 6 -26.66 -0.31 4.26
CA SER A 6 -25.29 0.19 4.41
C SER A 6 -24.40 -0.87 5.06
N GLY A 7 -23.10 -0.60 5.08
CA GLY A 7 -22.15 -1.54 5.67
C GLY A 7 -22.02 -2.82 4.87
N MET A 8 -21.30 -2.73 3.75
CA MET A 8 -21.10 -3.89 2.89
C MET A 8 -19.62 -4.28 2.84
N ALA A 9 -19.32 -5.38 2.15
CA ALA A 9 -17.95 -5.85 2.02
C ALA A 9 -17.29 -5.30 0.76
N LEU A 10 -16.07 -5.73 0.50
CA LEU A 10 -15.33 -5.29 -0.67
C LEU A 10 -14.64 -6.45 -1.37
N ALA A 11 -14.12 -6.20 -2.57
CA ALA A 11 -13.43 -7.23 -3.33
C ALA A 11 -12.08 -7.55 -2.72
N ARG A 12 -11.39 -8.53 -3.31
CA ARG A 12 -10.07 -8.94 -2.82
C ARG A 12 -9.19 -9.42 -3.96
N ALA A 13 -8.34 -8.52 -4.46
CA ALA A 13 -7.44 -8.85 -5.55
C ALA A 13 -6.30 -9.72 -5.08
N ASN A 14 -5.53 -10.26 -6.03
CA ASN A 14 -4.41 -11.12 -5.71
C ASN A 14 -3.08 -10.44 -6.05
N SER A 15 -3.10 -9.64 -7.11
CA SER A 15 -1.90 -8.92 -7.55
C SER A 15 -1.70 -7.65 -6.73
N PRO A 16 -0.48 -7.44 -6.20
CA PRO A 16 -0.17 -6.24 -5.40
C PRO A 16 -0.50 -4.95 -6.13
N GLN A 17 -0.21 -4.92 -7.42
CA GLN A 17 -0.48 -3.75 -8.24
C GLN A 17 -1.96 -3.39 -8.22
N GLU A 18 -2.80 -4.38 -8.49
CA GLU A 18 -4.24 -4.17 -8.50
C GLU A 18 -4.77 -3.83 -7.10
N ALA A 19 -4.15 -4.45 -6.09
CA ALA A 19 -4.55 -4.21 -4.71
C ALA A 19 -4.20 -2.80 -4.27
N LEU A 20 -3.00 -2.35 -4.62
CA LEU A 20 -2.54 -1.02 -4.25
C LEU A 20 -3.37 0.05 -4.96
N LEU A 21 -3.49 -0.07 -6.28
CA LEU A 21 -4.26 0.89 -7.07
C LEU A 21 -5.71 0.92 -6.62
N TRP A 22 -6.21 -0.22 -6.14
CA TRP A 22 -7.59 -0.32 -5.67
C TRP A 22 -7.77 0.45 -4.36
N ALA A 23 -6.71 0.47 -3.55
CA ALA A 23 -6.76 1.16 -2.27
C ALA A 23 -6.82 2.67 -2.45
N LEU A 24 -5.94 3.20 -3.28
CA LEU A 24 -5.90 4.64 -3.55
C LEU A 24 -7.23 5.12 -4.13
N ASN A 25 -7.76 4.36 -5.09
CA ASN A 25 -9.02 4.72 -5.72
C ASN A 25 -10.15 4.79 -4.70
N ASP A 26 -10.04 3.99 -3.66
CA ASP A 26 -11.05 3.96 -2.60
C ASP A 26 -10.95 5.20 -1.72
N LEU A 27 -9.75 5.75 -1.61
CA LEU A 27 -9.52 6.94 -0.80
C LEU A 27 -10.39 8.10 -1.27
N GLU A 28 -11.15 8.67 -0.34
CA GLU A 28 -12.04 9.78 -0.66
C GLU A 28 -11.23 11.03 -1.01
N GLU A 29 -11.93 12.13 -1.29
CA GLU A 29 -11.29 13.38 -1.64
C GLU A 29 -10.59 14.00 -0.42
N ASN A 30 -11.15 13.75 0.76
CA ASN A 30 -10.58 14.28 2.00
C ASN A 30 -9.39 13.44 2.45
N SER A 31 -9.47 12.13 2.22
CA SER A 31 -8.40 11.22 2.61
C SER A 31 -7.18 11.41 1.73
N PHE A 32 -7.43 11.62 0.43
CA PHE A 32 -6.34 11.81 -0.53
C PHE A 32 -5.70 13.19 -0.36
N LYS A 33 -6.51 14.16 0.05
CA LYS A 33 -6.02 15.52 0.25
C LYS A 33 -4.97 15.57 1.35
N THR A 34 -5.21 14.82 2.42
CA THR A 34 -4.27 14.78 3.55
C THR A 34 -3.16 13.78 3.29
N LEU A 35 -3.51 12.66 2.67
CA LEU A 35 -2.52 11.62 2.38
C LEU A 35 -1.47 12.12 1.39
N LYS A 36 -1.89 13.03 0.50
CA LYS A 36 -0.98 13.58 -0.49
C LYS A 36 0.22 14.26 0.17
N PHE A 37 -0.04 15.04 1.21
CA PHE A 37 1.00 15.75 1.93
C PHE A 37 1.91 14.76 2.67
N HIS A 38 1.33 13.64 3.10
CA HIS A 38 2.08 12.63 3.83
C HIS A 38 3.04 11.89 2.91
N LEU A 39 2.75 11.89 1.61
CA LEU A 39 3.59 11.22 0.63
C LEU A 39 5.04 11.70 0.72
N ARG A 40 5.22 12.96 1.08
CA ARG A 40 6.55 13.54 1.20
C ARG A 40 7.22 13.08 2.50
N ASP A 41 6.41 12.83 3.52
CA ASP A 41 6.92 12.39 4.81
C ASP A 41 7.28 10.91 4.77
N VAL A 42 6.56 10.15 3.96
CA VAL A 42 6.80 8.72 3.84
C VAL A 42 7.81 8.42 2.73
N THR A 43 7.84 9.28 1.72
CA THR A 43 8.76 9.11 0.60
C THR A 43 9.44 10.43 0.25
N GLN A 44 10.77 10.38 0.10
CA GLN A 44 11.53 11.57 -0.23
C GLN A 44 12.77 11.21 -1.05
N PHE A 45 12.56 10.96 -2.34
CA PHE A 45 13.65 10.60 -3.24
C PHE A 45 13.73 11.55 -4.42
N HIS A 46 12.57 11.84 -5.02
CA HIS A 46 12.49 12.73 -6.16
C HIS A 46 11.17 13.49 -6.18
N LEU A 47 10.64 13.78 -4.99
CA LEU A 47 9.37 14.50 -4.86
C LEU A 47 9.52 15.71 -3.95
N ALA A 48 9.56 16.89 -4.54
CA ALA A 48 9.69 18.12 -3.78
C ALA A 48 9.44 19.34 -4.65
N ARG A 49 9.99 19.33 -5.86
CA ARG A 49 9.82 20.43 -6.80
C ARG A 49 8.35 20.65 -7.12
N GLY A 50 7.66 19.59 -7.53
CA GLY A 50 6.26 19.68 -7.86
C GLY A 50 5.69 18.37 -8.37
N GLU A 51 6.07 17.27 -7.72
CA GLU A 51 5.59 15.95 -8.11
C GLU A 51 4.45 15.50 -7.21
N LEU A 52 4.48 15.94 -5.96
CA LEU A 52 3.43 15.58 -5.00
C LEU A 52 2.06 16.01 -5.49
N GLU A 53 2.00 17.19 -6.11
CA GLU A 53 0.75 17.71 -6.63
C GLU A 53 0.37 17.03 -7.94
N SER A 54 1.37 16.64 -8.71
CA SER A 54 1.15 15.97 -9.99
C SER A 54 0.73 14.53 -9.78
N LEU A 55 1.20 13.93 -8.70
CA LEU A 55 0.87 12.53 -8.38
C LEU A 55 -0.63 12.35 -8.27
N SER A 56 -1.16 11.38 -9.02
CA SER A 56 -2.59 11.08 -8.99
C SER A 56 -2.87 9.73 -8.35
N GLN A 57 -4.13 9.35 -8.29
CA GLN A 57 -4.52 8.08 -7.70
C GLN A 57 -3.96 6.91 -8.49
N VAL A 58 -3.77 7.12 -9.79
CA VAL A 58 -3.23 6.07 -10.66
C VAL A 58 -1.71 6.17 -10.76
N ASP A 59 -1.22 7.36 -11.10
CA ASP A 59 0.22 7.58 -11.24
C ASP A 59 0.95 7.28 -9.93
N LEU A 60 0.26 7.50 -8.81
CA LEU A 60 0.85 7.24 -7.50
C LEU A 60 1.13 5.75 -7.30
N ALA A 61 0.09 4.94 -7.45
CA ALA A 61 0.22 3.50 -7.29
C ALA A 61 1.26 2.92 -8.24
N SER A 62 1.44 3.59 -9.38
CA SER A 62 2.42 3.14 -10.37
C SER A 62 3.80 3.70 -10.07
N LYS A 63 3.84 4.88 -9.46
CA LYS A 63 5.10 5.52 -9.12
C LYS A 63 5.78 4.81 -7.96
N LEU A 64 4.98 4.25 -7.06
CA LEU A 64 5.50 3.54 -5.90
C LEU A 64 6.16 2.22 -6.31
N ILE A 65 5.64 1.62 -7.38
CA ILE A 65 6.17 0.36 -7.88
C ILE A 65 7.42 0.58 -8.73
N SER A 66 7.47 1.74 -9.40
CA SER A 66 8.61 2.07 -10.25
C SER A 66 9.75 2.65 -9.43
N MET A 67 9.42 3.29 -8.33
CA MET A 67 10.43 3.88 -7.45
C MET A 67 11.03 2.84 -6.51
N TYR A 68 10.17 2.00 -5.94
CA TYR A 68 10.63 0.95 -5.03
C TYR A 68 10.29 -0.44 -5.57
N GLY A 69 8.99 -0.74 -5.63
CA GLY A 69 8.57 -2.03 -6.13
C GLY A 69 7.11 -2.31 -5.83
N ALA A 70 6.62 -3.45 -6.33
CA ALA A 70 5.23 -3.83 -6.12
C ALA A 70 4.97 -4.17 -4.65
N GLN A 71 5.99 -4.68 -3.98
CA GLN A 71 5.88 -5.05 -2.57
C GLN A 71 6.12 -3.85 -1.67
N GLU A 72 7.13 -3.05 -2.00
CA GLU A 72 7.46 -1.86 -1.22
C GLU A 72 6.40 -0.78 -1.40
N ALA A 73 5.78 -0.76 -2.57
CA ALA A 73 4.75 0.23 -2.86
C ALA A 73 3.59 0.13 -1.87
N VAL A 74 3.35 -1.09 -1.38
CA VAL A 74 2.26 -1.32 -0.43
C VAL A 74 2.71 -0.99 0.99
N ARG A 75 3.99 -1.17 1.27
CA ARG A 75 4.54 -0.89 2.59
C ARG A 75 4.49 0.60 2.90
N VAL A 76 4.74 1.42 1.88
CA VAL A 76 4.72 2.87 2.05
C VAL A 76 3.34 3.36 2.46
N VAL A 77 2.32 2.96 1.70
CA VAL A 77 0.95 3.37 1.97
C VAL A 77 0.52 2.92 3.36
N SER A 78 0.82 1.67 3.71
CA SER A 78 0.47 1.13 5.02
C SER A 78 1.07 1.96 6.14
N ARG A 79 2.20 2.60 5.86
CA ARG A 79 2.89 3.43 6.85
C ARG A 79 2.10 4.72 7.12
N SER A 80 1.41 5.20 6.09
CA SER A 80 0.62 6.42 6.21
C SER A 80 -0.75 6.14 6.80
N LEU A 81 -1.32 4.98 6.44
CA LEU A 81 -2.63 4.59 6.95
C LEU A 81 -2.64 4.50 8.46
N LEU A 82 -1.49 4.15 9.04
CA LEU A 82 -1.36 4.04 10.48
C LEU A 82 -1.42 5.40 11.16
N ALA A 83 -0.75 6.38 10.57
CA ALA A 83 -0.72 7.73 11.12
C ALA A 83 -2.13 8.31 11.19
N MET A 84 -2.92 8.11 10.13
CA MET A 84 -4.28 8.61 10.09
C MET A 84 -5.25 7.66 10.79
N ASN A 85 -4.74 6.56 11.34
CA ASN A 85 -5.56 5.59 12.04
C ASN A 85 -6.62 5.00 11.10
N LEU A 86 -6.22 4.03 10.30
CA LEU A 86 -7.14 3.39 9.36
C LEU A 86 -6.72 1.95 9.09
N MET A 87 -6.93 1.09 10.09
CA MET A 87 -6.59 -0.32 9.96
C MET A 87 -7.38 -0.99 8.84
N GLU A 88 -8.51 -0.39 8.47
CA GLU A 88 -9.37 -0.94 7.43
C GLU A 88 -8.58 -1.17 6.14
N LEU A 89 -7.67 -0.25 5.83
CA LEU A 89 -6.85 -0.37 4.63
C LEU A 89 -5.59 -1.17 4.91
N VAL A 90 -5.08 -1.06 6.13
CA VAL A 90 -3.87 -1.79 6.53
C VAL A 90 -4.13 -3.29 6.58
N ASP A 91 -5.30 -3.66 7.08
CA ASP A 91 -5.66 -5.07 7.19
C ASP A 91 -5.82 -5.70 5.81
N TYR A 92 -6.19 -4.88 4.83
CA TYR A 92 -6.38 -5.36 3.47
C TYR A 92 -5.05 -5.44 2.72
N LEU A 93 -4.15 -4.51 3.02
CA LEU A 93 -2.84 -4.48 2.38
C LEU A 93 -1.91 -5.52 2.99
N ASN A 94 -2.00 -5.69 4.31
CA ASN A 94 -1.15 -6.66 5.00
C ASN A 94 -1.38 -8.06 4.46
N GLN A 95 -2.59 -8.33 4.00
CA GLN A 95 -2.94 -9.64 3.46
C GLN A 95 -2.41 -9.80 2.03
N VAL A 96 -2.30 -8.69 1.31
CA VAL A 96 -1.82 -8.71 -0.05
C VAL A 96 -0.30 -8.86 -0.10
N CYS A 97 0.38 -8.19 0.83
CA CYS A 97 1.84 -8.26 0.90
C CYS A 97 2.29 -9.27 1.94
N LEU A 98 2.23 -10.56 1.59
CA LEU A 98 2.64 -11.62 2.50
C LEU A 98 3.99 -12.20 2.09
N ASN A 99 5.06 -11.56 2.55
CA ASN A 99 6.42 -12.02 2.23
C ASN A 99 7.24 -12.20 3.50
N ASP A 100 6.58 -12.62 4.57
CA ASP A 100 7.25 -12.83 5.85
C ASP A 100 7.87 -14.23 5.91
N TYR A 101 8.99 -14.41 5.23
CA TYR A 101 9.68 -15.69 5.22
C TYR A 101 11.18 -15.51 5.27
N ARG A 102 11.74 -15.51 6.47
CA ARG A 102 13.18 -15.34 6.65
C ARG A 102 13.75 -16.43 7.55
N GLU A 103 14.14 -17.55 6.95
CA GLU A 103 14.71 -18.67 7.70
C GLU A 103 16.22 -18.67 7.61
N ILE A 104 16.88 -19.02 8.71
CA ILE A 104 18.34 -19.06 8.75
C ILE A 104 18.83 -20.28 9.51
N TYR A 105 17.97 -21.29 9.64
CA TYR A 105 18.33 -22.52 10.35
C TYR A 105 18.67 -22.23 11.81
N ARG A 106 19.90 -21.79 12.05
CA ARG A 106 20.34 -21.48 13.41
C ARG A 106 21.09 -20.15 13.44
N GLU A 107 20.58 -19.21 14.24
CA GLU A 107 21.20 -17.90 14.36
C GLU A 107 20.72 -17.19 15.63
N HIS A 108 21.66 -16.57 16.34
CA HIS A 108 21.33 -15.86 17.57
C HIS A 108 21.87 -14.43 17.54
N VAL A 109 20.99 -13.47 17.31
CA VAL A 109 21.38 -12.07 17.25
C VAL A 109 20.57 -11.23 18.24
N SER A 110 21.26 -10.64 19.21
CA SER A 110 20.60 -9.81 20.21
C SER A 110 20.92 -8.34 19.99
N GLY A 111 21.11 -7.96 18.73
CA GLY A 111 21.40 -6.58 18.41
C GLY A 111 22.27 -6.45 17.16
N PRO A 112 22.20 -5.31 16.46
CA PRO A 112 22.98 -5.08 15.24
C PRO A 112 24.48 -5.33 15.47
N SER A 113 25.19 -5.66 14.39
CA SER A 113 26.62 -5.93 14.47
C SER A 113 27.31 -5.54 13.17
N SER A 114 26.75 -6.00 12.04
CA SER A 114 27.31 -5.70 10.73
C SER A 114 26.21 -5.30 9.75
N GLY A 115 26.46 -4.22 9.00
CA GLY A 115 25.49 -3.77 8.03
C GLY A 115 25.82 -2.38 7.50
N GLY A 1 -18.34 -22.08 14.70
CA GLY A 1 -19.42 -22.36 13.72
C GLY A 1 -19.36 -21.45 12.52
N SER A 2 -19.75 -21.96 11.36
CA SER A 2 -19.74 -21.18 10.13
C SER A 2 -21.14 -21.05 9.56
N SER A 3 -21.83 -19.97 9.93
CA SER A 3 -23.18 -19.72 9.45
C SER A 3 -23.34 -18.28 8.97
N GLY A 4 -22.98 -18.05 7.72
CA GLY A 4 -23.09 -16.71 7.16
C GLY A 4 -21.95 -15.80 7.60
N SER A 5 -21.86 -15.56 8.89
CA SER A 5 -20.81 -14.70 9.44
C SER A 5 -20.90 -13.29 8.85
N SER A 6 -20.11 -12.38 9.41
CA SER A 6 -20.10 -11.00 8.95
C SER A 6 -18.68 -10.47 8.80
N GLY A 7 -18.33 -10.06 7.60
CA GLY A 7 -16.99 -9.54 7.34
C GLY A 7 -16.47 -9.91 5.97
N MET A 8 -16.54 -8.97 5.04
CA MET A 8 -16.09 -9.21 3.67
C MET A 8 -14.87 -8.34 3.36
N ALA A 9 -14.02 -8.83 2.46
CA ALA A 9 -12.82 -8.11 2.06
C ALA A 9 -13.04 -7.34 0.75
N LEU A 10 -14.28 -6.90 0.54
CA LEU A 10 -14.62 -6.15 -0.67
C LEU A 10 -14.42 -7.01 -1.91
N ALA A 11 -13.18 -7.13 -2.36
CA ALA A 11 -12.86 -7.92 -3.54
C ALA A 11 -11.42 -8.41 -3.51
N ARG A 12 -11.23 -9.72 -3.64
CA ARG A 12 -9.91 -10.31 -3.63
C ARG A 12 -9.05 -9.76 -4.77
N ALA A 13 -7.76 -10.05 -4.73
CA ALA A 13 -6.84 -9.59 -5.76
C ALA A 13 -5.69 -10.58 -5.95
N ASN A 14 -5.40 -10.93 -7.20
CA ASN A 14 -4.34 -11.86 -7.51
C ASN A 14 -3.02 -11.12 -7.75
N SER A 15 -3.11 -9.90 -8.28
CA SER A 15 -1.93 -9.10 -8.56
C SER A 15 -1.81 -7.96 -7.55
N PRO A 16 -0.57 -7.59 -7.17
CA PRO A 16 -0.33 -6.51 -6.21
C PRO A 16 -0.58 -5.13 -6.80
N GLN A 17 -0.25 -4.98 -8.08
CA GLN A 17 -0.45 -3.70 -8.77
C GLN A 17 -1.92 -3.32 -8.80
N GLU A 18 -2.78 -4.32 -8.91
CA GLU A 18 -4.22 -4.09 -8.94
C GLU A 18 -4.77 -3.86 -7.54
N ALA A 19 -4.16 -4.48 -6.55
CA ALA A 19 -4.59 -4.34 -5.16
C ALA A 19 -4.27 -2.95 -4.63
N LEU A 20 -3.07 -2.47 -4.94
CA LEU A 20 -2.64 -1.14 -4.49
C LEU A 20 -3.46 -0.05 -5.17
N LEU A 21 -3.63 -0.17 -6.47
CA LEU A 21 -4.40 0.82 -7.24
C LEU A 21 -5.84 0.88 -6.75
N TRP A 22 -6.45 -0.29 -6.58
CA TRP A 22 -7.83 -0.37 -6.12
C TRP A 22 -7.96 0.15 -4.69
N ALA A 23 -6.89 -0.02 -3.91
CA ALA A 23 -6.89 0.43 -2.52
C ALA A 23 -6.75 1.93 -2.43
N LEU A 24 -6.05 2.52 -3.40
CA LEU A 24 -5.84 3.96 -3.43
C LEU A 24 -7.08 4.68 -3.94
N ASN A 25 -7.82 4.02 -4.81
CA ASN A 25 -9.04 4.61 -5.37
C ASN A 25 -10.15 4.65 -4.33
N ASP A 26 -10.19 3.64 -3.47
CA ASP A 26 -11.21 3.57 -2.43
C ASP A 26 -11.06 4.72 -1.43
N LEU A 27 -9.83 5.22 -1.30
CA LEU A 27 -9.56 6.32 -0.38
C LEU A 27 -10.41 7.54 -0.72
N GLU A 28 -10.93 8.19 0.32
CA GLU A 28 -11.77 9.37 0.14
C GLU A 28 -10.94 10.56 -0.32
N GLU A 29 -11.60 11.69 -0.54
CA GLU A 29 -10.92 12.91 -0.98
C GLU A 29 -10.16 13.56 0.18
N ASN A 30 -10.70 13.41 1.39
CA ASN A 30 -10.09 13.97 2.58
C ASN A 30 -8.86 13.17 2.99
N SER A 31 -8.92 11.86 2.81
CA SER A 31 -7.81 10.98 3.16
C SER A 31 -6.70 11.06 2.12
N PHE A 32 -7.09 11.17 0.85
CA PHE A 32 -6.13 11.25 -0.23
C PHE A 32 -5.38 12.58 -0.21
N LYS A 33 -6.06 13.62 0.26
CA LYS A 33 -5.46 14.96 0.34
C LYS A 33 -4.39 15.00 1.43
N THR A 34 -4.76 14.56 2.63
CA THR A 34 -3.82 14.55 3.75
C THR A 34 -2.65 13.61 3.47
N LEU A 35 -2.93 12.50 2.81
CA LEU A 35 -1.90 11.52 2.49
C LEU A 35 -0.92 12.08 1.46
N LYS A 36 -1.40 12.98 0.61
CA LYS A 36 -0.57 13.58 -0.42
C LYS A 36 0.63 14.29 0.20
N PHE A 37 0.36 15.15 1.17
CA PHE A 37 1.42 15.89 1.86
C PHE A 37 2.30 14.96 2.67
N HIS A 38 1.69 13.88 3.18
CA HIS A 38 2.42 12.91 4.00
C HIS A 38 3.50 12.21 3.17
N LEU A 39 3.29 12.15 1.85
CA LEU A 39 4.24 11.49 0.95
C LEU A 39 5.62 12.10 1.10
N ARG A 40 5.70 13.43 1.11
CA ARG A 40 6.97 14.12 1.25
C ARG A 40 7.69 13.70 2.53
N ASP A 41 6.92 13.34 3.54
CA ASP A 41 7.48 12.92 4.81
C ASP A 41 7.95 11.47 4.76
N VAL A 42 7.00 10.56 4.55
CA VAL A 42 7.32 9.13 4.47
C VAL A 42 8.31 8.85 3.34
N THR A 43 8.05 9.45 2.18
CA THR A 43 8.93 9.26 1.02
C THR A 43 9.64 10.56 0.65
N GLN A 44 10.91 10.44 0.28
CA GLN A 44 11.70 11.60 -0.10
C GLN A 44 12.68 11.26 -1.22
N PHE A 45 12.22 10.45 -2.16
CA PHE A 45 13.06 10.04 -3.28
C PHE A 45 13.35 11.22 -4.20
N HIS A 46 12.30 11.78 -4.79
CA HIS A 46 12.44 12.91 -5.69
C HIS A 46 11.17 13.75 -5.73
N LEU A 47 10.46 13.79 -4.59
CA LEU A 47 9.22 14.55 -4.49
C LEU A 47 9.45 15.86 -3.75
N ALA A 48 8.97 16.96 -4.33
CA ALA A 48 9.11 18.27 -3.73
C ALA A 48 8.11 19.26 -4.29
N ARG A 49 8.23 19.58 -5.56
CA ARG A 49 7.33 20.51 -6.22
C ARG A 49 7.03 20.07 -7.65
N GLY A 50 5.76 19.86 -7.96
CA GLY A 50 5.37 19.44 -9.29
C GLY A 50 4.99 17.97 -9.34
N GLU A 51 5.82 17.12 -8.75
CA GLU A 51 5.57 15.69 -8.73
C GLU A 51 4.53 15.33 -7.68
N LEU A 52 4.52 16.08 -6.58
CA LEU A 52 3.57 15.84 -5.51
C LEU A 52 2.14 16.17 -5.95
N GLU A 53 2.01 17.15 -6.83
CA GLU A 53 0.71 17.56 -7.33
C GLU A 53 0.30 16.73 -8.54
N SER A 54 1.29 16.39 -9.38
CA SER A 54 1.03 15.60 -10.57
C SER A 54 0.59 14.18 -10.20
N LEU A 55 1.06 13.70 -9.06
CA LEU A 55 0.71 12.36 -8.59
C LEU A 55 -0.80 12.22 -8.44
N SER A 56 -1.35 11.15 -9.03
CA SER A 56 -2.78 10.90 -8.96
C SER A 56 -3.05 9.50 -8.44
N GLN A 57 -4.34 9.17 -8.28
CA GLN A 57 -4.73 7.86 -7.78
C GLN A 57 -4.22 6.75 -8.70
N VAL A 58 -4.09 7.07 -9.99
CA VAL A 58 -3.61 6.11 -10.97
C VAL A 58 -2.08 6.14 -11.07
N ASP A 59 -1.54 7.34 -11.19
CA ASP A 59 -0.09 7.51 -11.31
C ASP A 59 0.61 7.12 -10.02
N LEU A 60 -0.07 7.30 -8.90
CA LEU A 60 0.49 6.96 -7.59
C LEU A 60 0.80 5.48 -7.50
N ALA A 61 -0.17 4.65 -7.83
CA ALA A 61 -0.01 3.20 -7.79
C ALA A 61 1.14 2.75 -8.70
N SER A 62 1.37 3.52 -9.77
CA SER A 62 2.43 3.19 -10.72
C SER A 62 3.76 3.82 -10.29
N LYS A 63 3.68 4.96 -9.62
CA LYS A 63 4.87 5.65 -9.16
C LYS A 63 5.48 4.95 -7.94
N LEU A 64 4.61 4.54 -7.01
CA LEU A 64 5.07 3.86 -5.81
C LEU A 64 5.81 2.58 -6.15
N ILE A 65 5.41 1.94 -7.25
CA ILE A 65 6.05 0.70 -7.67
C ILE A 65 7.26 0.98 -8.57
N SER A 66 7.16 2.04 -9.37
CA SER A 66 8.25 2.42 -10.26
C SER A 66 9.38 3.08 -9.49
N MET A 67 9.04 3.73 -8.39
CA MET A 67 10.04 4.40 -7.56
C MET A 67 10.70 3.43 -6.58
N TYR A 68 9.91 2.48 -6.09
CA TYR A 68 10.41 1.49 -5.15
C TYR A 68 10.05 0.07 -5.60
N GLY A 69 8.77 -0.24 -5.58
CA GLY A 69 8.31 -1.56 -5.98
C GLY A 69 6.91 -1.88 -5.48
N ALA A 70 6.44 -3.08 -5.79
CA ALA A 70 5.11 -3.50 -5.37
C ALA A 70 5.08 -3.90 -3.90
N GLN A 71 6.22 -4.40 -3.41
CA GLN A 71 6.33 -4.83 -2.02
C GLN A 71 6.57 -3.63 -1.11
N GLU A 72 7.32 -2.64 -1.62
CA GLU A 72 7.63 -1.44 -0.85
C GLU A 72 6.49 -0.42 -0.94
N ALA A 73 5.87 -0.35 -2.12
CA ALA A 73 4.77 0.59 -2.34
C ALA A 73 3.63 0.34 -1.35
N VAL A 74 3.32 -0.93 -1.12
CA VAL A 74 2.25 -1.30 -0.18
C VAL A 74 2.64 -0.99 1.26
N ARG A 75 3.94 -1.01 1.54
CA ARG A 75 4.44 -0.74 2.87
C ARG A 75 4.38 0.75 3.19
N VAL A 76 4.52 1.58 2.16
CA VAL A 76 4.47 3.02 2.32
C VAL A 76 3.06 3.50 2.66
N VAL A 77 2.07 2.78 2.15
CA VAL A 77 0.67 3.13 2.39
C VAL A 77 0.24 2.73 3.80
N SER A 78 0.84 1.66 4.32
CA SER A 78 0.52 1.18 5.66
C SER A 78 1.07 2.11 6.73
N ARG A 79 2.20 2.77 6.42
CA ARG A 79 2.82 3.69 7.36
C ARG A 79 1.93 4.90 7.62
N SER A 80 1.41 5.48 6.54
CA SER A 80 0.54 6.66 6.65
C SER A 80 -0.84 6.26 7.15
N LEU A 81 -1.27 5.04 6.81
CA LEU A 81 -2.57 4.54 7.23
C LEU A 81 -2.68 4.52 8.76
N LEU A 82 -1.57 4.24 9.42
CA LEU A 82 -1.56 4.19 10.88
C LEU A 82 -1.58 5.60 11.48
N ALA A 83 -0.99 6.55 10.75
CA ALA A 83 -0.95 7.93 11.21
C ALA A 83 -2.33 8.58 11.13
N MET A 84 -3.13 8.15 10.16
CA MET A 84 -4.46 8.69 9.98
C MET A 84 -5.52 7.79 10.61
N ASN A 85 -5.09 6.69 11.23
CA ASN A 85 -6.00 5.76 11.87
C ASN A 85 -6.99 5.19 10.86
N LEU A 86 -6.54 4.20 10.09
CA LEU A 86 -7.38 3.56 9.09
C LEU A 86 -6.93 2.12 8.83
N MET A 87 -7.31 1.23 9.73
CA MET A 87 -6.95 -0.19 9.60
C MET A 87 -7.73 -0.86 8.47
N GLU A 88 -8.72 -0.17 7.93
CA GLU A 88 -9.54 -0.72 6.85
C GLU A 88 -8.67 -1.14 5.67
N LEU A 89 -7.72 -0.28 5.30
CA LEU A 89 -6.82 -0.56 4.19
C LEU A 89 -5.65 -1.42 4.64
N VAL A 90 -5.18 -1.18 5.86
CA VAL A 90 -4.06 -1.94 6.41
C VAL A 90 -4.39 -3.43 6.50
N ASP A 91 -5.67 -3.73 6.67
CA ASP A 91 -6.12 -5.11 6.77
C ASP A 91 -6.04 -5.81 5.41
N TYR A 92 -6.49 -5.13 4.37
CA TYR A 92 -6.47 -5.69 3.03
C TYR A 92 -5.05 -5.75 2.48
N LEU A 93 -4.33 -4.64 2.59
CA LEU A 93 -2.96 -4.56 2.10
C LEU A 93 -2.08 -5.59 2.81
N ASN A 94 -2.42 -5.91 4.05
CA ASN A 94 -1.66 -6.89 4.83
C ASN A 94 -1.79 -8.28 4.22
N GLN A 95 -2.96 -8.56 3.64
CA GLN A 95 -3.22 -9.86 3.03
C GLN A 95 -2.55 -9.95 1.66
N VAL A 96 -2.46 -8.82 0.97
CA VAL A 96 -1.86 -8.77 -0.35
C VAL A 96 -0.34 -8.91 -0.26
N CYS A 97 0.12 -10.07 0.20
CA CYS A 97 1.55 -10.33 0.32
C CYS A 97 1.92 -11.65 -0.36
N LEU A 98 1.85 -11.67 -1.68
CA LEU A 98 2.17 -12.85 -2.45
C LEU A 98 3.46 -12.64 -3.26
N ASN A 99 4.37 -11.84 -2.71
CA ASN A 99 5.63 -11.56 -3.37
C ASN A 99 6.74 -11.31 -2.35
N ASP A 100 7.88 -11.94 -2.56
CA ASP A 100 9.03 -11.78 -1.65
C ASP A 100 10.34 -11.87 -2.41
N TYR A 101 11.42 -11.43 -1.78
CA TYR A 101 12.74 -11.46 -2.39
C TYR A 101 12.75 -10.69 -3.71
N ARG A 102 13.35 -9.51 -3.70
CA ARG A 102 13.44 -8.68 -4.89
C ARG A 102 14.58 -9.13 -5.79
N GLU A 103 14.72 -8.48 -6.95
CA GLU A 103 15.77 -8.81 -7.89
C GLU A 103 15.64 -10.26 -8.38
N ILE A 104 15.32 -10.42 -9.66
CA ILE A 104 15.16 -11.74 -10.24
C ILE A 104 16.48 -12.26 -10.79
N TYR A 105 17.19 -13.02 -9.96
CA TYR A 105 18.48 -13.58 -10.36
C TYR A 105 18.31 -15.02 -10.87
N ARG A 106 17.39 -15.75 -10.26
CA ARG A 106 17.13 -17.13 -10.65
C ARG A 106 15.92 -17.21 -11.57
N GLU A 107 15.70 -16.16 -12.36
CA GLU A 107 14.57 -16.12 -13.28
C GLU A 107 15.05 -15.93 -14.72
N HIS A 108 15.21 -17.04 -15.43
CA HIS A 108 15.67 -17.00 -16.81
C HIS A 108 14.61 -16.37 -17.73
N VAL A 109 13.44 -17.00 -17.79
CA VAL A 109 12.35 -16.50 -18.61
C VAL A 109 11.00 -16.67 -17.91
N SER A 110 10.78 -17.86 -17.37
CA SER A 110 9.53 -18.16 -16.67
C SER A 110 9.60 -19.51 -15.97
N GLY A 111 8.45 -20.00 -15.53
CA GLY A 111 8.41 -21.28 -14.85
C GLY A 111 7.19 -22.11 -15.24
N PRO A 112 6.00 -21.73 -14.76
CA PRO A 112 4.76 -22.46 -15.07
C PRO A 112 4.42 -22.41 -16.56
N SER A 113 4.54 -23.55 -17.22
CA SER A 113 4.25 -23.64 -18.65
C SER A 113 3.42 -24.89 -18.95
N SER A 114 3.84 -26.02 -18.40
CA SER A 114 3.13 -27.28 -18.61
C SER A 114 2.92 -28.02 -17.29
N GLY A 115 1.75 -28.61 -17.14
CA GLY A 115 1.44 -29.34 -15.92
C GLY A 115 1.44 -30.84 -16.13
N GLY A 1 -16.44 -12.18 10.49
CA GLY A 1 -17.22 -11.16 11.26
C GLY A 1 -16.34 -10.07 11.84
N SER A 2 -16.88 -8.86 11.93
CA SER A 2 -16.13 -7.73 12.48
C SER A 2 -17.07 -6.58 12.84
N SER A 3 -17.22 -6.32 14.13
CA SER A 3 -18.08 -5.25 14.60
C SER A 3 -19.53 -5.48 14.17
N GLY A 4 -19.92 -6.75 14.09
CA GLY A 4 -21.27 -7.09 13.69
C GLY A 4 -21.54 -6.75 12.23
N SER A 5 -22.80 -6.87 11.82
CA SER A 5 -23.19 -6.59 10.45
C SER A 5 -22.44 -7.49 9.48
N SER A 6 -22.11 -8.70 9.92
CA SER A 6 -21.39 -9.66 9.09
C SER A 6 -20.05 -9.09 8.64
N GLY A 7 -19.37 -9.81 7.75
CA GLY A 7 -18.08 -9.36 7.27
C GLY A 7 -17.78 -9.88 5.87
N MET A 8 -16.85 -9.22 5.19
CA MET A 8 -16.47 -9.62 3.84
C MET A 8 -15.28 -8.80 3.34
N ALA A 9 -14.83 -9.10 2.12
CA ALA A 9 -13.69 -8.40 1.55
C ALA A 9 -14.16 -7.35 0.53
N LEU A 10 -13.44 -6.24 0.46
CA LEU A 10 -13.77 -5.16 -0.45
C LEU A 10 -13.74 -5.65 -1.89
N ALA A 11 -12.66 -6.33 -2.26
CA ALA A 11 -12.51 -6.85 -3.61
C ALA A 11 -11.54 -8.03 -3.64
N ARG A 12 -11.23 -8.51 -4.84
CA ARG A 12 -10.33 -9.63 -5.01
C ARG A 12 -9.35 -9.38 -6.14
N ALA A 13 -8.05 -9.48 -5.83
CA ALA A 13 -7.01 -9.27 -6.83
C ALA A 13 -5.96 -10.36 -6.77
N ASN A 14 -5.27 -10.57 -7.88
CA ASN A 14 -4.23 -11.59 -7.96
C ASN A 14 -2.84 -10.99 -7.76
N SER A 15 -2.60 -9.84 -8.40
CA SER A 15 -1.32 -9.16 -8.28
C SER A 15 -1.40 -8.00 -7.30
N PRO A 16 -0.27 -7.60 -6.72
CA PRO A 16 -0.21 -6.49 -5.76
C PRO A 16 -0.47 -5.13 -6.41
N GLN A 17 -0.13 -5.03 -7.69
CA GLN A 17 -0.32 -3.79 -8.43
C GLN A 17 -1.81 -3.43 -8.51
N GLU A 18 -2.65 -4.45 -8.55
CA GLU A 18 -4.09 -4.24 -8.63
C GLU A 18 -4.67 -3.92 -7.26
N ALA A 19 -4.15 -4.57 -6.23
CA ALA A 19 -4.61 -4.36 -4.87
C ALA A 19 -4.25 -2.97 -4.38
N LEU A 20 -3.08 -2.48 -4.79
CA LEU A 20 -2.63 -1.15 -4.39
C LEU A 20 -3.39 -0.06 -5.13
N LEU A 21 -3.63 -0.29 -6.42
CA LEU A 21 -4.36 0.67 -7.24
C LEU A 21 -5.76 0.90 -6.69
N TRP A 22 -6.45 -0.18 -6.35
CA TRP A 22 -7.81 -0.09 -5.82
C TRP A 22 -7.80 0.61 -4.47
N ALA A 23 -6.72 0.44 -3.72
CA ALA A 23 -6.59 1.06 -2.41
C ALA A 23 -6.47 2.57 -2.52
N LEU A 24 -5.87 3.03 -3.61
CA LEU A 24 -5.69 4.46 -3.84
C LEU A 24 -7.00 5.12 -4.25
N ASN A 25 -7.71 4.48 -5.17
CA ASN A 25 -8.99 5.01 -5.65
C ASN A 25 -10.05 4.94 -4.56
N ASP A 26 -9.94 3.93 -3.70
CA ASP A 26 -10.90 3.76 -2.61
C ASP A 26 -10.82 4.92 -1.62
N LEU A 27 -9.63 5.50 -1.49
CA LEU A 27 -9.41 6.62 -0.59
C LEU A 27 -10.35 7.79 -0.93
N GLU A 28 -10.93 8.39 0.10
CA GLU A 28 -11.84 9.52 -0.10
C GLU A 28 -11.06 10.82 -0.25
N GLU A 29 -11.79 11.92 -0.42
CA GLU A 29 -11.17 13.23 -0.59
C GLU A 29 -10.51 13.69 0.72
N ASN A 30 -11.08 13.26 1.84
CA ASN A 30 -10.56 13.62 3.15
C ASN A 30 -9.35 12.77 3.51
N SER A 31 -9.32 11.54 3.01
CA SER A 31 -8.21 10.64 3.28
C SER A 31 -7.07 10.85 2.29
N PHE A 32 -7.42 11.09 1.04
CA PHE A 32 -6.42 11.31 -0.01
C PHE A 32 -5.68 12.63 0.22
N LYS A 33 -6.39 13.61 0.77
CA LYS A 33 -5.79 14.92 1.04
C LYS A 33 -4.68 14.81 2.08
N THR A 34 -5.05 14.44 3.29
CA THR A 34 -4.08 14.29 4.39
C THR A 34 -3.01 13.26 4.03
N LEU A 35 -3.40 12.26 3.24
CA LEU A 35 -2.48 11.21 2.83
C LEU A 35 -1.48 11.73 1.80
N LYS A 36 -1.95 12.57 0.89
CA LYS A 36 -1.10 13.14 -0.16
C LYS A 36 0.11 13.85 0.45
N PHE A 37 -0.16 14.79 1.34
CA PHE A 37 0.91 15.54 2.00
C PHE A 37 1.84 14.61 2.77
N HIS A 38 1.30 13.49 3.22
CA HIS A 38 2.08 12.51 3.98
C HIS A 38 2.99 11.71 3.06
N LEU A 39 2.59 11.57 1.80
CA LEU A 39 3.37 10.82 0.83
C LEU A 39 4.77 11.39 0.70
N ARG A 40 4.88 12.72 0.76
CA ARG A 40 6.17 13.38 0.65
C ARG A 40 6.96 13.28 1.96
N ASP A 41 6.23 13.22 3.07
CA ASP A 41 6.87 13.10 4.38
C ASP A 41 7.40 11.70 4.62
N VAL A 42 6.60 10.70 4.25
CA VAL A 42 7.00 9.31 4.42
C VAL A 42 8.11 8.92 3.45
N THR A 43 8.05 9.46 2.24
CA THR A 43 9.05 9.17 1.22
C THR A 43 10.33 9.96 1.47
N GLN A 44 10.26 11.28 1.23
CA GLN A 44 11.42 12.14 1.43
C GLN A 44 12.58 11.73 0.54
N PHE A 45 12.25 11.29 -0.68
CA PHE A 45 13.27 10.86 -1.63
C PHE A 45 13.82 12.05 -2.42
N HIS A 46 12.98 12.64 -3.25
CA HIS A 46 13.38 13.78 -4.05
C HIS A 46 12.17 14.45 -4.70
N LEU A 47 11.05 14.44 -4.00
CA LEU A 47 9.82 15.04 -4.50
C LEU A 47 9.41 16.24 -3.64
N ALA A 48 9.22 17.38 -4.29
CA ALA A 48 8.83 18.60 -3.58
C ALA A 48 8.62 19.76 -4.55
N ARG A 49 9.48 19.83 -5.57
CA ARG A 49 9.39 20.90 -6.57
C ARG A 49 8.00 20.93 -7.20
N GLY A 50 7.51 19.77 -7.61
CA GLY A 50 6.20 19.70 -8.23
C GLY A 50 5.90 18.33 -8.80
N GLU A 51 6.23 17.28 -8.04
CA GLU A 51 5.99 15.92 -8.48
C GLU A 51 4.89 15.26 -7.66
N LEU A 52 4.79 15.67 -6.40
CA LEU A 52 3.78 15.12 -5.50
C LEU A 52 2.37 15.41 -6.01
N GLU A 53 2.07 16.69 -6.19
CA GLU A 53 0.76 17.11 -6.67
C GLU A 53 0.49 16.54 -8.06
N SER A 54 1.55 16.35 -8.84
CA SER A 54 1.42 15.82 -10.19
C SER A 54 0.94 14.38 -10.16
N LEU A 55 1.29 13.66 -9.10
CA LEU A 55 0.88 12.26 -8.95
C LEU A 55 -0.64 12.14 -8.95
N SER A 56 -1.14 10.96 -9.30
CA SER A 56 -2.57 10.70 -9.34
C SER A 56 -2.89 9.30 -8.83
N GLN A 57 -4.18 9.01 -8.69
CA GLN A 57 -4.61 7.70 -8.21
C GLN A 57 -4.07 6.58 -9.09
N VAL A 58 -3.85 6.89 -10.37
CA VAL A 58 -3.33 5.91 -11.32
C VAL A 58 -1.82 6.02 -11.45
N ASP A 59 -1.33 7.24 -11.59
CA ASP A 59 0.10 7.48 -11.72
C ASP A 59 0.85 7.10 -10.46
N LEU A 60 0.24 7.37 -9.31
CA LEU A 60 0.85 7.06 -8.02
C LEU A 60 1.11 5.57 -7.89
N ALA A 61 0.24 4.76 -8.49
CA ALA A 61 0.38 3.32 -8.44
C ALA A 61 1.57 2.85 -9.26
N SER A 62 1.90 3.60 -10.31
CA SER A 62 3.03 3.27 -11.17
C SER A 62 4.33 3.85 -10.62
N LYS A 63 4.22 4.99 -9.95
CA LYS A 63 5.40 5.65 -9.37
C LYS A 63 5.89 4.89 -8.14
N LEU A 64 4.96 4.32 -7.39
CA LEU A 64 5.31 3.58 -6.18
C LEU A 64 6.08 2.30 -6.54
N ILE A 65 5.72 1.69 -7.67
CA ILE A 65 6.38 0.47 -8.12
C ILE A 65 7.69 0.78 -8.84
N SER A 66 7.74 1.94 -9.50
CA SER A 66 8.92 2.35 -10.23
C SER A 66 9.97 2.93 -9.29
N MET A 67 9.51 3.56 -8.21
CA MET A 67 10.40 4.16 -7.23
C MET A 67 10.97 3.11 -6.29
N TYR A 68 10.12 2.16 -5.88
CA TYR A 68 10.53 1.10 -4.98
C TYR A 68 10.12 -0.26 -5.52
N GLY A 69 8.81 -0.44 -5.73
CA GLY A 69 8.31 -1.69 -6.23
C GLY A 69 6.96 -2.06 -5.63
N ALA A 70 6.38 -3.16 -6.11
CA ALA A 70 5.09 -3.61 -5.62
C ALA A 70 5.19 -4.12 -4.18
N GLN A 71 6.39 -4.51 -3.77
CA GLN A 71 6.61 -5.02 -2.42
C GLN A 71 6.69 -3.87 -1.40
N GLU A 72 7.28 -2.76 -1.82
CA GLU A 72 7.42 -1.60 -0.95
C GLU A 72 6.32 -0.58 -1.20
N ALA A 73 5.74 -0.61 -2.39
CA ALA A 73 4.67 0.32 -2.76
C ALA A 73 3.54 0.28 -1.74
N VAL A 74 3.27 -0.91 -1.21
CA VAL A 74 2.21 -1.08 -0.23
C VAL A 74 2.65 -0.60 1.16
N ARG A 75 3.94 -0.70 1.42
CA ARG A 75 4.49 -0.29 2.70
C ARG A 75 4.26 1.21 2.94
N VAL A 76 4.44 1.99 1.88
CA VAL A 76 4.26 3.44 1.97
C VAL A 76 2.83 3.78 2.39
N VAL A 77 1.85 3.17 1.72
CA VAL A 77 0.45 3.41 2.03
C VAL A 77 0.12 3.02 3.47
N SER A 78 0.42 1.77 3.81
CA SER A 78 0.16 1.28 5.16
C SER A 78 0.87 2.12 6.21
N ARG A 79 2.02 2.68 5.83
CA ARG A 79 2.80 3.50 6.74
C ARG A 79 2.11 4.84 7.01
N SER A 80 1.36 5.32 6.01
CA SER A 80 0.65 6.58 6.13
C SER A 80 -0.66 6.40 6.89
N LEU A 81 -1.27 5.22 6.74
CA LEU A 81 -2.52 4.92 7.41
C LEU A 81 -2.33 4.81 8.92
N LEU A 82 -1.25 4.15 9.32
CA LEU A 82 -0.95 3.97 10.73
C LEU A 82 -0.79 5.32 11.43
N ALA A 83 -0.16 6.27 10.74
CA ALA A 83 0.06 7.59 11.29
C ALA A 83 -1.26 8.27 11.64
N MET A 84 -2.27 8.03 10.82
CA MET A 84 -3.59 8.61 11.04
C MET A 84 -4.53 7.63 11.75
N ASN A 85 -4.02 6.44 12.06
CA ASN A 85 -4.81 5.42 12.74
C ASN A 85 -5.97 4.95 11.86
N LEU A 86 -5.65 4.17 10.83
CA LEU A 86 -6.65 3.66 9.91
C LEU A 86 -6.34 2.22 9.50
N MET A 87 -6.97 1.27 10.18
CA MET A 87 -6.75 -0.14 9.89
C MET A 87 -7.72 -0.65 8.83
N GLU A 88 -8.74 0.15 8.54
CA GLU A 88 -9.74 -0.22 7.54
C GLU A 88 -9.09 -0.55 6.20
N LEU A 89 -7.96 0.11 5.93
CA LEU A 89 -7.23 -0.11 4.68
C LEU A 89 -6.02 -1.00 4.91
N VAL A 90 -5.43 -0.89 6.10
CA VAL A 90 -4.25 -1.69 6.44
C VAL A 90 -4.59 -3.18 6.50
N ASP A 91 -5.83 -3.48 6.87
CA ASP A 91 -6.29 -4.87 6.96
C ASP A 91 -6.36 -5.51 5.58
N TYR A 92 -6.64 -4.69 4.57
CA TYR A 92 -6.74 -5.18 3.20
C TYR A 92 -5.38 -5.23 2.53
N LEU A 93 -4.48 -4.33 2.96
CA LEU A 93 -3.14 -4.27 2.40
C LEU A 93 -2.21 -5.26 3.10
N ASN A 94 -2.49 -5.54 4.37
CA ASN A 94 -1.67 -6.47 5.16
C ASN A 94 -1.61 -7.83 4.49
N GLN A 95 -2.75 -8.26 3.92
CA GLN A 95 -2.82 -9.55 3.26
C GLN A 95 -2.05 -9.54 1.93
N VAL A 96 -1.94 -8.36 1.34
CA VAL A 96 -1.23 -8.22 0.07
C VAL A 96 0.26 -8.04 0.28
N CYS A 97 0.63 -7.40 1.40
CA CYS A 97 2.03 -7.17 1.72
C CYS A 97 2.69 -8.44 2.25
N LEU A 98 2.28 -8.86 3.44
CA LEU A 98 2.83 -10.06 4.06
C LEU A 98 4.35 -9.98 4.16
N ASN A 99 4.87 -8.77 4.29
CA ASN A 99 6.30 -8.56 4.40
C ASN A 99 6.66 -7.84 5.70
N ASP A 100 7.71 -8.32 6.36
CA ASP A 100 8.16 -7.73 7.61
C ASP A 100 9.51 -7.03 7.44
N TYR A 101 10.00 -6.44 8.52
CA TYR A 101 11.29 -5.74 8.49
C TYR A 101 12.38 -6.57 9.15
N ARG A 102 12.31 -7.89 8.96
CA ARG A 102 13.29 -8.80 9.53
C ARG A 102 13.74 -9.84 8.50
N GLU A 103 15.02 -9.79 8.14
CA GLU A 103 15.57 -10.72 7.16
C GLU A 103 14.85 -10.60 5.82
N ILE A 104 15.03 -9.46 5.16
CA ILE A 104 14.40 -9.22 3.87
C ILE A 104 15.36 -8.50 2.91
N TYR A 105 16.65 -8.76 3.08
CA TYR A 105 17.67 -8.14 2.23
C TYR A 105 18.70 -9.18 1.79
N ARG A 106 19.17 -9.98 2.74
CA ARG A 106 20.17 -11.01 2.46
C ARG A 106 19.49 -12.33 2.12
N GLU A 107 18.52 -12.30 1.22
CA GLU A 107 17.80 -13.50 0.82
C GLU A 107 18.45 -14.14 -0.41
N HIS A 108 18.28 -15.44 -0.55
CA HIS A 108 18.85 -16.16 -1.68
C HIS A 108 17.89 -17.24 -2.18
N VAL A 109 16.60 -16.91 -2.20
CA VAL A 109 15.57 -17.85 -2.65
C VAL A 109 15.69 -18.10 -4.14
N SER A 110 15.48 -19.35 -4.55
CA SER A 110 15.56 -19.72 -5.96
C SER A 110 14.25 -20.34 -6.44
N GLY A 111 13.84 -19.97 -7.64
CA GLY A 111 12.60 -20.50 -8.19
C GLY A 111 11.44 -19.53 -8.05
N PRO A 112 10.58 -19.42 -9.09
CA PRO A 112 9.43 -18.52 -9.05
C PRO A 112 8.29 -19.05 -8.18
N SER A 113 8.37 -18.77 -6.88
CA SER A 113 7.35 -19.23 -5.95
C SER A 113 7.24 -18.28 -4.76
N SER A 114 6.59 -17.15 -4.98
CA SER A 114 6.42 -16.15 -3.92
C SER A 114 5.00 -15.60 -3.92
N GLY A 115 4.39 -15.55 -2.73
CA GLY A 115 3.03 -15.04 -2.62
C GLY A 115 2.01 -15.97 -3.26
N GLY A 1 -23.78 8.23 -10.04
CA GLY A 1 -24.09 8.83 -8.72
C GLY A 1 -24.84 7.87 -7.81
N SER A 2 -24.27 6.69 -7.60
CA SER A 2 -24.89 5.68 -6.74
C SER A 2 -23.84 4.96 -5.91
N SER A 3 -23.40 5.59 -4.84
CA SER A 3 -22.39 5.01 -3.95
C SER A 3 -23.05 4.31 -2.76
N GLY A 4 -22.27 3.52 -2.05
CA GLY A 4 -22.79 2.81 -0.89
C GLY A 4 -22.49 3.51 0.41
N SER A 5 -21.41 3.09 1.07
CA SER A 5 -21.01 3.69 2.34
C SER A 5 -19.53 3.46 2.62
N SER A 6 -19.10 2.20 2.54
CA SER A 6 -17.71 1.85 2.76
C SER A 6 -17.45 0.39 2.40
N GLY A 7 -17.97 -0.52 3.21
CA GLY A 7 -17.79 -1.94 2.96
C GLY A 7 -17.05 -2.64 4.08
N MET A 8 -17.72 -3.58 4.73
CA MET A 8 -17.12 -4.33 5.84
C MET A 8 -15.88 -5.08 5.37
N ALA A 9 -16.08 -6.01 4.42
CA ALA A 9 -14.99 -6.80 3.90
C ALA A 9 -14.44 -6.20 2.60
N LEU A 10 -13.55 -6.93 1.94
CA LEU A 10 -12.96 -6.47 0.69
C LEU A 10 -12.70 -7.64 -0.25
N ALA A 11 -12.50 -7.33 -1.53
CA ALA A 11 -12.25 -8.36 -2.53
C ALA A 11 -10.80 -8.84 -2.47
N ARG A 12 -10.52 -9.94 -3.15
CA ARG A 12 -9.18 -10.51 -3.17
C ARG A 12 -8.47 -10.18 -4.48
N ALA A 13 -7.14 -10.12 -4.43
CA ALA A 13 -6.35 -9.81 -5.61
C ALA A 13 -5.31 -10.90 -5.87
N ASN A 14 -4.69 -10.86 -7.05
CA ASN A 14 -3.68 -11.84 -7.42
C ASN A 14 -2.29 -11.21 -7.41
N SER A 15 -2.21 -9.94 -7.82
CA SER A 15 -0.95 -9.23 -7.87
C SER A 15 -0.97 -8.03 -6.94
N PRO A 16 0.21 -7.56 -6.48
CA PRO A 16 0.31 -6.41 -5.58
C PRO A 16 -0.05 -5.10 -6.26
N GLN A 17 0.12 -5.06 -7.59
CA GLN A 17 -0.19 -3.86 -8.36
C GLN A 17 -1.67 -3.48 -8.20
N GLU A 18 -2.54 -4.48 -8.24
CA GLU A 18 -3.98 -4.25 -8.10
C GLU A 18 -4.34 -3.97 -6.65
N ALA A 19 -3.75 -4.73 -5.73
CA ALA A 19 -4.02 -4.56 -4.31
C ALA A 19 -3.62 -3.17 -3.84
N LEU A 20 -2.53 -2.65 -4.39
CA LEU A 20 -2.04 -1.32 -4.04
C LEU A 20 -2.87 -0.24 -4.71
N LEU A 21 -3.23 -0.46 -5.96
CA LEU A 21 -4.02 0.50 -6.72
C LEU A 21 -5.44 0.62 -6.15
N TRP A 22 -6.03 -0.53 -5.82
CA TRP A 22 -7.38 -0.55 -5.27
C TRP A 22 -7.44 0.19 -3.93
N ALA A 23 -6.33 0.16 -3.20
CA ALA A 23 -6.25 0.84 -1.91
C ALA A 23 -6.26 2.36 -2.08
N LEU A 24 -5.72 2.83 -3.20
CA LEU A 24 -5.66 4.26 -3.49
C LEU A 24 -6.99 4.75 -4.02
N ASN A 25 -7.71 3.89 -4.73
CA ASN A 25 -9.00 4.25 -5.30
C ASN A 25 -10.07 4.32 -4.22
N ASP A 26 -9.92 3.49 -3.18
CA ASP A 26 -10.87 3.45 -2.08
C ASP A 26 -10.83 4.77 -1.29
N LEU A 27 -9.68 5.40 -1.26
CA LEU A 27 -9.51 6.65 -0.54
C LEU A 27 -10.47 7.73 -1.06
N GLU A 28 -10.70 8.75 -0.26
CA GLU A 28 -11.60 9.84 -0.64
C GLU A 28 -10.81 11.09 -1.02
N GLU A 29 -11.53 12.15 -1.36
CA GLU A 29 -10.90 13.41 -1.73
C GLU A 29 -10.22 14.06 -0.53
N ASN A 30 -10.95 14.16 0.58
CA ASN A 30 -10.42 14.76 1.79
C ASN A 30 -9.27 13.92 2.35
N SER A 31 -9.35 12.61 2.14
CA SER A 31 -8.32 11.70 2.63
C SER A 31 -7.06 11.79 1.77
N PHE A 32 -7.24 11.68 0.46
CA PHE A 32 -6.11 11.74 -0.47
C PHE A 32 -5.39 13.09 -0.35
N LYS A 33 -6.15 14.14 -0.03
CA LYS A 33 -5.58 15.47 0.10
C LYS A 33 -4.58 15.52 1.26
N THR A 34 -4.89 14.81 2.33
CA THR A 34 -4.02 14.77 3.50
C THR A 34 -2.95 13.69 3.35
N LEU A 35 -3.32 12.59 2.71
CA LEU A 35 -2.40 11.47 2.49
C LEU A 35 -1.29 11.86 1.53
N LYS A 36 -1.61 12.72 0.57
CA LYS A 36 -0.64 13.17 -0.42
C LYS A 36 0.54 13.87 0.26
N PHE A 37 0.23 14.77 1.18
CA PHE A 37 1.26 15.52 1.91
C PHE A 37 2.12 14.57 2.74
N HIS A 38 1.51 13.48 3.21
CA HIS A 38 2.22 12.51 4.03
C HIS A 38 3.18 11.67 3.18
N LEU A 39 2.84 11.52 1.90
CA LEU A 39 3.67 10.75 0.98
C LEU A 39 5.09 11.29 0.93
N ARG A 40 5.22 12.61 1.02
CA ARG A 40 6.53 13.26 0.98
C ARG A 40 7.42 12.77 2.11
N ASP A 41 6.80 12.30 3.20
CA ASP A 41 7.54 11.80 4.35
C ASP A 41 8.06 10.39 4.10
N VAL A 42 7.19 9.52 3.60
CA VAL A 42 7.56 8.13 3.33
C VAL A 42 8.43 8.03 2.07
N THR A 43 8.14 8.88 1.09
CA THR A 43 8.91 8.89 -0.16
C THR A 43 10.32 9.41 0.08
N GLN A 44 10.42 10.67 0.49
CA GLN A 44 11.72 11.28 0.74
C GLN A 44 12.57 11.31 -0.52
N PHE A 45 11.91 11.40 -1.67
CA PHE A 45 12.60 11.44 -2.95
C PHE A 45 12.61 12.85 -3.53
N HIS A 46 13.29 13.03 -4.65
CA HIS A 46 13.37 14.33 -5.30
C HIS A 46 12.02 14.73 -5.89
N LEU A 47 11.06 15.04 -5.02
CA LEU A 47 9.73 15.42 -5.46
C LEU A 47 9.37 16.81 -4.94
N ALA A 48 9.33 17.79 -5.84
CA ALA A 48 9.01 19.16 -5.46
C ALA A 48 8.74 20.02 -6.69
N ARG A 49 7.77 20.92 -6.58
CA ARG A 49 7.42 21.80 -7.69
C ARG A 49 6.94 21.00 -8.90
N GLY A 50 5.62 20.89 -9.04
CA GLY A 50 5.04 20.16 -10.15
C GLY A 50 5.30 18.66 -10.06
N GLU A 51 5.37 18.15 -8.83
CA GLU A 51 5.61 16.74 -8.61
C GLU A 51 4.45 16.10 -7.83
N LEU A 52 4.31 16.49 -6.57
CA LEU A 52 3.25 15.97 -5.73
C LEU A 52 1.88 16.38 -6.25
N GLU A 53 1.80 17.58 -6.81
CA GLU A 53 0.55 18.10 -7.35
C GLU A 53 0.12 17.30 -8.58
N SER A 54 1.10 16.79 -9.32
CA SER A 54 0.82 16.00 -10.52
C SER A 54 0.36 14.60 -10.15
N LEU A 55 0.81 14.11 -9.00
CA LEU A 55 0.43 12.77 -8.54
C LEU A 55 -1.08 12.65 -8.42
N SER A 56 -1.58 11.42 -8.57
CA SER A 56 -3.02 11.17 -8.47
C SER A 56 -3.27 9.76 -7.95
N GLN A 57 -4.55 9.39 -7.87
CA GLN A 57 -4.94 8.07 -7.38
C GLN A 57 -4.31 6.97 -8.24
N VAL A 58 -4.13 7.27 -9.52
CA VAL A 58 -3.54 6.31 -10.45
C VAL A 58 -2.04 6.56 -10.63
N ASP A 59 -1.68 7.82 -10.84
CA ASP A 59 -0.29 8.18 -11.03
C ASP A 59 0.55 7.82 -9.81
N LEU A 60 -0.07 7.85 -8.64
CA LEU A 60 0.61 7.52 -7.41
C LEU A 60 1.01 6.05 -7.37
N ALA A 61 0.05 5.18 -7.67
CA ALA A 61 0.29 3.75 -7.68
C ALA A 61 1.36 3.37 -8.69
N SER A 62 1.45 4.14 -9.77
CA SER A 62 2.44 3.90 -10.81
C SER A 62 3.81 4.43 -10.39
N LYS A 63 3.81 5.51 -9.62
CA LYS A 63 5.04 6.11 -9.15
C LYS A 63 5.65 5.31 -8.00
N LEU A 64 4.78 4.77 -7.15
CA LEU A 64 5.21 3.97 -6.00
C LEU A 64 5.96 2.73 -6.46
N ILE A 65 5.51 2.14 -7.57
CA ILE A 65 6.14 0.95 -8.11
C ILE A 65 7.33 1.30 -8.99
N SER A 66 7.26 2.45 -9.65
CA SER A 66 8.33 2.91 -10.53
C SER A 66 9.56 3.32 -9.71
N MET A 67 9.32 3.83 -8.52
CA MET A 67 10.40 4.28 -7.64
C MET A 67 10.94 3.10 -6.81
N TYR A 68 10.05 2.49 -6.04
CA TYR A 68 10.43 1.35 -5.21
C TYR A 68 10.02 0.03 -5.86
N GLY A 69 8.72 -0.19 -5.96
CA GLY A 69 8.22 -1.42 -6.55
C GLY A 69 6.84 -1.79 -6.04
N ALA A 70 6.45 -3.04 -6.27
CA ALA A 70 5.15 -3.52 -5.82
C ALA A 70 5.25 -4.27 -4.49
N GLN A 71 6.46 -4.38 -3.96
CA GLN A 71 6.68 -5.05 -2.68
C GLN A 71 6.84 -4.06 -1.55
N GLU A 72 7.38 -2.89 -1.86
CA GLU A 72 7.60 -1.85 -0.86
C GLU A 72 6.44 -0.86 -0.84
N ALA A 73 5.81 -0.67 -2.01
CA ALA A 73 4.69 0.26 -2.12
C ALA A 73 3.57 -0.11 -1.15
N VAL A 74 3.17 -1.39 -1.17
CA VAL A 74 2.11 -1.86 -0.30
C VAL A 74 2.47 -1.64 1.18
N ARG A 75 3.76 -1.68 1.47
CA ARG A 75 4.23 -1.49 2.84
C ARG A 75 4.24 -0.01 3.23
N VAL A 76 4.59 0.84 2.26
CA VAL A 76 4.64 2.28 2.49
C VAL A 76 3.27 2.82 2.88
N VAL A 77 2.24 2.40 2.14
CA VAL A 77 0.88 2.85 2.41
C VAL A 77 0.39 2.35 3.77
N SER A 78 0.81 1.14 4.13
CA SER A 78 0.40 0.55 5.40
C SER A 78 0.85 1.42 6.57
N ARG A 79 1.96 2.12 6.39
CA ARG A 79 2.49 3.00 7.43
C ARG A 79 1.80 4.36 7.41
N SER A 80 1.37 4.78 6.22
CA SER A 80 0.69 6.06 6.07
C SER A 80 -0.74 5.99 6.56
N LEU A 81 -1.35 4.80 6.43
CA LEU A 81 -2.73 4.60 6.86
C LEU A 81 -2.83 4.61 8.39
N LEU A 82 -1.84 4.00 9.04
CA LEU A 82 -1.82 3.93 10.50
C LEU A 82 -1.82 5.34 11.11
N ALA A 83 -1.07 6.24 10.49
CA ALA A 83 -0.97 7.62 10.97
C ALA A 83 -2.31 8.32 10.86
N MET A 84 -3.09 7.95 9.85
CA MET A 84 -4.41 8.55 9.64
C MET A 84 -5.51 7.76 10.34
N ASN A 85 -5.13 6.69 11.02
CA ASN A 85 -6.10 5.85 11.74
C ASN A 85 -7.11 5.24 10.77
N LEU A 86 -6.67 4.21 10.05
CA LEU A 86 -7.54 3.54 9.09
C LEU A 86 -7.13 2.08 8.91
N MET A 87 -7.61 1.22 9.81
CA MET A 87 -7.28 -0.20 9.75
C MET A 87 -8.01 -0.88 8.59
N GLU A 88 -9.13 -0.29 8.18
CA GLU A 88 -9.93 -0.85 7.08
C GLU A 88 -9.07 -1.04 5.83
N LEU A 89 -8.19 -0.08 5.56
CA LEU A 89 -7.32 -0.15 4.39
C LEU A 89 -6.03 -0.90 4.73
N VAL A 90 -5.60 -0.80 5.98
CA VAL A 90 -4.39 -1.47 6.42
C VAL A 90 -4.56 -2.99 6.42
N ASP A 91 -5.77 -3.43 6.71
CA ASP A 91 -6.08 -4.86 6.75
C ASP A 91 -6.00 -5.47 5.35
N TYR A 92 -6.32 -4.66 4.34
CA TYR A 92 -6.29 -5.11 2.96
C TYR A 92 -4.86 -5.18 2.44
N LEU A 93 -4.06 -4.17 2.79
CA LEU A 93 -2.67 -4.11 2.36
C LEU A 93 -1.82 -5.14 3.10
N ASN A 94 -2.18 -5.42 4.35
CA ASN A 94 -1.46 -6.38 5.17
C ASN A 94 -1.66 -7.80 4.64
N GLN A 95 -2.90 -8.12 4.28
CA GLN A 95 -3.22 -9.45 3.75
C GLN A 95 -2.45 -9.72 2.46
N VAL A 96 -2.19 -8.66 1.70
CA VAL A 96 -1.47 -8.79 0.44
C VAL A 96 -0.06 -8.21 0.56
N CYS A 97 0.91 -9.08 0.85
CA CYS A 97 2.30 -8.64 1.00
C CYS A 97 3.26 -9.79 0.71
N LEU A 98 3.63 -9.94 -0.55
CA LEU A 98 4.54 -11.01 -0.95
C LEU A 98 6.00 -10.55 -0.83
N ASN A 99 6.70 -11.07 0.18
CA ASN A 99 8.09 -10.72 0.40
C ASN A 99 8.89 -11.93 0.86
N ASP A 100 8.78 -13.03 0.11
CA ASP A 100 9.49 -14.26 0.44
C ASP A 100 9.83 -15.04 -0.83
N TYR A 101 10.49 -16.19 -0.66
CA TYR A 101 10.87 -17.03 -1.78
C TYR A 101 11.47 -18.34 -1.30
N ARG A 102 12.30 -18.26 -0.26
CA ARG A 102 12.95 -19.44 0.30
C ARG A 102 13.08 -19.32 1.82
N GLU A 103 12.04 -18.81 2.46
CA GLU A 103 12.05 -18.65 3.92
C GLU A 103 10.64 -18.42 4.44
N ILE A 104 9.84 -19.48 4.46
CA ILE A 104 8.46 -19.39 4.94
C ILE A 104 8.28 -20.16 6.24
N TYR A 105 9.20 -21.08 6.53
CA TYR A 105 9.13 -21.88 7.74
C TYR A 105 10.53 -22.17 8.28
N ARG A 106 11.40 -21.16 8.24
CA ARG A 106 12.76 -21.31 8.72
C ARG A 106 13.49 -22.40 7.95
N GLU A 107 13.96 -22.06 6.74
CA GLU A 107 14.68 -23.02 5.91
C GLU A 107 16.11 -22.53 5.64
N HIS A 108 16.94 -23.43 5.14
CA HIS A 108 18.33 -23.11 4.84
C HIS A 108 18.43 -22.34 3.52
N VAL A 109 19.54 -21.63 3.34
CA VAL A 109 19.77 -20.85 2.13
C VAL A 109 21.10 -21.21 1.48
N SER A 110 21.25 -20.84 0.22
CA SER A 110 22.49 -21.13 -0.52
C SER A 110 23.44 -19.93 -0.46
N GLY A 111 22.88 -18.73 -0.39
CA GLY A 111 23.69 -17.54 -0.34
C GLY A 111 23.42 -16.59 -1.49
N PRO A 112 22.66 -15.50 -1.26
CA PRO A 112 22.33 -14.52 -2.30
C PRO A 112 23.56 -13.76 -2.78
N SER A 113 24.31 -14.35 -3.70
CA SER A 113 25.51 -13.72 -4.24
C SER A 113 25.94 -14.40 -5.54
N SER A 114 26.03 -13.61 -6.60
CA SER A 114 26.43 -14.15 -7.90
C SER A 114 25.46 -15.20 -8.39
N GLY A 115 24.35 -14.76 -8.96
CA GLY A 115 23.35 -15.70 -9.46
C GLY A 115 22.15 -14.99 -10.06
N GLY A 1 -24.18 -1.57 0.12
CA GLY A 1 -24.73 -1.45 1.49
C GLY A 1 -23.98 -2.31 2.50
N SER A 2 -22.77 -1.90 2.84
CA SER A 2 -21.95 -2.64 3.79
C SER A 2 -21.29 -1.69 4.80
N SER A 3 -21.66 -1.85 6.06
CA SER A 3 -21.11 -1.01 7.13
C SER A 3 -20.58 -1.86 8.28
N GLY A 4 -20.14 -1.20 9.34
CA GLY A 4 -19.62 -1.91 10.49
C GLY A 4 -18.94 -0.99 11.49
N SER A 5 -17.91 -1.49 12.15
CA SER A 5 -17.17 -0.71 13.14
C SER A 5 -15.92 -0.10 12.52
N SER A 6 -14.98 -0.95 12.14
CA SER A 6 -13.73 -0.50 11.54
C SER A 6 -13.22 -1.51 10.53
N GLY A 7 -13.17 -2.78 10.94
CA GLY A 7 -12.70 -3.83 10.07
C GLY A 7 -13.70 -4.18 8.99
N MET A 8 -13.76 -3.37 7.94
CA MET A 8 -14.69 -3.59 6.84
C MET A 8 -14.09 -4.56 5.82
N ALA A 9 -14.82 -5.62 5.52
CA ALA A 9 -14.37 -6.62 4.56
C ALA A 9 -14.64 -6.18 3.13
N LEU A 10 -13.60 -6.20 2.30
CA LEU A 10 -13.73 -5.80 0.91
C LEU A 10 -13.48 -6.98 -0.02
N ALA A 11 -13.64 -6.76 -1.32
CA ALA A 11 -13.44 -7.80 -2.32
C ALA A 11 -12.00 -8.31 -2.30
N ARG A 12 -11.71 -9.26 -3.17
CA ARG A 12 -10.37 -9.84 -3.25
C ARG A 12 -9.69 -9.45 -4.56
N ALA A 13 -8.39 -9.18 -4.50
CA ALA A 13 -7.63 -8.80 -5.67
C ALA A 13 -6.87 -10.00 -6.26
N ASN A 14 -6.04 -9.74 -7.26
CA ASN A 14 -5.27 -10.80 -7.90
C ASN A 14 -3.78 -10.44 -7.95
N SER A 15 -3.49 -9.30 -8.56
CA SER A 15 -2.11 -8.83 -8.67
C SER A 15 -1.81 -7.75 -7.64
N PRO A 16 -0.54 -7.61 -7.23
CA PRO A 16 -0.12 -6.61 -6.24
C PRO A 16 -0.26 -5.19 -6.77
N GLN A 17 -0.14 -5.04 -8.09
CA GLN A 17 -0.24 -3.73 -8.72
C GLN A 17 -1.67 -3.22 -8.68
N GLU A 18 -2.63 -4.14 -8.78
CA GLU A 18 -4.05 -3.78 -8.76
C GLU A 18 -4.51 -3.50 -7.32
N ALA A 19 -3.96 -4.23 -6.36
CA ALA A 19 -4.31 -4.06 -4.96
C ALA A 19 -4.01 -2.64 -4.50
N LEU A 20 -2.83 -2.14 -4.85
CA LEU A 20 -2.42 -0.79 -4.47
C LEU A 20 -3.28 0.26 -5.17
N LEU A 21 -3.43 0.12 -6.48
CA LEU A 21 -4.23 1.06 -7.27
C LEU A 21 -5.68 1.07 -6.78
N TRP A 22 -6.15 -0.08 -6.29
CA TRP A 22 -7.51 -0.20 -5.80
C TRP A 22 -7.67 0.52 -4.46
N ALA A 23 -6.60 0.56 -3.68
CA ALA A 23 -6.63 1.22 -2.38
C ALA A 23 -6.60 2.74 -2.54
N LEU A 24 -5.75 3.22 -3.44
CA LEU A 24 -5.62 4.65 -3.68
C LEU A 24 -6.89 5.22 -4.31
N ASN A 25 -7.53 4.41 -5.14
CA ASN A 25 -8.77 4.83 -5.81
C ASN A 25 -9.96 4.70 -4.87
N ASP A 26 -10.01 3.58 -4.15
CA ASP A 26 -11.11 3.34 -3.21
C ASP A 26 -11.18 4.43 -2.15
N LEU A 27 -10.03 5.04 -1.85
CA LEU A 27 -9.97 6.10 -0.85
C LEU A 27 -10.93 7.24 -1.20
N GLU A 28 -11.07 8.19 -0.28
CA GLU A 28 -11.95 9.33 -0.50
C GLU A 28 -11.14 10.58 -0.87
N GLU A 29 -11.85 11.66 -1.18
CA GLU A 29 -11.20 12.91 -1.55
C GLU A 29 -10.70 13.65 -0.31
N ASN A 30 -11.39 13.46 0.81
CA ASN A 30 -11.00 14.11 2.06
C ASN A 30 -9.84 13.38 2.72
N SER A 31 -9.78 12.07 2.50
CA SER A 31 -8.72 11.24 3.08
C SER A 31 -7.45 11.32 2.24
N PHE A 32 -7.60 11.17 0.93
CA PHE A 32 -6.47 11.22 0.02
C PHE A 32 -5.79 12.59 0.06
N LYS A 33 -6.58 13.62 0.33
CA LYS A 33 -6.06 14.98 0.40
C LYS A 33 -5.03 15.12 1.53
N THR A 34 -5.21 14.32 2.58
CA THR A 34 -4.30 14.36 3.73
C THR A 34 -3.24 13.27 3.62
N LEU A 35 -3.63 12.13 3.07
CA LEU A 35 -2.72 11.00 2.91
C LEU A 35 -1.61 11.33 1.93
N LYS A 36 -1.93 12.14 0.93
CA LYS A 36 -0.94 12.54 -0.08
C LYS A 36 0.23 13.27 0.56
N PHE A 37 -0.07 14.27 1.38
CA PHE A 37 0.97 15.04 2.06
C PHE A 37 1.83 14.14 2.94
N HIS A 38 1.24 13.08 3.46
CA HIS A 38 1.96 12.14 4.32
C HIS A 38 2.93 11.28 3.51
N LEU A 39 2.61 11.08 2.23
CA LEU A 39 3.45 10.28 1.35
C LEU A 39 4.86 10.84 1.27
N ARG A 40 4.98 12.10 0.89
CA ARG A 40 6.27 12.75 0.76
C ARG A 40 7.02 12.74 2.10
N ASP A 41 6.28 12.60 3.19
CA ASP A 41 6.88 12.56 4.52
C ASP A 41 7.46 11.18 4.83
N VAL A 42 6.91 10.15 4.21
CA VAL A 42 7.37 8.78 4.44
C VAL A 42 8.28 8.32 3.30
N THR A 43 7.92 8.68 2.08
CA THR A 43 8.71 8.29 0.91
C THR A 43 10.13 8.84 0.99
N GLN A 44 10.24 10.11 1.30
CA GLN A 44 11.54 10.76 1.42
C GLN A 44 12.31 10.69 0.10
N PHE A 45 11.57 10.69 -1.00
CA PHE A 45 12.17 10.63 -2.33
C PHE A 45 12.13 11.99 -3.01
N HIS A 46 12.77 12.08 -4.18
CA HIS A 46 12.80 13.33 -4.93
C HIS A 46 11.45 13.60 -5.61
N LEU A 47 10.42 13.78 -4.80
CA LEU A 47 9.08 14.04 -5.32
C LEU A 47 8.63 15.46 -4.98
N ALA A 48 9.48 16.44 -5.31
CA ALA A 48 9.18 17.84 -5.04
C ALA A 48 9.15 18.65 -6.33
N ARG A 49 8.98 19.96 -6.19
CA ARG A 49 8.93 20.85 -7.35
C ARG A 49 7.76 20.49 -8.26
N GLY A 50 6.63 20.14 -7.65
CA GLY A 50 5.46 19.78 -8.43
C GLY A 50 5.48 18.34 -8.89
N GLU A 51 5.93 17.44 -8.02
CA GLU A 51 6.01 16.02 -8.36
C GLU A 51 4.96 15.23 -7.59
N LEU A 52 4.88 15.46 -6.29
CA LEU A 52 3.91 14.77 -5.44
C LEU A 52 2.49 15.22 -5.75
N GLU A 53 2.31 16.53 -5.91
CA GLU A 53 1.00 17.09 -6.21
C GLU A 53 0.53 16.66 -7.60
N SER A 54 1.46 16.65 -8.55
CA SER A 54 1.14 16.25 -9.92
C SER A 54 0.77 14.77 -9.99
N LEU A 55 1.34 13.98 -9.08
CA LEU A 55 1.07 12.55 -9.04
C LEU A 55 -0.42 12.27 -8.84
N SER A 56 -1.05 11.69 -9.85
CA SER A 56 -2.48 11.38 -9.79
C SER A 56 -2.72 10.13 -8.94
N GLN A 57 -3.97 9.91 -8.58
CA GLN A 57 -4.35 8.75 -7.78
C GLN A 57 -3.97 7.44 -8.49
N VAL A 58 -3.97 7.48 -9.82
CA VAL A 58 -3.63 6.31 -10.61
C VAL A 58 -2.12 6.24 -10.88
N ASP A 59 -1.56 7.34 -11.37
CA ASP A 59 -0.13 7.40 -11.66
C ASP A 59 0.70 7.13 -10.41
N LEU A 60 0.16 7.54 -9.26
CA LEU A 60 0.86 7.34 -7.99
C LEU A 60 1.10 5.86 -7.73
N ALA A 61 0.06 5.06 -7.91
CA ALA A 61 0.16 3.61 -7.69
C ALA A 61 1.20 2.99 -8.62
N SER A 62 1.39 3.59 -9.78
CA SER A 62 2.36 3.08 -10.75
C SER A 62 3.76 3.63 -10.46
N LYS A 63 3.81 4.84 -9.93
CA LYS A 63 5.09 5.48 -9.61
C LYS A 63 5.72 4.84 -8.38
N LEU A 64 4.90 4.50 -7.39
CA LEU A 64 5.38 3.90 -6.16
C LEU A 64 6.07 2.57 -6.45
N ILE A 65 5.60 1.87 -7.48
CA ILE A 65 6.17 0.58 -7.86
C ILE A 65 7.50 0.76 -8.57
N SER A 66 7.63 1.87 -9.29
CA SER A 66 8.86 2.16 -10.03
C SER A 66 9.91 2.77 -9.12
N MET A 67 9.46 3.52 -8.11
CA MET A 67 10.37 4.16 -7.17
C MET A 67 10.93 3.14 -6.17
N TYR A 68 10.09 2.20 -5.76
CA TYR A 68 10.50 1.17 -4.81
C TYR A 68 10.19 -0.22 -5.36
N GLY A 69 8.91 -0.55 -5.43
CA GLY A 69 8.49 -1.85 -5.92
C GLY A 69 7.02 -2.11 -5.72
N ALA A 70 6.53 -3.21 -6.29
CA ALA A 70 5.11 -3.57 -6.17
C ALA A 70 4.79 -4.01 -4.75
N GLN A 71 5.76 -4.59 -4.07
CA GLN A 71 5.57 -5.06 -2.70
C GLN A 71 5.91 -3.97 -1.71
N GLU A 72 6.86 -3.11 -2.06
CA GLU A 72 7.28 -2.02 -1.20
C GLU A 72 6.29 -0.86 -1.26
N ALA A 73 5.75 -0.62 -2.45
CA ALA A 73 4.78 0.46 -2.66
C ALA A 73 3.57 0.28 -1.76
N VAL A 74 3.20 -0.97 -1.50
CA VAL A 74 2.05 -1.28 -0.66
C VAL A 74 2.37 -1.04 0.81
N ARG A 75 3.64 -1.23 1.18
CA ARG A 75 4.07 -1.03 2.56
C ARG A 75 4.12 0.45 2.91
N VAL A 76 4.41 1.28 1.92
CA VAL A 76 4.49 2.73 2.11
C VAL A 76 3.13 3.30 2.49
N VAL A 77 2.10 2.88 1.78
CA VAL A 77 0.74 3.36 2.04
C VAL A 77 0.31 3.05 3.47
N SER A 78 0.68 1.87 3.95
CA SER A 78 0.33 1.44 5.30
C SER A 78 0.97 2.36 6.34
N ARG A 79 2.14 2.90 6.01
CA ARG A 79 2.86 3.79 6.91
C ARG A 79 2.08 5.10 7.12
N SER A 80 1.48 5.60 6.05
CA SER A 80 0.71 6.83 6.10
C SER A 80 -0.65 6.59 6.74
N LEU A 81 -1.19 5.39 6.55
CA LEU A 81 -2.49 5.05 7.11
C LEU A 81 -2.48 5.15 8.64
N LEU A 82 -1.39 4.70 9.24
CA LEU A 82 -1.25 4.73 10.69
C LEU A 82 -1.24 6.17 11.21
N ALA A 83 -0.63 7.07 10.43
CA ALA A 83 -0.56 8.48 10.81
C ALA A 83 -1.94 9.08 10.97
N MET A 84 -2.90 8.57 10.20
CA MET A 84 -4.27 9.05 10.27
C MET A 84 -5.18 8.07 11.01
N ASN A 85 -4.61 6.95 11.46
CA ASN A 85 -5.38 5.95 12.19
C ASN A 85 -6.46 5.35 11.29
N LEU A 86 -6.03 4.64 10.25
CA LEU A 86 -6.96 4.02 9.32
C LEU A 86 -6.56 2.58 9.02
N MET A 87 -6.75 1.70 10.01
CA MET A 87 -6.41 0.30 9.87
C MET A 87 -7.34 -0.42 8.89
N GLU A 88 -8.44 0.25 8.54
CA GLU A 88 -9.42 -0.32 7.62
C GLU A 88 -8.76 -0.74 6.31
N LEU A 89 -7.70 -0.03 5.93
CA LEU A 89 -6.97 -0.33 4.70
C LEU A 89 -5.70 -1.12 4.99
N VAL A 90 -5.11 -0.85 6.15
CA VAL A 90 -3.88 -1.53 6.55
C VAL A 90 -4.08 -3.04 6.61
N ASP A 91 -5.26 -3.45 7.08
CA ASP A 91 -5.58 -4.86 7.19
C ASP A 91 -5.69 -5.52 5.81
N TYR A 92 -6.09 -4.73 4.82
CA TYR A 92 -6.23 -5.23 3.46
C TYR A 92 -4.88 -5.27 2.75
N LEU A 93 -4.00 -4.34 3.10
CA LEU A 93 -2.68 -4.28 2.48
C LEU A 93 -1.72 -5.26 3.16
N ASN A 94 -1.92 -5.49 4.44
CA ASN A 94 -1.08 -6.42 5.19
C ASN A 94 -1.19 -7.83 4.65
N GLN A 95 -2.40 -8.23 4.26
CA GLN A 95 -2.64 -9.56 3.72
C GLN A 95 -2.04 -9.69 2.33
N VAL A 96 -2.19 -8.64 1.52
CA VAL A 96 -1.66 -8.64 0.16
C VAL A 96 -0.15 -8.36 0.15
N CYS A 97 0.62 -9.37 -0.19
CA CYS A 97 2.08 -9.24 -0.24
C CYS A 97 2.73 -10.52 -0.74
N LEU A 98 2.51 -11.61 -0.01
CA LEU A 98 3.09 -12.90 -0.38
C LEU A 98 4.60 -12.84 -0.42
N ASN A 99 5.18 -12.02 0.46
CA ASN A 99 6.63 -11.87 0.53
C ASN A 99 7.23 -12.89 1.50
N ASP A 100 7.40 -14.12 1.02
CA ASP A 100 7.98 -15.18 1.85
C ASP A 100 9.50 -15.13 1.83
N TYR A 101 10.11 -15.60 2.91
CA TYR A 101 11.57 -15.60 3.01
C TYR A 101 12.12 -17.02 2.87
N ARG A 102 11.42 -17.98 3.45
CA ARG A 102 11.83 -19.38 3.39
C ARG A 102 10.81 -20.21 2.63
N GLU A 103 11.03 -20.37 1.33
CA GLU A 103 10.13 -21.15 0.49
C GLU A 103 10.73 -22.51 0.16
N ILE A 104 10.33 -23.52 0.93
CA ILE A 104 10.83 -24.88 0.73
C ILE A 104 9.73 -25.91 0.93
N TYR A 105 9.90 -27.08 0.34
CA TYR A 105 8.92 -28.16 0.46
C TYR A 105 9.42 -29.25 1.40
N ARG A 106 10.73 -29.49 1.37
CA ARG A 106 11.33 -30.52 2.22
C ARG A 106 11.16 -30.17 3.69
N GLU A 107 11.52 -28.94 4.05
CA GLU A 107 11.40 -28.48 5.43
C GLU A 107 9.95 -28.44 5.88
N HIS A 108 9.73 -28.17 7.15
CA HIS A 108 8.39 -28.11 7.71
C HIS A 108 7.66 -29.44 7.54
N VAL A 109 7.60 -30.21 8.63
CA VAL A 109 6.94 -31.51 8.60
C VAL A 109 7.65 -32.47 7.66
N SER A 110 7.46 -33.77 7.88
CA SER A 110 8.08 -34.80 7.06
C SER A 110 7.19 -35.16 5.89
N GLY A 111 7.66 -36.09 5.06
CA GLY A 111 6.89 -36.52 3.90
C GLY A 111 6.13 -37.82 4.16
N PRO A 112 6.80 -38.97 4.04
CA PRO A 112 6.18 -40.27 4.25
C PRO A 112 5.46 -40.35 5.60
N SER A 113 4.80 -41.47 5.85
CA SER A 113 4.07 -41.68 7.09
C SER A 113 4.98 -42.25 8.18
N SER A 114 5.08 -41.54 9.30
CA SER A 114 5.92 -41.98 10.40
C SER A 114 5.14 -41.97 11.72
N GLY A 115 4.57 -40.82 12.05
CA GLY A 115 3.81 -40.69 13.28
C GLY A 115 3.00 -39.41 13.35
N GLY A 1 -32.22 2.68 12.86
CA GLY A 1 -33.40 2.62 11.96
C GLY A 1 -33.01 2.70 10.50
N SER A 2 -33.05 1.55 9.81
CA SER A 2 -32.71 1.51 8.39
C SER A 2 -31.27 1.97 8.16
N SER A 3 -30.83 1.94 6.91
CA SER A 3 -29.48 2.36 6.56
C SER A 3 -28.44 1.48 7.26
N GLY A 4 -27.91 0.52 6.53
CA GLY A 4 -26.91 -0.37 7.09
C GLY A 4 -25.77 -0.66 6.13
N SER A 5 -25.24 -1.87 6.19
CA SER A 5 -24.15 -2.27 5.32
C SER A 5 -24.46 -3.58 4.60
N SER A 6 -24.85 -4.59 5.36
CA SER A 6 -25.19 -5.89 4.80
C SER A 6 -23.99 -6.49 4.07
N GLY A 7 -23.17 -7.23 4.81
CA GLY A 7 -21.99 -7.85 4.22
C GLY A 7 -20.90 -6.85 3.92
N MET A 8 -19.81 -6.93 4.68
CA MET A 8 -18.68 -6.02 4.49
C MET A 8 -17.53 -6.73 3.78
N ALA A 9 -17.21 -6.26 2.58
CA ALA A 9 -16.13 -6.84 1.80
C ALA A 9 -15.70 -5.91 0.67
N LEU A 10 -14.84 -6.41 -0.22
CA LEU A 10 -14.36 -5.62 -1.35
C LEU A 10 -14.21 -6.50 -2.59
N ALA A 11 -13.74 -5.90 -3.68
CA ALA A 11 -13.54 -6.61 -4.93
C ALA A 11 -12.35 -7.56 -4.83
N ARG A 12 -12.24 -8.46 -5.81
CA ARG A 12 -11.14 -9.42 -5.83
C ARG A 12 -10.04 -8.97 -6.79
N ALA A 13 -8.79 -9.13 -6.36
CA ALA A 13 -7.65 -8.74 -7.18
C ALA A 13 -6.79 -9.95 -7.54
N ASN A 14 -5.66 -9.69 -8.18
CA ASN A 14 -4.75 -10.76 -8.58
C ASN A 14 -3.30 -10.35 -8.38
N SER A 15 -2.96 -9.15 -8.84
CA SER A 15 -1.60 -8.65 -8.71
C SER A 15 -1.52 -7.58 -7.61
N PRO A 16 -0.31 -7.29 -7.12
CA PRO A 16 -0.10 -6.29 -6.07
C PRO A 16 -0.37 -4.86 -6.55
N GLN A 17 -0.09 -4.62 -7.82
CA GLN A 17 -0.30 -3.30 -8.41
C GLN A 17 -1.78 -2.93 -8.41
N GLU A 18 -2.61 -3.83 -8.93
CA GLU A 18 -4.04 -3.60 -8.98
C GLU A 18 -4.63 -3.48 -7.58
N ALA A 19 -4.12 -4.28 -6.65
CA ALA A 19 -4.59 -4.26 -5.28
C ALA A 19 -4.34 -2.91 -4.63
N LEU A 20 -3.14 -2.37 -4.85
CA LEU A 20 -2.77 -1.08 -4.28
C LEU A 20 -3.64 0.04 -4.87
N LEU A 21 -3.94 -0.07 -6.16
CA LEU A 21 -4.76 0.93 -6.84
C LEU A 21 -6.14 1.03 -6.21
N TRP A 22 -6.68 -0.11 -5.80
CA TRP A 22 -8.00 -0.15 -5.17
C TRP A 22 -7.98 0.55 -3.82
N ALA A 23 -6.83 0.50 -3.14
CA ALA A 23 -6.68 1.13 -1.84
C ALA A 23 -6.58 2.65 -1.97
N LEU A 24 -6.15 3.12 -3.14
CA LEU A 24 -6.02 4.55 -3.39
C LEU A 24 -7.31 5.13 -3.94
N ASN A 25 -7.94 4.42 -4.87
CA ASN A 25 -9.18 4.87 -5.48
C ASN A 25 -10.31 4.90 -4.46
N ASP A 26 -10.29 3.96 -3.52
CA ASP A 26 -11.31 3.89 -2.48
C ASP A 26 -11.28 5.14 -1.60
N LEU A 27 -10.10 5.74 -1.47
CA LEU A 27 -9.95 6.94 -0.65
C LEU A 27 -10.87 8.05 -1.12
N GLU A 28 -11.33 8.87 -0.18
CA GLU A 28 -12.22 9.98 -0.51
C GLU A 28 -11.42 11.21 -0.94
N GLU A 29 -12.11 12.33 -1.09
CA GLU A 29 -11.47 13.58 -1.49
C GLU A 29 -10.63 14.16 -0.37
N ASN A 30 -11.19 14.15 0.84
CA ASN A 30 -10.50 14.68 2.01
C ASN A 30 -9.30 13.82 2.37
N SER A 31 -9.46 12.50 2.24
CA SER A 31 -8.39 11.56 2.54
C SER A 31 -7.20 11.76 1.61
N PHE A 32 -7.46 11.66 0.32
CA PHE A 32 -6.41 11.82 -0.69
C PHE A 32 -5.74 13.19 -0.57
N LYS A 33 -6.48 14.17 -0.07
CA LYS A 33 -5.96 15.52 0.09
C LYS A 33 -4.92 15.59 1.22
N THR A 34 -5.14 14.80 2.27
CA THR A 34 -4.23 14.77 3.41
C THR A 34 -3.19 13.67 3.25
N LEU A 35 -3.59 12.59 2.58
CA LEU A 35 -2.68 11.46 2.36
C LEU A 35 -1.56 11.83 1.40
N LYS A 36 -1.86 12.72 0.46
CA LYS A 36 -0.88 13.15 -0.54
C LYS A 36 0.33 13.79 0.14
N PHE A 37 0.11 14.41 1.29
CA PHE A 37 1.18 15.06 2.03
C PHE A 37 1.96 14.05 2.87
N HIS A 38 1.27 13.01 3.32
CA HIS A 38 1.90 11.98 4.13
C HIS A 38 2.95 11.20 3.33
N LEU A 39 2.74 11.11 2.02
CA LEU A 39 3.67 10.40 1.15
C LEU A 39 5.07 11.01 1.23
N ARG A 40 5.15 12.32 1.05
CA ARG A 40 6.43 13.03 1.10
C ARG A 40 7.15 12.79 2.42
N ASP A 41 6.39 12.46 3.47
CA ASP A 41 6.96 12.21 4.78
C ASP A 41 7.58 10.82 4.86
N VAL A 42 6.83 9.81 4.41
CA VAL A 42 7.30 8.44 4.44
C VAL A 42 8.28 8.17 3.30
N THR A 43 8.08 8.86 2.18
CA THR A 43 8.95 8.69 1.03
C THR A 43 10.26 9.44 1.21
N GLN A 44 10.18 10.76 1.29
CA GLN A 44 11.36 11.59 1.47
C GLN A 44 12.32 11.44 0.29
N PHE A 45 11.75 11.24 -0.89
CA PHE A 45 12.55 11.07 -2.10
C PHE A 45 12.71 12.41 -2.83
N HIS A 46 13.41 12.38 -3.96
CA HIS A 46 13.64 13.59 -4.75
C HIS A 46 12.39 13.97 -5.54
N LEU A 47 11.42 14.57 -4.85
CA LEU A 47 10.18 14.99 -5.49
C LEU A 47 9.86 16.44 -5.16
N ALA A 48 10.90 17.28 -5.13
CA ALA A 48 10.74 18.69 -4.83
C ALA A 48 10.64 19.52 -6.11
N ARG A 49 9.90 19.00 -7.09
CA ARG A 49 9.72 19.69 -8.36
C ARG A 49 8.25 19.69 -8.78
N GLY A 50 7.36 19.72 -7.79
CA GLY A 50 5.93 19.73 -8.07
C GLY A 50 5.44 18.40 -8.62
N GLU A 51 5.84 17.32 -7.97
CA GLU A 51 5.43 15.98 -8.39
C GLU A 51 4.31 15.45 -7.53
N LEU A 52 4.36 15.76 -6.23
CA LEU A 52 3.34 15.32 -5.28
C LEU A 52 1.97 15.85 -5.68
N GLU A 53 1.96 17.07 -6.22
CA GLU A 53 0.71 17.70 -6.64
C GLU A 53 0.24 17.15 -7.97
N SER A 54 1.19 16.77 -8.82
CA SER A 54 0.88 16.22 -10.13
C SER A 54 0.51 14.74 -10.04
N LEU A 55 1.02 14.07 -9.01
CA LEU A 55 0.74 12.65 -8.81
C LEU A 55 -0.76 12.40 -8.73
N SER A 56 -1.27 11.55 -9.62
CA SER A 56 -2.68 11.22 -9.65
C SER A 56 -2.97 9.93 -8.88
N GLN A 57 -4.18 9.42 -9.02
CA GLN A 57 -4.57 8.19 -8.34
C GLN A 57 -4.01 6.97 -9.04
N VAL A 58 -3.84 7.07 -10.36
CA VAL A 58 -3.31 5.98 -11.15
C VAL A 58 -1.79 6.03 -11.22
N ASP A 59 -1.26 7.24 -11.40
CA ASP A 59 0.18 7.43 -11.49
C ASP A 59 0.85 7.16 -10.14
N LEU A 60 0.18 7.55 -9.07
CA LEU A 60 0.71 7.35 -7.73
C LEU A 60 0.95 5.87 -7.45
N ALA A 61 0.05 5.03 -7.96
CA ALA A 61 0.16 3.58 -7.76
C ALA A 61 1.38 3.02 -8.49
N SER A 62 1.64 3.52 -9.69
CA SER A 62 2.78 3.07 -10.49
C SER A 62 4.07 3.73 -10.00
N LYS A 63 3.95 4.96 -9.49
CA LYS A 63 5.10 5.69 -8.99
C LYS A 63 5.75 4.96 -7.82
N LEU A 64 4.91 4.32 -7.00
CA LEU A 64 5.40 3.59 -5.84
C LEU A 64 6.25 2.40 -6.26
N ILE A 65 5.88 1.78 -7.38
CA ILE A 65 6.60 0.62 -7.90
C ILE A 65 7.83 1.05 -8.69
N SER A 66 7.73 2.22 -9.34
CA SER A 66 8.84 2.74 -10.13
C SER A 66 9.95 3.28 -9.23
N MET A 67 9.57 3.77 -8.06
CA MET A 67 10.53 4.30 -7.11
C MET A 67 11.18 3.19 -6.30
N TYR A 68 10.35 2.37 -5.66
CA TYR A 68 10.84 1.25 -4.85
C TYR A 68 10.50 -0.07 -5.49
N GLY A 69 9.21 -0.39 -5.55
CA GLY A 69 8.77 -1.65 -6.13
C GLY A 69 7.37 -2.03 -5.70
N ALA A 70 6.88 -3.15 -6.20
CA ALA A 70 5.55 -3.63 -5.86
C ALA A 70 5.50 -4.17 -4.43
N GLN A 71 6.63 -4.69 -3.96
CA GLN A 71 6.72 -5.24 -2.60
C GLN A 71 6.76 -4.11 -1.58
N GLU A 72 7.39 -3.00 -1.95
CA GLU A 72 7.50 -1.85 -1.05
C GLU A 72 6.39 -0.84 -1.31
N ALA A 73 5.85 -0.84 -2.52
CA ALA A 73 4.78 0.08 -2.90
C ALA A 73 3.62 0.01 -1.90
N VAL A 74 3.23 -1.21 -1.54
CA VAL A 74 2.13 -1.40 -0.60
C VAL A 74 2.57 -1.09 0.83
N ARG A 75 3.84 -1.31 1.11
CA ARG A 75 4.39 -1.04 2.44
C ARG A 75 4.38 0.44 2.75
N VAL A 76 4.54 1.27 1.71
CA VAL A 76 4.54 2.71 1.88
C VAL A 76 3.17 3.22 2.35
N VAL A 77 2.12 2.81 1.64
CA VAL A 77 0.77 3.23 1.98
C VAL A 77 0.39 2.76 3.38
N SER A 78 0.85 1.56 3.74
CA SER A 78 0.56 0.99 5.05
C SER A 78 1.06 1.89 6.17
N ARG A 79 2.14 2.62 5.90
CA ARG A 79 2.72 3.53 6.88
C ARG A 79 1.93 4.83 6.95
N SER A 80 1.36 5.24 5.82
CA SER A 80 0.58 6.47 5.75
C SER A 80 -0.79 6.27 6.38
N LEU A 81 -1.33 5.06 6.26
CA LEU A 81 -2.64 4.74 6.83
C LEU A 81 -2.60 4.75 8.35
N LEU A 82 -1.55 4.17 8.91
CA LEU A 82 -1.39 4.11 10.36
C LEU A 82 -1.33 5.51 10.96
N ALA A 83 -0.67 6.43 10.24
CA ALA A 83 -0.54 7.81 10.71
C ALA A 83 -1.89 8.52 10.69
N MET A 84 -2.74 8.14 9.74
CA MET A 84 -4.06 8.75 9.61
C MET A 84 -5.13 7.90 10.32
N ASN A 85 -4.71 6.80 10.92
CA ASN A 85 -5.63 5.92 11.63
C ASN A 85 -6.65 5.30 10.67
N LEU A 86 -6.24 4.22 10.01
CA LEU A 86 -7.12 3.54 9.06
C LEU A 86 -6.76 2.06 8.96
N MET A 87 -6.90 1.35 10.07
CA MET A 87 -6.60 -0.08 10.12
C MET A 87 -7.41 -0.85 9.09
N GLU A 88 -8.55 -0.29 8.69
CA GLU A 88 -9.41 -0.93 7.71
C GLU A 88 -8.66 -1.22 6.41
N LEU A 89 -7.92 -0.22 5.94
CA LEU A 89 -7.14 -0.36 4.71
C LEU A 89 -5.85 -1.14 4.96
N VAL A 90 -5.27 -0.95 6.14
CA VAL A 90 -4.04 -1.63 6.50
C VAL A 90 -4.26 -3.13 6.64
N ASP A 91 -5.48 -3.51 7.03
CA ASP A 91 -5.83 -4.92 7.20
C ASP A 91 -5.82 -5.64 5.86
N TYR A 92 -6.15 -4.92 4.81
CA TYR A 92 -6.20 -5.49 3.47
C TYR A 92 -4.81 -5.51 2.83
N LEU A 93 -4.01 -4.48 3.14
CA LEU A 93 -2.66 -4.38 2.60
C LEU A 93 -1.71 -5.33 3.31
N ASN A 94 -1.97 -5.57 4.59
CA ASN A 94 -1.15 -6.46 5.40
C ASN A 94 -1.30 -7.90 4.94
N GLN A 95 -2.51 -8.26 4.52
CA GLN A 95 -2.79 -9.61 4.05
C GLN A 95 -2.09 -9.88 2.72
N VAL A 96 -1.96 -8.84 1.90
CA VAL A 96 -1.32 -8.97 0.60
C VAL A 96 0.19 -8.75 0.71
N CYS A 97 0.95 -9.79 0.38
CA CYS A 97 2.41 -9.72 0.44
C CYS A 97 3.04 -10.95 -0.21
N LEU A 98 3.11 -10.93 -1.53
CA LEU A 98 3.69 -12.04 -2.28
C LEU A 98 4.45 -11.54 -3.51
N ASN A 99 5.66 -12.05 -3.70
CA ASN A 99 6.49 -11.65 -4.83
C ASN A 99 7.69 -12.58 -4.98
N ASP A 100 8.55 -12.60 -3.97
CA ASP A 100 9.74 -13.45 -4.00
C ASP A 100 10.24 -13.72 -2.59
N TYR A 101 9.88 -14.90 -2.06
CA TYR A 101 10.29 -15.28 -0.71
C TYR A 101 11.47 -16.25 -0.77
N ARG A 102 11.47 -17.12 -1.79
CA ARG A 102 12.53 -18.10 -1.94
C ARG A 102 13.84 -17.43 -2.38
N GLU A 103 14.56 -16.89 -1.41
CA GLU A 103 15.83 -16.22 -1.69
C GLU A 103 16.64 -16.04 -0.41
N ILE A 104 16.65 -17.08 0.43
CA ILE A 104 17.39 -17.05 1.68
C ILE A 104 18.78 -17.64 1.52
N TYR A 105 18.98 -18.43 0.46
CA TYR A 105 20.26 -19.06 0.20
C TYR A 105 20.62 -18.97 -1.28
N ARG A 106 19.69 -19.37 -2.13
CA ARG A 106 19.90 -19.33 -3.57
C ARG A 106 19.41 -18.02 -4.16
N GLU A 107 20.12 -16.93 -3.85
CA GLU A 107 19.76 -15.61 -4.35
C GLU A 107 20.74 -14.56 -3.86
N HIS A 108 20.66 -13.36 -4.43
CA HIS A 108 21.53 -12.27 -4.04
C HIS A 108 22.99 -12.61 -4.32
N VAL A 109 23.61 -11.83 -5.20
CA VAL A 109 25.01 -12.06 -5.56
C VAL A 109 25.69 -10.74 -5.96
N SER A 110 26.72 -10.36 -5.21
CA SER A 110 27.45 -9.13 -5.50
C SER A 110 28.85 -9.45 -6.00
N GLY A 111 28.97 -10.51 -6.78
CA GLY A 111 30.27 -10.89 -7.31
C GLY A 111 30.15 -11.90 -8.44
N PRO A 112 31.14 -11.94 -9.35
CA PRO A 112 31.13 -12.87 -10.48
C PRO A 112 31.36 -14.31 -10.05
N SER A 113 31.45 -15.21 -11.03
CA SER A 113 31.67 -16.62 -10.75
C SER A 113 33.15 -16.90 -10.44
N SER A 114 33.39 -17.90 -9.61
CA SER A 114 34.75 -18.27 -9.23
C SER A 114 35.50 -17.08 -8.63
N GLY A 115 36.76 -17.29 -8.32
CA GLY A 115 37.57 -16.24 -7.74
C GLY A 115 38.89 -16.73 -7.17
N GLY A 1 -19.45 -2.62 7.19
CA GLY A 1 -19.06 -1.43 6.39
C GLY A 1 -19.37 -0.12 7.10
N SER A 2 -20.23 0.68 6.49
CA SER A 2 -20.63 1.96 7.08
C SER A 2 -22.08 1.94 7.53
N SER A 3 -22.31 2.30 8.78
CA SER A 3 -23.66 2.33 9.34
C SER A 3 -24.25 0.91 9.40
N GLY A 4 -24.72 0.43 8.26
CA GLY A 4 -25.30 -0.90 8.20
C GLY A 4 -24.36 -1.92 7.61
N SER A 5 -24.82 -3.17 7.49
CA SER A 5 -24.01 -4.23 6.93
C SER A 5 -24.73 -4.91 5.78
N SER A 6 -24.26 -4.65 4.56
CA SER A 6 -24.85 -5.24 3.36
C SER A 6 -23.93 -6.30 2.76
N GLY A 7 -22.68 -5.92 2.54
CA GLY A 7 -21.72 -6.85 1.97
C GLY A 7 -20.58 -7.17 2.92
N MET A 8 -19.63 -7.98 2.46
CA MET A 8 -18.49 -8.36 3.27
C MET A 8 -17.19 -8.31 2.45
N ALA A 9 -16.07 -8.07 3.13
CA ALA A 9 -14.78 -8.00 2.47
C ALA A 9 -14.76 -6.89 1.41
N LEU A 10 -13.68 -6.83 0.66
CA LEU A 10 -13.53 -5.82 -0.40
C LEU A 10 -13.39 -6.47 -1.76
N ALA A 11 -12.25 -7.10 -2.00
CA ALA A 11 -11.99 -7.76 -3.27
C ALA A 11 -10.78 -8.68 -3.18
N ARG A 12 -10.78 -9.73 -4.01
CA ARG A 12 -9.69 -10.69 -4.01
C ARG A 12 -8.63 -10.30 -5.05
N ALA A 13 -7.37 -10.33 -4.64
CA ALA A 13 -6.28 -9.98 -5.54
C ALA A 13 -5.15 -11.01 -5.45
N ASN A 14 -4.25 -10.98 -6.43
CA ASN A 14 -3.13 -11.91 -6.47
C ASN A 14 -1.80 -11.17 -6.30
N SER A 15 -1.71 -9.99 -6.88
CA SER A 15 -0.51 -9.17 -6.80
C SER A 15 -0.79 -7.84 -6.12
N PRO A 16 0.24 -7.21 -5.53
CA PRO A 16 0.10 -5.93 -4.84
C PRO A 16 -0.16 -4.78 -5.81
N GLN A 17 0.22 -4.97 -7.06
CA GLN A 17 0.04 -3.95 -8.10
C GLN A 17 -1.43 -3.55 -8.21
N GLU A 18 -2.30 -4.54 -8.42
CA GLU A 18 -3.72 -4.29 -8.56
C GLU A 18 -4.33 -3.92 -7.21
N ALA A 19 -3.90 -4.60 -6.15
CA ALA A 19 -4.40 -4.32 -4.81
C ALA A 19 -4.08 -2.90 -4.38
N LEU A 20 -2.87 -2.45 -4.66
CA LEU A 20 -2.45 -1.09 -4.31
C LEU A 20 -3.29 -0.06 -5.03
N LEU A 21 -3.49 -0.26 -6.33
CA LEU A 21 -4.27 0.66 -7.14
C LEU A 21 -5.70 0.77 -6.62
N TRP A 22 -6.28 -0.37 -6.27
CA TRP A 22 -7.64 -0.41 -5.75
C TRP A 22 -7.72 0.20 -4.36
N ALA A 23 -6.62 0.10 -3.62
CA ALA A 23 -6.56 0.64 -2.27
C ALA A 23 -6.69 2.16 -2.28
N LEU A 24 -5.80 2.82 -3.01
CA LEU A 24 -5.82 4.28 -3.11
C LEU A 24 -7.14 4.77 -3.68
N ASN A 25 -7.76 3.95 -4.52
CA ASN A 25 -9.04 4.30 -5.14
C ASN A 25 -10.16 4.29 -4.11
N ASP A 26 -10.01 3.45 -3.09
CA ASP A 26 -11.02 3.34 -2.05
C ASP A 26 -10.99 4.57 -1.12
N LEU A 27 -9.83 5.20 -1.04
CA LEU A 27 -9.66 6.39 -0.19
C LEU A 27 -10.66 7.47 -0.58
N GLU A 28 -10.83 8.45 0.32
CA GLU A 28 -11.76 9.54 0.08
C GLU A 28 -11.02 10.80 -0.37
N GLU A 29 -11.76 11.89 -0.57
CA GLU A 29 -11.18 13.14 -1.01
C GLU A 29 -10.33 13.75 0.10
N ASN A 30 -10.93 13.96 1.27
CA ASN A 30 -10.22 14.53 2.40
C ASN A 30 -9.04 13.66 2.81
N SER A 31 -9.17 12.35 2.61
CA SER A 31 -8.12 11.42 2.95
C SER A 31 -6.94 11.54 1.98
N PHE A 32 -7.25 11.49 0.69
CA PHE A 32 -6.22 11.60 -0.35
C PHE A 32 -5.57 12.97 -0.32
N LYS A 33 -6.35 13.99 0.01
CA LYS A 33 -5.85 15.35 0.06
C LYS A 33 -4.79 15.50 1.14
N THR A 34 -5.03 14.86 2.29
CA THR A 34 -4.10 14.92 3.41
C THR A 34 -2.89 14.02 3.16
N LEU A 35 -3.14 12.85 2.59
CA LEU A 35 -2.07 11.90 2.29
C LEU A 35 -1.06 12.49 1.33
N LYS A 36 -1.53 13.37 0.44
CA LYS A 36 -0.67 14.02 -0.54
C LYS A 36 0.47 14.78 0.14
N PHE A 37 0.12 15.55 1.17
CA PHE A 37 1.12 16.33 1.90
C PHE A 37 2.01 15.42 2.73
N HIS A 38 1.46 14.30 3.19
CA HIS A 38 2.22 13.35 3.99
C HIS A 38 3.25 12.61 3.15
N LEU A 39 3.02 12.56 1.83
CA LEU A 39 3.93 11.90 0.91
C LEU A 39 5.35 12.43 1.06
N ARG A 40 5.47 13.74 1.25
CA ARG A 40 6.76 14.38 1.41
C ARG A 40 7.54 13.76 2.57
N ASP A 41 6.82 13.25 3.56
CA ASP A 41 7.44 12.63 4.72
C ASP A 41 7.87 11.20 4.42
N VAL A 42 6.89 10.36 4.10
CA VAL A 42 7.16 8.96 3.79
C VAL A 42 8.12 8.82 2.60
N THR A 43 7.85 9.59 1.55
CA THR A 43 8.69 9.56 0.35
C THR A 43 9.45 10.87 0.19
N GLN A 44 10.77 10.79 0.34
CA GLN A 44 11.62 11.96 0.20
C GLN A 44 12.69 11.75 -0.87
N PHE A 45 12.26 11.29 -2.04
CA PHE A 45 13.18 11.04 -3.15
C PHE A 45 13.42 12.31 -3.95
N HIS A 46 12.40 12.78 -4.65
CA HIS A 46 12.51 13.99 -5.45
C HIS A 46 11.15 14.67 -5.59
N LEU A 47 10.34 14.60 -4.54
CA LEU A 47 9.01 15.21 -4.56
C LEU A 47 8.95 16.40 -3.61
N ALA A 48 8.68 17.58 -4.14
CA ALA A 48 8.60 18.79 -3.33
C ALA A 48 7.43 19.66 -3.78
N ARG A 49 7.46 20.09 -5.04
CA ARG A 49 6.42 20.93 -5.59
C ARG A 49 6.24 20.67 -7.09
N GLY A 50 4.99 20.45 -7.50
CA GLY A 50 4.70 20.19 -8.90
C GLY A 50 4.61 18.71 -9.20
N GLU A 51 5.37 17.91 -8.47
CA GLU A 51 5.36 16.46 -8.68
C GLU A 51 4.55 15.76 -7.61
N LEU A 52 4.53 16.35 -6.41
CA LEU A 52 3.78 15.78 -5.29
C LEU A 52 2.28 15.94 -5.51
N GLU A 53 1.88 17.06 -6.11
CA GLU A 53 0.47 17.34 -6.37
C GLU A 53 0.03 16.67 -7.67
N SER A 54 0.92 16.63 -8.65
CA SER A 54 0.63 16.03 -9.94
C SER A 54 0.27 14.55 -9.79
N LEU A 55 0.82 13.92 -8.74
CA LEU A 55 0.55 12.51 -8.48
C LEU A 55 -0.94 12.26 -8.30
N SER A 56 -1.42 11.15 -8.86
CA SER A 56 -2.83 10.79 -8.76
C SER A 56 -2.99 9.38 -8.19
N GLN A 57 -4.22 8.88 -8.23
CA GLN A 57 -4.51 7.55 -7.72
C GLN A 57 -3.95 6.46 -8.65
N VAL A 58 -3.89 6.78 -9.94
CA VAL A 58 -3.37 5.83 -10.92
C VAL A 58 -1.86 5.97 -11.08
N ASP A 59 -1.39 7.22 -11.08
CA ASP A 59 0.04 7.48 -11.23
C ASP A 59 0.80 7.06 -9.98
N LEU A 60 0.22 7.34 -8.82
CA LEU A 60 0.84 6.99 -7.54
C LEU A 60 1.04 5.49 -7.43
N ALA A 61 0.01 4.73 -7.78
CA ALA A 61 0.07 3.27 -7.72
C ALA A 61 1.19 2.74 -8.62
N SER A 62 1.50 3.47 -9.68
CA SER A 62 2.55 3.06 -10.62
C SER A 62 3.90 3.65 -10.21
N LYS A 63 3.86 4.83 -9.59
CA LYS A 63 5.08 5.49 -9.15
C LYS A 63 5.67 4.79 -7.94
N LEU A 64 4.82 4.41 -7.00
CA LEU A 64 5.26 3.73 -5.79
C LEU A 64 6.00 2.43 -6.13
N ILE A 65 5.62 1.82 -7.24
CA ILE A 65 6.25 0.58 -7.68
C ILE A 65 7.51 0.84 -8.49
N SER A 66 7.40 1.72 -9.48
CA SER A 66 8.53 2.06 -10.33
C SER A 66 9.64 2.73 -9.51
N MET A 67 9.24 3.42 -8.44
CA MET A 67 10.21 4.10 -7.58
C MET A 67 10.87 3.13 -6.61
N TYR A 68 10.07 2.24 -6.04
CA TYR A 68 10.56 1.25 -5.09
C TYR A 68 10.24 -0.17 -5.56
N GLY A 69 8.96 -0.52 -5.53
CA GLY A 69 8.54 -1.84 -5.95
C GLY A 69 7.09 -2.12 -5.63
N ALA A 70 6.57 -3.23 -6.17
CA ALA A 70 5.18 -3.60 -5.94
C ALA A 70 4.94 -3.98 -4.48
N GLN A 71 5.83 -4.81 -3.93
CA GLN A 71 5.73 -5.23 -2.54
C GLN A 71 6.09 -4.09 -1.59
N GLU A 72 7.00 -3.24 -2.04
CA GLU A 72 7.44 -2.11 -1.22
C GLU A 72 6.38 -1.00 -1.21
N ALA A 73 5.69 -0.85 -2.33
CA ALA A 73 4.65 0.18 -2.44
C ALA A 73 3.56 -0.01 -1.39
N VAL A 74 3.13 -1.26 -1.22
CA VAL A 74 2.09 -1.58 -0.24
C VAL A 74 2.52 -1.18 1.17
N ARG A 75 3.81 -1.29 1.44
CA ARG A 75 4.35 -0.94 2.75
C ARG A 75 4.38 0.57 2.94
N VAL A 76 4.57 1.30 1.86
CA VAL A 76 4.61 2.76 1.91
C VAL A 76 3.25 3.34 2.29
N VAL A 77 2.19 2.65 1.90
CA VAL A 77 0.83 3.09 2.20
C VAL A 77 0.40 2.65 3.60
N SER A 78 0.70 1.40 3.94
CA SER A 78 0.34 0.86 5.24
C SER A 78 0.98 1.66 6.36
N ARG A 79 2.15 2.24 6.08
CA ARG A 79 2.86 3.04 7.07
C ARG A 79 2.16 4.39 7.29
N SER A 80 1.53 4.90 6.24
CA SER A 80 0.83 6.18 6.31
C SER A 80 -0.55 6.01 6.93
N LEU A 81 -1.15 4.84 6.74
CA LEU A 81 -2.48 4.55 7.27
C LEU A 81 -2.49 4.69 8.80
N LEU A 82 -1.42 4.22 9.43
CA LEU A 82 -1.31 4.28 10.89
C LEU A 82 -1.36 5.73 11.37
N ALA A 83 -0.72 6.62 10.62
CA ALA A 83 -0.69 8.04 10.98
C ALA A 83 -2.10 8.61 11.02
N MET A 84 -2.95 8.16 10.11
CA MET A 84 -4.34 8.63 10.04
C MET A 84 -5.30 7.64 10.68
N ASN A 85 -4.77 6.52 11.18
CA ASN A 85 -5.60 5.50 11.81
C ASN A 85 -6.60 4.93 10.82
N LEU A 86 -6.16 3.96 10.03
CA LEU A 86 -7.02 3.33 9.03
C LEU A 86 -6.71 1.83 8.91
N MET A 87 -7.36 1.03 9.75
CA MET A 87 -7.16 -0.41 9.73
C MET A 87 -7.92 -1.07 8.58
N GLU A 88 -8.97 -0.41 8.13
CA GLU A 88 -9.78 -0.93 7.03
C GLU A 88 -8.92 -1.17 5.78
N LEU A 89 -7.93 -0.32 5.59
CA LEU A 89 -7.03 -0.44 4.44
C LEU A 89 -5.83 -1.32 4.77
N VAL A 90 -5.39 -1.26 6.03
CA VAL A 90 -4.25 -2.04 6.48
C VAL A 90 -4.57 -3.53 6.46
N ASP A 91 -5.84 -3.87 6.67
CA ASP A 91 -6.27 -5.26 6.67
C ASP A 91 -6.20 -5.87 5.26
N TYR A 92 -6.35 -5.00 4.25
CA TYR A 92 -6.31 -5.45 2.87
C TYR A 92 -4.89 -5.40 2.31
N LEU A 93 -4.20 -4.29 2.57
CA LEU A 93 -2.84 -4.12 2.10
C LEU A 93 -1.92 -5.21 2.66
N ASN A 94 -2.23 -5.67 3.88
CA ASN A 94 -1.43 -6.70 4.51
C ASN A 94 -1.76 -8.08 3.95
N GLN A 95 -3.04 -8.30 3.64
CA GLN A 95 -3.48 -9.57 3.10
C GLN A 95 -2.78 -9.87 1.77
N VAL A 96 -2.46 -8.81 1.04
CA VAL A 96 -1.79 -8.96 -0.25
C VAL A 96 -0.27 -8.89 -0.09
N CYS A 97 0.28 -9.83 0.67
CA CYS A 97 1.72 -9.87 0.91
C CYS A 97 2.14 -11.26 1.40
N LEU A 98 2.60 -12.10 0.47
CA LEU A 98 3.03 -13.45 0.81
C LEU A 98 4.55 -13.55 0.79
N ASN A 99 5.18 -12.76 -0.07
CA ASN A 99 6.64 -12.76 -0.17
C ASN A 99 7.27 -12.03 1.01
N ASP A 100 7.99 -12.80 1.84
CA ASP A 100 8.65 -12.23 3.01
C ASP A 100 10.07 -12.76 3.14
N TYR A 101 11.01 -11.86 3.37
CA TYR A 101 12.41 -12.24 3.52
C TYR A 101 12.98 -11.73 4.84
N ARG A 102 13.34 -12.65 5.73
CA ARG A 102 13.89 -12.30 7.03
C ARG A 102 15.41 -12.24 6.98
N GLU A 103 15.99 -11.32 7.74
CA GLU A 103 17.44 -11.17 7.78
C GLU A 103 18.10 -12.36 8.47
N ILE A 104 19.25 -12.78 7.95
CA ILE A 104 19.98 -13.91 8.53
C ILE A 104 21.48 -13.59 8.64
N TYR A 105 22.01 -13.72 9.84
CA TYR A 105 23.42 -13.45 10.09
C TYR A 105 23.74 -11.98 9.83
N ARG A 106 23.90 -11.62 8.56
CA ARG A 106 24.21 -10.25 8.19
C ARG A 106 23.68 -9.93 6.80
N GLU A 107 24.05 -10.75 5.82
CA GLU A 107 23.61 -10.55 4.45
C GLU A 107 24.09 -9.21 3.91
N HIS A 108 24.07 -9.06 2.59
CA HIS A 108 24.49 -7.81 1.96
C HIS A 108 23.43 -7.31 0.98
N VAL A 109 22.57 -6.43 1.47
CA VAL A 109 21.50 -5.87 0.65
C VAL A 109 20.73 -4.79 1.41
N SER A 110 21.45 -3.86 2.00
CA SER A 110 20.84 -2.78 2.76
C SER A 110 21.51 -1.45 2.46
N GLY A 111 21.99 -1.31 1.22
CA GLY A 111 22.65 -0.07 0.82
C GLY A 111 22.92 -0.03 -0.67
N PRO A 112 23.44 1.10 -1.18
CA PRO A 112 23.75 1.27 -2.60
C PRO A 112 24.61 0.12 -3.14
N SER A 113 24.27 -0.36 -4.33
CA SER A 113 25.02 -1.44 -4.96
C SER A 113 24.88 -1.39 -6.48
N SER A 114 25.98 -1.14 -7.16
CA SER A 114 25.99 -1.06 -8.62
C SER A 114 25.83 -2.45 -9.23
N GLY A 115 24.70 -2.68 -9.89
CA GLY A 115 24.46 -3.96 -10.51
C GLY A 115 24.92 -4.01 -11.95
N GLY A 1 -25.43 -15.71 -6.57
CA GLY A 1 -25.80 -14.94 -7.80
C GLY A 1 -24.90 -13.74 -8.01
N SER A 2 -24.97 -12.79 -7.10
CA SER A 2 -24.16 -11.58 -7.20
C SER A 2 -23.55 -11.22 -5.85
N SER A 3 -23.19 -12.23 -5.08
CA SER A 3 -22.60 -12.02 -3.76
C SER A 3 -21.19 -11.46 -3.88
N GLY A 4 -21.04 -10.18 -3.55
CA GLY A 4 -19.73 -9.55 -3.64
C GLY A 4 -19.61 -8.63 -4.83
N SER A 5 -20.41 -7.57 -4.86
CA SER A 5 -20.39 -6.61 -5.95
C SER A 5 -20.48 -5.18 -5.42
N SER A 6 -20.22 -4.22 -6.30
CA SER A 6 -20.28 -2.80 -5.92
C SER A 6 -19.28 -2.50 -4.80
N GLY A 7 -18.17 -3.24 -4.79
CA GLY A 7 -17.17 -3.03 -3.77
C GLY A 7 -17.70 -3.23 -2.37
N MET A 8 -17.65 -4.46 -1.89
CA MET A 8 -18.14 -4.79 -0.55
C MET A 8 -16.99 -5.17 0.37
N ALA A 9 -16.67 -4.29 1.31
CA ALA A 9 -15.58 -4.54 2.25
C ALA A 9 -14.25 -4.71 1.53
N LEU A 10 -13.92 -3.75 0.66
CA LEU A 10 -12.68 -3.80 -0.09
C LEU A 10 -12.65 -5.01 -1.02
N ALA A 11 -12.52 -4.77 -2.32
CA ALA A 11 -12.47 -5.84 -3.30
C ALA A 11 -11.25 -6.73 -3.08
N ARG A 12 -11.39 -8.01 -3.41
CA ARG A 12 -10.30 -8.97 -3.25
C ARG A 12 -9.37 -8.95 -4.47
N ALA A 13 -8.07 -8.93 -4.21
CA ALA A 13 -7.08 -8.92 -5.28
C ALA A 13 -6.09 -10.07 -5.15
N ASN A 14 -5.28 -10.27 -6.18
CA ASN A 14 -4.29 -11.34 -6.17
C ASN A 14 -2.88 -10.78 -6.16
N SER A 15 -2.67 -9.70 -6.90
CA SER A 15 -1.36 -9.05 -6.99
C SER A 15 -1.39 -7.67 -6.34
N PRO A 16 -0.23 -7.18 -5.89
CA PRO A 16 -0.13 -5.87 -5.25
C PRO A 16 -0.37 -4.73 -6.23
N GLN A 17 -0.08 -4.98 -7.50
CA GLN A 17 -0.27 -3.97 -8.54
C GLN A 17 -1.72 -3.53 -8.61
N GLU A 18 -2.64 -4.46 -8.32
CA GLU A 18 -4.06 -4.16 -8.35
C GLU A 18 -4.56 -3.71 -6.98
N ALA A 19 -4.17 -4.44 -5.95
CA ALA A 19 -4.57 -4.11 -4.59
C ALA A 19 -4.10 -2.72 -4.19
N LEU A 20 -2.93 -2.33 -4.68
CA LEU A 20 -2.36 -1.01 -4.38
C LEU A 20 -3.16 0.08 -5.08
N LEU A 21 -3.34 -0.05 -6.38
CA LEU A 21 -4.09 0.94 -7.16
C LEU A 21 -5.53 1.04 -6.67
N TRP A 22 -6.06 -0.07 -6.17
CA TRP A 22 -7.43 -0.11 -5.67
C TRP A 22 -7.53 0.60 -4.32
N ALA A 23 -6.46 0.54 -3.55
CA ALA A 23 -6.42 1.16 -2.23
C ALA A 23 -6.54 2.68 -2.35
N LEU A 24 -6.02 3.23 -3.45
CA LEU A 24 -6.06 4.66 -3.69
C LEU A 24 -7.44 5.10 -4.15
N ASN A 25 -8.00 4.37 -5.11
CA ASN A 25 -9.32 4.68 -5.65
C ASN A 25 -10.38 4.63 -4.56
N ASP A 26 -10.18 3.74 -3.59
CA ASP A 26 -11.12 3.60 -2.49
C ASP A 26 -11.11 4.83 -1.59
N LEU A 27 -9.96 5.49 -1.52
CA LEU A 27 -9.82 6.69 -0.70
C LEU A 27 -10.62 7.85 -1.28
N GLU A 28 -11.22 8.65 -0.40
CA GLU A 28 -12.01 9.79 -0.83
C GLU A 28 -11.15 11.02 -1.00
N GLU A 29 -11.76 12.13 -1.41
CA GLU A 29 -11.03 13.37 -1.62
C GLU A 29 -10.45 13.88 -0.30
N ASN A 30 -11.22 13.75 0.77
CA ASN A 30 -10.78 14.19 2.09
C ASN A 30 -9.68 13.30 2.63
N SER A 31 -9.71 12.02 2.24
CA SER A 31 -8.71 11.07 2.70
C SER A 31 -7.45 11.15 1.84
N PHE A 32 -7.62 11.51 0.58
CA PHE A 32 -6.49 11.62 -0.34
C PHE A 32 -5.79 12.96 -0.18
N LYS A 33 -6.54 13.98 0.23
CA LYS A 33 -5.99 15.32 0.43
C LYS A 33 -4.86 15.30 1.46
N THR A 34 -5.19 14.92 2.69
CA THR A 34 -4.21 14.86 3.77
C THR A 34 -3.19 13.76 3.52
N LEU A 35 -3.66 12.62 3.03
CA LEU A 35 -2.78 11.49 2.74
C LEU A 35 -1.75 11.85 1.69
N LYS A 36 -2.14 12.74 0.77
CA LYS A 36 -1.25 13.17 -0.30
C LYS A 36 0.02 13.80 0.26
N PHE A 37 -0.16 14.74 1.17
CA PHE A 37 0.97 15.43 1.79
C PHE A 37 1.81 14.46 2.62
N HIS A 38 1.15 13.47 3.20
CA HIS A 38 1.82 12.47 4.02
C HIS A 38 2.76 11.61 3.18
N LEU A 39 2.49 11.54 1.89
CA LEU A 39 3.30 10.74 0.97
C LEU A 39 4.78 11.15 1.05
N ARG A 40 5.02 12.46 1.09
CA ARG A 40 6.38 12.97 1.16
C ARG A 40 7.06 12.56 2.47
N ASP A 41 6.25 12.34 3.51
CA ASP A 41 6.77 11.95 4.81
C ASP A 41 7.15 10.47 4.81
N VAL A 42 6.38 9.65 4.11
CA VAL A 42 6.64 8.22 4.04
C VAL A 42 7.60 7.89 2.89
N THR A 43 7.55 8.68 1.83
CA THR A 43 8.41 8.47 0.67
C THR A 43 9.25 9.72 0.39
N GLN A 44 10.57 9.54 0.45
CA GLN A 44 11.49 10.65 0.19
C GLN A 44 12.47 10.30 -0.92
N PHE A 45 12.04 10.49 -2.16
CA PHE A 45 12.88 10.19 -3.32
C PHE A 45 13.20 11.47 -4.10
N HIS A 46 12.16 12.10 -4.66
CA HIS A 46 12.34 13.32 -5.43
C HIS A 46 10.99 13.90 -5.83
N LEU A 47 10.04 13.88 -4.89
CA LEU A 47 8.70 14.41 -5.15
C LEU A 47 8.51 15.76 -4.46
N ALA A 48 9.39 16.70 -4.77
CA ALA A 48 9.34 18.04 -4.18
C ALA A 48 9.08 19.09 -5.24
N ARG A 49 9.09 20.36 -4.84
CA ARG A 49 8.85 21.47 -5.76
C ARG A 49 7.45 21.42 -6.33
N GLY A 50 7.24 20.53 -7.30
CA GLY A 50 5.93 20.41 -7.92
C GLY A 50 5.71 19.03 -8.54
N GLU A 51 5.91 17.99 -7.74
CA GLU A 51 5.73 16.62 -8.20
C GLU A 51 4.62 15.93 -7.43
N LEU A 52 4.57 16.17 -6.12
CA LEU A 52 3.56 15.57 -5.26
C LEU A 52 2.15 15.93 -5.74
N GLU A 53 2.01 17.13 -6.27
CA GLU A 53 0.72 17.60 -6.76
C GLU A 53 0.43 17.05 -8.15
N SER A 54 1.49 16.89 -8.94
CA SER A 54 1.36 16.37 -10.30
C SER A 54 0.87 14.92 -10.29
N LEU A 55 1.19 14.21 -9.21
CA LEU A 55 0.79 12.81 -9.09
C LEU A 55 -0.74 12.67 -9.19
N SER A 56 -1.18 11.45 -9.48
CA SER A 56 -2.60 11.18 -9.61
C SER A 56 -2.97 9.85 -8.97
N GLN A 57 -4.24 9.46 -9.07
CA GLN A 57 -4.71 8.21 -8.50
C GLN A 57 -4.03 7.02 -9.16
N VAL A 58 -3.67 7.18 -10.43
CA VAL A 58 -3.01 6.12 -11.18
C VAL A 58 -1.49 6.29 -11.16
N ASP A 59 -1.04 7.50 -11.47
CA ASP A 59 0.38 7.80 -11.49
C ASP A 59 1.03 7.53 -10.13
N LEU A 60 0.24 7.73 -9.07
CA LEU A 60 0.73 7.51 -7.71
C LEU A 60 1.07 6.05 -7.48
N ALA A 61 0.09 5.18 -7.71
CA ALA A 61 0.29 3.74 -7.53
C ALA A 61 1.39 3.22 -8.42
N SER A 62 1.56 3.86 -9.57
CA SER A 62 2.60 3.45 -10.53
C SER A 62 3.96 4.01 -10.14
N LYS A 63 3.95 5.18 -9.50
CA LYS A 63 5.19 5.82 -9.06
C LYS A 63 5.85 5.03 -7.94
N LEU A 64 5.03 4.54 -7.01
CA LEU A 64 5.54 3.77 -5.88
C LEU A 64 6.21 2.47 -6.35
N ILE A 65 5.72 1.94 -7.47
CA ILE A 65 6.27 0.71 -8.02
C ILE A 65 7.53 0.98 -8.82
N SER A 66 7.61 2.16 -9.42
CA SER A 66 8.77 2.54 -10.23
C SER A 66 9.89 3.10 -9.34
N MET A 67 9.50 3.73 -8.24
CA MET A 67 10.46 4.31 -7.31
C MET A 67 11.00 3.26 -6.36
N TYR A 68 10.13 2.34 -5.95
CA TYR A 68 10.52 1.28 -5.03
C TYR A 68 10.19 -0.10 -5.61
N GLY A 69 8.90 -0.38 -5.75
CA GLY A 69 8.48 -1.66 -6.30
C GLY A 69 7.06 -2.01 -5.91
N ALA A 70 6.50 -3.02 -6.57
CA ALA A 70 5.14 -3.46 -6.30
C ALA A 70 5.03 -4.08 -4.90
N GLN A 71 6.12 -4.67 -4.44
CA GLN A 71 6.15 -5.30 -3.12
C GLN A 71 6.44 -4.28 -2.04
N GLU A 72 7.21 -3.26 -2.38
CA GLU A 72 7.55 -2.21 -1.43
C GLU A 72 6.47 -1.13 -1.38
N ALA A 73 5.80 -0.93 -2.51
CA ALA A 73 4.74 0.08 -2.60
C ALA A 73 3.65 -0.17 -1.56
N VAL A 74 3.17 -1.42 -1.51
CA VAL A 74 2.12 -1.79 -0.57
C VAL A 74 2.56 -1.56 0.87
N ARG A 75 3.87 -1.67 1.12
CA ARG A 75 4.42 -1.47 2.45
C ARG A 75 4.44 0.01 2.82
N VAL A 76 4.61 0.86 1.82
CA VAL A 76 4.65 2.30 2.03
C VAL A 76 3.29 2.82 2.50
N VAL A 77 2.25 2.49 1.74
CA VAL A 77 0.90 2.92 2.08
C VAL A 77 0.47 2.40 3.46
N SER A 78 0.86 1.17 3.77
CA SER A 78 0.52 0.56 5.05
C SER A 78 1.03 1.40 6.21
N ARG A 79 2.14 2.09 5.98
CA ARG A 79 2.73 2.95 7.01
C ARG A 79 2.10 4.34 7.01
N SER A 80 1.65 4.77 5.84
CA SER A 80 1.02 6.08 5.70
C SER A 80 -0.39 6.07 6.28
N LEU A 81 -1.10 4.96 6.09
CA LEU A 81 -2.45 4.82 6.59
C LEU A 81 -2.50 4.98 8.10
N LEU A 82 -1.44 4.54 8.77
CA LEU A 82 -1.35 4.63 10.22
C LEU A 82 -1.34 6.09 10.68
N ALA A 83 -0.59 6.92 9.96
CA ALA A 83 -0.50 8.33 10.29
C ALA A 83 -1.85 9.01 10.21
N MET A 84 -2.66 8.59 9.24
CA MET A 84 -3.99 9.16 9.05
C MET A 84 -5.02 8.51 9.97
N ASN A 85 -4.57 7.55 10.79
CA ASN A 85 -5.45 6.85 11.71
C ASN A 85 -6.51 6.06 10.96
N LEU A 86 -6.08 4.98 10.31
CA LEU A 86 -6.99 4.13 9.55
C LEU A 86 -6.46 2.70 9.46
N MET A 87 -7.18 1.77 10.08
CA MET A 87 -6.78 0.37 10.07
C MET A 87 -7.57 -0.42 9.03
N GLU A 88 -8.68 0.14 8.56
CA GLU A 88 -9.50 -0.52 7.55
C GLU A 88 -8.69 -0.88 6.31
N LEU A 89 -7.74 -0.02 5.97
CA LEU A 89 -6.89 -0.25 4.81
C LEU A 89 -5.63 -1.01 5.19
N VAL A 90 -5.15 -0.77 6.41
CA VAL A 90 -3.95 -1.43 6.91
C VAL A 90 -4.15 -2.95 6.99
N ASP A 91 -5.35 -3.35 7.39
CA ASP A 91 -5.68 -4.77 7.50
C ASP A 91 -5.70 -5.44 6.14
N TYR A 92 -6.06 -4.67 5.11
CA TYR A 92 -6.13 -5.19 3.75
C TYR A 92 -4.72 -5.35 3.17
N LEU A 93 -3.93 -4.29 3.23
CA LEU A 93 -2.57 -4.32 2.72
C LEU A 93 -1.73 -5.38 3.42
N ASN A 94 -1.99 -5.57 4.71
CA ASN A 94 -1.27 -6.57 5.50
C ASN A 94 -1.60 -7.98 5.04
N GLN A 95 -2.87 -8.20 4.71
CA GLN A 95 -3.33 -9.51 4.26
C GLN A 95 -2.63 -9.91 2.96
N VAL A 96 -2.31 -8.92 2.14
CA VAL A 96 -1.65 -9.15 0.87
C VAL A 96 -0.15 -8.88 0.97
N CYS A 97 0.55 -9.74 1.71
CA CYS A 97 1.99 -9.60 1.88
C CYS A 97 2.71 -10.92 1.62
N LEU A 98 3.08 -11.13 0.36
CA LEU A 98 3.78 -12.36 -0.02
C LEU A 98 5.28 -12.22 0.20
N ASN A 99 5.67 -11.93 1.44
CA ASN A 99 7.08 -11.77 1.78
C ASN A 99 7.29 -11.98 3.27
N ASP A 100 6.73 -11.07 4.08
CA ASP A 100 6.86 -11.16 5.54
C ASP A 100 6.00 -12.29 6.09
N TYR A 101 6.62 -13.45 6.28
CA TYR A 101 5.92 -14.61 6.82
C TYR A 101 6.90 -15.61 7.42
N ARG A 102 8.00 -15.10 7.96
CA ARG A 102 9.02 -15.95 8.56
C ARG A 102 8.99 -15.84 10.08
N GLU A 103 7.98 -16.46 10.70
CA GLU A 103 7.85 -16.44 12.15
C GLU A 103 6.92 -17.55 12.62
N ILE A 104 6.91 -18.67 11.89
CA ILE A 104 6.08 -19.81 12.23
C ILE A 104 6.92 -20.99 12.72
N TYR A 105 8.20 -20.98 12.38
CA TYR A 105 9.11 -22.04 12.78
C TYR A 105 10.43 -21.47 13.28
N ARG A 106 11.04 -20.62 12.48
CA ARG A 106 12.31 -19.99 12.85
C ARG A 106 12.09 -18.60 13.43
N GLU A 107 11.88 -18.54 14.74
CA GLU A 107 11.66 -17.27 15.42
C GLU A 107 12.03 -17.37 16.90
N HIS A 108 12.16 -16.22 17.55
CA HIS A 108 12.50 -16.17 18.96
C HIS A 108 11.65 -15.15 19.71
N VAL A 109 10.65 -15.63 20.44
CA VAL A 109 9.77 -14.77 21.19
C VAL A 109 10.18 -14.70 22.65
N SER A 110 9.70 -13.68 23.36
CA SER A 110 10.03 -13.49 24.77
C SER A 110 8.83 -13.86 25.64
N GLY A 111 7.63 -13.65 25.13
CA GLY A 111 6.43 -13.96 25.89
C GLY A 111 5.35 -14.58 25.01
N PRO A 112 5.46 -15.87 24.69
CA PRO A 112 4.47 -16.57 23.86
C PRO A 112 3.14 -16.77 24.59
N SER A 113 3.21 -16.99 25.89
CA SER A 113 2.01 -17.19 26.70
C SER A 113 1.22 -15.89 26.83
N SER A 114 -0.06 -16.02 27.11
CA SER A 114 -0.93 -14.85 27.27
C SER A 114 -1.41 -14.73 28.71
N GLY A 115 -1.66 -15.87 29.35
CA GLY A 115 -2.12 -15.86 30.73
C GLY A 115 -3.57 -16.29 30.85
N GLY A 1 -7.45 -29.01 12.79
CA GLY A 1 -8.22 -27.75 12.58
C GLY A 1 -7.73 -26.96 11.39
N SER A 2 -8.65 -26.36 10.65
CA SER A 2 -8.30 -25.57 9.48
C SER A 2 -8.15 -24.09 9.84
N SER A 3 -7.28 -23.39 9.14
CA SER A 3 -7.05 -21.97 9.39
C SER A 3 -8.28 -21.15 9.00
N GLY A 4 -8.99 -20.67 10.02
CA GLY A 4 -10.19 -19.87 9.77
C GLY A 4 -10.10 -18.49 10.39
N SER A 5 -9.19 -17.67 9.87
CA SER A 5 -9.00 -16.32 10.38
C SER A 5 -9.54 -15.29 9.40
N SER A 6 -8.97 -15.26 8.20
CA SER A 6 -9.39 -14.32 7.16
C SER A 6 -10.63 -14.84 6.44
N GLY A 7 -11.13 -14.04 5.50
CA GLY A 7 -12.32 -14.44 4.75
C GLY A 7 -12.39 -13.76 3.39
N MET A 8 -12.55 -12.44 3.41
CA MET A 8 -12.64 -11.67 2.17
C MET A 8 -12.10 -10.26 2.37
N ALA A 9 -12.54 -9.61 3.44
CA ALA A 9 -12.11 -8.25 3.75
C ALA A 9 -12.47 -7.29 2.62
N LEU A 10 -13.67 -6.72 2.69
CA LEU A 10 -14.15 -5.78 1.69
C LEU A 10 -14.29 -6.46 0.33
N ALA A 11 -13.16 -6.65 -0.36
CA ALA A 11 -13.17 -7.28 -1.67
C ALA A 11 -12.06 -8.34 -1.78
N ARG A 12 -11.91 -8.91 -2.96
CA ARG A 12 -10.90 -9.93 -3.19
C ARG A 12 -9.97 -9.53 -4.34
N ALA A 13 -8.68 -9.76 -4.16
CA ALA A 13 -7.69 -9.43 -5.18
C ALA A 13 -6.74 -10.59 -5.43
N ASN A 14 -5.75 -10.37 -6.29
CA ASN A 14 -4.77 -11.39 -6.61
C ASN A 14 -3.38 -10.79 -6.78
N SER A 15 -3.24 -9.91 -7.78
CA SER A 15 -1.96 -9.26 -8.04
C SER A 15 -1.78 -8.04 -7.14
N PRO A 16 -0.53 -7.71 -6.79
CA PRO A 16 -0.21 -6.56 -5.93
C PRO A 16 -0.47 -5.24 -6.63
N GLN A 17 -0.27 -5.22 -7.95
CA GLN A 17 -0.48 -4.01 -8.74
C GLN A 17 -1.94 -3.57 -8.70
N GLU A 18 -2.84 -4.52 -8.96
CA GLU A 18 -4.27 -4.23 -8.94
C GLU A 18 -4.76 -3.94 -7.53
N ALA A 19 -4.17 -4.63 -6.56
CA ALA A 19 -4.55 -4.45 -5.16
C ALA A 19 -4.19 -3.05 -4.67
N LEU A 20 -2.95 -2.63 -4.95
CA LEU A 20 -2.49 -1.31 -4.53
C LEU A 20 -3.29 -0.21 -5.22
N LEU A 21 -3.44 -0.33 -6.53
CA LEU A 21 -4.19 0.66 -7.31
C LEU A 21 -5.63 0.74 -6.83
N TRP A 22 -6.21 -0.41 -6.52
CA TRP A 22 -7.60 -0.47 -6.06
C TRP A 22 -7.72 0.13 -4.67
N ALA A 23 -6.67 -0.01 -3.87
CA ALA A 23 -6.66 0.53 -2.51
C ALA A 23 -6.61 2.04 -2.50
N LEU A 24 -5.79 2.61 -3.38
CA LEU A 24 -5.64 4.06 -3.48
C LEU A 24 -6.92 4.69 -4.04
N ASN A 25 -7.61 3.95 -4.90
CA ASN A 25 -8.85 4.44 -5.51
C ASN A 25 -9.98 4.47 -4.48
N ASP A 26 -9.96 3.52 -3.56
CA ASP A 26 -10.99 3.44 -2.52
C ASP A 26 -10.90 4.64 -1.58
N LEU A 27 -9.70 5.20 -1.43
CA LEU A 27 -9.48 6.34 -0.56
C LEU A 27 -10.39 7.51 -0.96
N GLU A 28 -10.88 8.23 0.05
CA GLU A 28 -11.75 9.37 -0.18
C GLU A 28 -10.95 10.63 -0.47
N GLU A 29 -11.64 11.67 -0.94
CA GLU A 29 -10.99 12.94 -1.25
C GLU A 29 -10.36 13.56 0.00
N ASN A 30 -11.05 13.42 1.13
CA ASN A 30 -10.57 13.97 2.39
C ASN A 30 -9.31 13.23 2.86
N SER A 31 -9.31 11.91 2.70
CA SER A 31 -8.18 11.09 3.11
C SER A 31 -7.07 11.15 2.07
N PHE A 32 -7.46 11.32 0.81
CA PHE A 32 -6.50 11.39 -0.28
C PHE A 32 -5.83 12.76 -0.35
N LYS A 33 -6.57 13.78 0.07
CA LYS A 33 -6.06 15.14 0.06
C LYS A 33 -4.98 15.33 1.14
N THR A 34 -5.29 14.86 2.35
CA THR A 34 -4.35 14.98 3.46
C THR A 34 -3.15 14.07 3.26
N LEU A 35 -3.41 12.84 2.81
CA LEU A 35 -2.35 11.87 2.59
C LEU A 35 -1.38 12.35 1.51
N LYS A 36 -1.91 13.10 0.55
CA LYS A 36 -1.08 13.63 -0.54
C LYS A 36 0.03 14.52 0.01
N PHE A 37 -0.22 15.17 1.13
CA PHE A 37 0.77 16.04 1.76
C PHE A 37 1.73 15.24 2.65
N HIS A 38 1.23 14.16 3.22
CA HIS A 38 2.03 13.31 4.09
C HIS A 38 3.01 12.45 3.28
N LEU A 39 2.74 12.33 1.97
CA LEU A 39 3.61 11.54 1.10
C LEU A 39 5.06 12.01 1.17
N ARG A 40 5.24 13.32 1.22
CA ARG A 40 6.58 13.89 1.29
C ARG A 40 7.30 13.48 2.57
N ASP A 41 6.52 13.19 3.61
CA ASP A 41 7.08 12.78 4.89
C ASP A 41 7.60 11.34 4.83
N VAL A 42 6.98 10.52 3.98
CA VAL A 42 7.38 9.14 3.83
C VAL A 42 8.36 8.95 2.67
N THR A 43 8.13 9.69 1.59
CA THR A 43 8.98 9.61 0.41
C THR A 43 10.29 10.37 0.63
N GLN A 44 10.20 11.70 0.64
CA GLN A 44 11.37 12.54 0.85
C GLN A 44 12.41 12.30 -0.26
N PHE A 45 11.93 12.00 -1.46
CA PHE A 45 12.82 11.75 -2.59
C PHE A 45 13.16 13.05 -3.31
N HIS A 46 12.19 13.58 -4.04
CA HIS A 46 12.38 14.83 -4.79
C HIS A 46 11.05 15.41 -5.26
N LEU A 47 10.01 15.18 -4.45
CA LEU A 47 8.68 15.68 -4.78
C LEU A 47 8.39 16.99 -4.06
N ALA A 48 8.42 18.09 -4.81
CA ALA A 48 8.16 19.40 -4.24
C ALA A 48 7.84 20.42 -5.32
N ARG A 49 8.67 20.44 -6.38
CA ARG A 49 8.47 21.36 -7.48
C ARG A 49 7.50 20.79 -8.51
N GLY A 50 6.22 20.77 -8.15
CA GLY A 50 5.20 20.24 -9.05
C GLY A 50 5.38 18.75 -9.31
N GLU A 51 5.82 18.03 -8.29
CA GLU A 51 6.03 16.58 -8.42
C GLU A 51 5.07 15.82 -7.52
N LEU A 52 4.87 16.33 -6.31
CA LEU A 52 3.97 15.69 -5.35
C LEU A 52 2.51 15.97 -5.70
N GLU A 53 2.24 17.19 -6.14
CA GLU A 53 0.88 17.59 -6.50
C GLU A 53 0.50 17.00 -7.86
N SER A 54 1.49 16.86 -8.74
CA SER A 54 1.25 16.32 -10.07
C SER A 54 0.77 14.87 -9.99
N LEU A 55 1.14 14.17 -8.92
CA LEU A 55 0.74 12.79 -8.72
C LEU A 55 -0.77 12.64 -8.78
N SER A 56 -1.24 11.42 -8.99
CA SER A 56 -2.67 11.14 -9.06
C SER A 56 -2.99 9.77 -8.47
N GLN A 57 -4.27 9.44 -8.41
CA GLN A 57 -4.71 8.17 -7.85
C GLN A 57 -4.13 7.00 -8.64
N VAL A 58 -3.88 7.23 -9.92
CA VAL A 58 -3.32 6.19 -10.79
C VAL A 58 -1.80 6.29 -10.84
N ASP A 59 -1.29 7.49 -11.07
CA ASP A 59 0.14 7.72 -11.15
C ASP A 59 0.83 7.32 -9.85
N LEU A 60 0.11 7.46 -8.73
CA LEU A 60 0.66 7.11 -7.42
C LEU A 60 0.89 5.61 -7.32
N ALA A 61 -0.03 4.82 -7.86
CA ALA A 61 0.09 3.37 -7.83
C ALA A 61 1.27 2.89 -8.66
N SER A 62 1.55 3.59 -9.74
CA SER A 62 2.66 3.24 -10.62
C SER A 62 3.97 3.83 -10.10
N LYS A 63 3.87 4.99 -9.46
CA LYS A 63 5.05 5.66 -8.92
C LYS A 63 5.64 4.90 -7.73
N LEU A 64 4.75 4.43 -6.86
CA LEU A 64 5.17 3.67 -5.69
C LEU A 64 5.92 2.40 -6.09
N ILE A 65 5.46 1.77 -7.16
CA ILE A 65 6.07 0.54 -7.65
C ILE A 65 7.33 0.84 -8.45
N SER A 66 7.36 2.00 -9.11
CA SER A 66 8.50 2.40 -9.91
C SER A 66 9.59 3.01 -9.03
N MET A 67 9.18 3.64 -7.94
CA MET A 67 10.12 4.28 -7.02
C MET A 67 10.73 3.24 -6.07
N TYR A 68 9.93 2.25 -5.69
CA TYR A 68 10.38 1.20 -4.79
C TYR A 68 10.09 -0.18 -5.37
N GLY A 69 8.80 -0.51 -5.48
CA GLY A 69 8.42 -1.80 -6.02
C GLY A 69 7.00 -2.18 -5.66
N ALA A 70 6.51 -3.27 -6.23
CA ALA A 70 5.15 -3.74 -5.96
C ALA A 70 5.04 -4.25 -4.52
N GLN A 71 6.14 -4.75 -3.97
CA GLN A 71 6.14 -5.26 -2.61
C GLN A 71 6.37 -4.14 -1.60
N GLU A 72 7.11 -3.11 -2.02
CA GLU A 72 7.40 -1.97 -1.16
C GLU A 72 6.33 -0.89 -1.29
N ALA A 73 5.69 -0.84 -2.45
CA ALA A 73 4.64 0.14 -2.70
C ALA A 73 3.54 0.06 -1.64
N VAL A 74 2.98 -1.13 -1.48
CA VAL A 74 1.92 -1.34 -0.50
C VAL A 74 2.38 -1.01 0.91
N ARG A 75 3.67 -1.18 1.15
CA ARG A 75 4.25 -0.90 2.47
C ARG A 75 4.21 0.60 2.76
N VAL A 76 4.48 1.40 1.74
CA VAL A 76 4.49 2.85 1.89
C VAL A 76 3.12 3.36 2.35
N VAL A 77 2.06 2.75 1.82
CA VAL A 77 0.71 3.14 2.17
C VAL A 77 0.39 2.80 3.62
N SER A 78 0.56 1.53 3.98
CA SER A 78 0.29 1.07 5.33
C SER A 78 1.18 1.80 6.34
N ARG A 79 2.38 2.17 5.90
CA ARG A 79 3.32 2.87 6.77
C ARG A 79 2.82 4.28 7.10
N SER A 80 2.07 4.86 6.17
CA SER A 80 1.53 6.21 6.35
C SER A 80 0.09 6.15 6.86
N LEU A 81 -0.61 5.07 6.53
CA LEU A 81 -2.00 4.90 6.93
C LEU A 81 -2.13 4.99 8.46
N LEU A 82 -1.10 4.52 9.16
CA LEU A 82 -1.10 4.55 10.62
C LEU A 82 -1.10 5.98 11.14
N ALA A 83 -0.48 6.88 10.37
CA ALA A 83 -0.40 8.28 10.77
C ALA A 83 -1.79 8.91 10.80
N MET A 84 -2.63 8.53 9.84
CA MET A 84 -4.00 9.07 9.76
C MET A 84 -5.00 8.14 10.45
N ASN A 85 -4.50 7.03 11.00
CA ASN A 85 -5.37 6.07 11.69
C ASN A 85 -6.38 5.47 10.72
N LEU A 86 -5.95 4.45 9.98
CA LEU A 86 -6.82 3.79 9.02
C LEU A 86 -6.43 2.32 8.87
N MET A 87 -6.81 1.51 9.86
CA MET A 87 -6.52 0.08 9.85
C MET A 87 -7.35 -0.65 8.79
N GLU A 88 -8.45 -0.03 8.37
CA GLU A 88 -9.33 -0.63 7.37
C GLU A 88 -8.55 -1.00 6.11
N LEU A 89 -7.67 -0.11 5.68
CA LEU A 89 -6.85 -0.35 4.49
C LEU A 89 -5.65 -1.22 4.82
N VAL A 90 -5.12 -1.07 6.02
CA VAL A 90 -3.98 -1.85 6.46
C VAL A 90 -4.31 -3.33 6.57
N ASP A 91 -5.50 -3.63 7.09
CA ASP A 91 -5.95 -5.00 7.24
C ASP A 91 -6.22 -5.65 5.88
N TYR A 92 -6.64 -4.83 4.92
CA TYR A 92 -6.92 -5.32 3.58
C TYR A 92 -5.63 -5.62 2.82
N LEU A 93 -4.59 -4.86 3.11
CA LEU A 93 -3.30 -5.04 2.45
C LEU A 93 -2.44 -6.06 3.20
N ASN A 94 -2.69 -6.20 4.50
CA ASN A 94 -1.94 -7.14 5.32
C ASN A 94 -2.01 -8.56 4.76
N GLN A 95 -3.11 -8.86 4.07
CA GLN A 95 -3.30 -10.18 3.48
C GLN A 95 -2.76 -10.21 2.04
N VAL A 96 -2.81 -9.07 1.37
CA VAL A 96 -2.34 -8.98 -0.01
C VAL A 96 -0.81 -8.90 -0.05
N CYS A 97 -0.22 -8.32 0.99
CA CYS A 97 1.23 -8.19 1.07
C CYS A 97 1.82 -9.16 2.07
N LEU A 98 1.38 -10.41 2.01
CA LEU A 98 1.86 -11.44 2.93
C LEU A 98 3.21 -11.99 2.46
N ASN A 99 3.22 -12.55 1.25
CA ASN A 99 4.44 -13.12 0.68
C ASN A 99 4.90 -14.34 1.47
N ASP A 100 5.46 -14.10 2.66
CA ASP A 100 5.93 -15.18 3.51
C ASP A 100 5.01 -15.39 4.71
N TYR A 101 5.41 -16.27 5.62
CA TYR A 101 4.62 -16.56 6.80
C TYR A 101 5.51 -17.00 7.96
N ARG A 102 6.44 -17.91 7.68
CA ARG A 102 7.35 -18.42 8.69
C ARG A 102 8.15 -17.27 9.32
N GLU A 103 8.64 -17.50 10.54
CA GLU A 103 9.43 -16.50 11.24
C GLU A 103 10.74 -17.08 11.75
N ILE A 104 11.28 -18.03 11.00
CA ILE A 104 12.55 -18.68 11.36
C ILE A 104 13.72 -18.04 10.62
N TYR A 105 14.20 -16.92 11.15
CA TYR A 105 15.33 -16.23 10.54
C TYR A 105 16.65 -16.85 10.95
N ARG A 106 16.69 -17.38 12.17
CA ARG A 106 17.91 -18.02 12.69
C ARG A 106 17.68 -19.51 12.90
N GLU A 107 17.81 -20.28 11.82
CA GLU A 107 17.62 -21.73 11.89
C GLU A 107 17.94 -22.38 10.55
N HIS A 108 19.23 -22.50 10.24
CA HIS A 108 19.67 -23.10 8.99
C HIS A 108 19.38 -24.61 8.98
N VAL A 109 20.08 -25.35 9.83
CA VAL A 109 19.89 -26.78 9.92
C VAL A 109 20.39 -27.32 11.27
N SER A 110 21.58 -26.89 11.66
CA SER A 110 22.17 -27.32 12.92
C SER A 110 23.09 -26.25 13.50
N GLY A 111 23.22 -26.25 14.82
CA GLY A 111 24.07 -25.27 15.47
C GLY A 111 23.53 -23.86 15.37
N PRO A 112 23.61 -23.06 16.45
CA PRO A 112 23.10 -21.68 16.46
C PRO A 112 23.71 -20.85 15.33
N SER A 113 25.03 -20.68 15.37
CA SER A 113 25.73 -19.91 14.36
C SER A 113 27.22 -20.23 14.37
N SER A 114 27.77 -20.52 13.19
CA SER A 114 29.18 -20.85 13.06
C SER A 114 29.70 -20.50 11.67
N GLY A 115 29.01 -20.97 10.64
CA GLY A 115 29.41 -20.70 9.28
C GLY A 115 30.42 -21.69 8.75
#